data_8TA8
# 
_entry.id   8TA8 
# 
_audit_conform.dict_name       mmcif_pdbx.dic 
_audit_conform.dict_version    5.383 
_audit_conform.dict_location   http://mmcif.pdb.org/dictionaries/ascii/mmcif_pdbx.dic 
# 
loop_
_database_2.database_id 
_database_2.database_code 
_database_2.pdbx_database_accession 
_database_2.pdbx_DOI 
PDB   8TA8         pdb_00008ta8 10.2210/pdb8ta8/pdb 
WWPDB D_1000275293 ?            ?                   
# 
_pdbx_database_status.status_code                     REL 
_pdbx_database_status.status_code_sf                  REL 
_pdbx_database_status.status_code_mr                  ? 
_pdbx_database_status.entry_id                        8TA8 
_pdbx_database_status.recvd_initial_deposition_date   2023-06-26 
_pdbx_database_status.SG_entry                        N 
_pdbx_database_status.deposit_site                    RCSB 
_pdbx_database_status.process_site                    RCSB 
_pdbx_database_status.status_code_cs                  ? 
_pdbx_database_status.status_code_nmr_data            ? 
_pdbx_database_status.methods_development_category    ? 
_pdbx_database_status.pdb_format_compatible           Y 
# 
loop_
_audit_author.name 
_audit_author.pdbx_ordinal 
_audit_author.identifier_ORCID 
'Simmons, C.R.'      1 0000-0002-2290-6132 
'MacCulloch, T.'     2 0000-0001-5875-3361 
'Stephanopoulos, N.' 3 0000-0001-7859-410X 
'Yan, H.'            4 0000-0001-7397-9852 
# 
_citation.abstract                  ? 
_citation.abstract_id_CAS           ? 
_citation.book_id_ISBN              ? 
_citation.book_publisher            ? 
_citation.book_publisher_city       ? 
_citation.book_title                ? 
_citation.coordinate_linkage        ? 
_citation.country                   US 
_citation.database_id_Medline       ? 
_citation.details                   ? 
_citation.id                        primary 
_citation.journal_abbrev            J.Am.Chem.Soc. 
_citation.journal_id_ASTM           JACSAT 
_citation.journal_id_CSD            ? 
_citation.journal_id_ISSN           1520-5126 
_citation.journal_full              ? 
_citation.journal_issue             ? 
_citation.journal_volume            145 
_citation.language                  ? 
_citation.page_first                26075 
_citation.page_last                 26085 
_citation.title                     
;Site-Specific Arrangement and Structure Determination of Minor Groove Binding Molecules in Self-Assembled Three-Dimensional DNA Crystals.
;
_citation.year                      2023 
_citation.database_id_CSD           ? 
_citation.pdbx_database_id_DOI      10.1021/jacs.3c07802 
_citation.pdbx_database_id_PubMed   37987645 
_citation.pdbx_database_id_patent   ? 
_citation.unpublished_flag          ? 
# 
loop_
_citation_author.citation_id 
_citation_author.name 
_citation_author.ordinal 
_citation_author.identifier_ORCID 
primary 'Simmons, C.R.'      1 0000-0002-2290-6132 
primary 'Buchberger, A.'     2 ?                   
primary 'Henry, S.J.W.'      3 0000-0002-5132-3948 
primary 'Novacek, A.'        4 ?                   
primary 'Fahmi, N.E.'        5 ?                   
primary 'MacCulloch, T.'     6 ?                   
primary 'Stephanopoulos, N.' 7 0000-0001-7859-410X 
primary 'Yan, H.'            8 0000-0001-7397-9852 
# 
_cell.angle_alpha                  90.00 
_cell.angle_alpha_esd              ? 
_cell.angle_beta                   90.00 
_cell.angle_beta_esd               ? 
_cell.angle_gamma                  120.00 
_cell.angle_gamma_esd              ? 
_cell.entry_id                     8TA8 
_cell.details                      ? 
_cell.formula_units_Z              ? 
_cell.length_a                     68.477 
_cell.length_a_esd                 ? 
_cell.length_b                     68.477 
_cell.length_b_esd                 ? 
_cell.length_c                     58.254 
_cell.length_c_esd                 ? 
_cell.volume                       ? 
_cell.volume_esd                   ? 
_cell.Z_PDB                        3 
_cell.reciprocal_angle_alpha       ? 
_cell.reciprocal_angle_beta        ? 
_cell.reciprocal_angle_gamma       ? 
_cell.reciprocal_angle_alpha_esd   ? 
_cell.reciprocal_angle_beta_esd    ? 
_cell.reciprocal_angle_gamma_esd   ? 
_cell.reciprocal_length_a          ? 
_cell.reciprocal_length_b          ? 
_cell.reciprocal_length_c          ? 
_cell.reciprocal_length_a_esd      ? 
_cell.reciprocal_length_b_esd      ? 
_cell.reciprocal_length_c_esd      ? 
_cell.pdbx_unique_axis             ? 
_cell.pdbx_esd_method              ? 
# 
_symmetry.entry_id                         8TA8 
_symmetry.cell_setting                     ? 
_symmetry.Int_Tables_number                145 
_symmetry.space_group_name_Hall            ? 
_symmetry.space_group_name_H-M             'P 32' 
_symmetry.pdbx_full_space_group_name_H-M   ? 
# 
loop_
_entity.id 
_entity.type 
_entity.src_method 
_entity.pdbx_description 
_entity.formula_weight 
_entity.pdbx_number_of_molecules 
_entity.pdbx_ec 
_entity.pdbx_mutation 
_entity.pdbx_fragment 
_entity.details 
1 polymer     syn 
;DNA (5'-D(*GP*AP*GP*AP*AP*TP*TP*CP*CP*TP*GP*AP*CP*GP*GP*AP*AP*AP*TP*TP*A*(NT)*(NT))-3')
;
6495.236 1 ? ? ? ? 
2 polymer     syn 
;DNA (5'-D(P*CP*CP*GP*TP*CP*A)-3')
;
1769.193 1 ? ? ? ? 
3 polymer     syn 
;DNA (5'-D(*TP*CP*TP*AP*AP*TP*TP*T)-3')
;
2391.602 1 ? ? ? ? 
4 polymer     syn 
;DNA (5'-D(P*GP*GP*AP*AP*TP*TP*C)-3')
;
2137.435 1 ? ? ? ? 
5 non-polymer syn NETROPSIN                                                                                 430.464  2 ? ? ? ? 
6 water       nat water                                                                                     18.015   2 ? ? ? ? 
# 
loop_
_entity_poly.entity_id 
_entity_poly.type 
_entity_poly.nstd_linkage 
_entity_poly.nstd_monomer 
_entity_poly.pdbx_seq_one_letter_code 
_entity_poly.pdbx_seq_one_letter_code_can 
_entity_poly.pdbx_strand_id 
_entity_poly.pdbx_target_identifier 
1 polydeoxyribonucleotide no no 
;(DG)(DA)(DG)(DA)(DA)(DT)(DT)(DC)(DC)(DT)(DG)(DA)(DC)(DG)(DG)(DA)(DA)(DA)(DT)(DT)
(DA)
;
GAGAATTCCTGACGGAAATTA A ? 
2 polydeoxyribonucleotide no no '(DC)(DC)(DG)(DT)(DC)(DA)'                                                              CCGTCA B ? 
3 polydeoxyribonucleotide no no '(DT)(DC)(DT)(DA)(DA)(DT)(DT)(DT)'                                                      TCTAATTT C 
? 
4 polydeoxyribonucleotide no no '(DG)(DG)(DA)(DA)(DT)(DT)(DC)'                                                          GGAATTC D 
? 
# 
loop_
_entity_poly_seq.entity_id 
_entity_poly_seq.num 
_entity_poly_seq.mon_id 
_entity_poly_seq.hetero 
1 1  DG n 
1 2  DA n 
1 3  DG n 
1 4  DA n 
1 5  DA n 
1 6  DT n 
1 7  DT n 
1 8  DC n 
1 9  DC n 
1 10 DT n 
1 11 DG n 
1 12 DA n 
1 13 DC n 
1 14 DG n 
1 15 DG n 
1 16 DA n 
1 17 DA n 
1 18 DA n 
1 19 DT n 
1 20 DT n 
1 21 DA n 
2 1  DC n 
2 2  DC n 
2 3  DG n 
2 4  DT n 
2 5  DC n 
2 6  DA n 
3 1  DT n 
3 2  DC n 
3 3  DT n 
3 4  DA n 
3 5  DA n 
3 6  DT n 
3 7  DT n 
3 8  DT n 
4 1  DG n 
4 2  DG n 
4 3  DA n 
4 4  DA n 
4 5  DT n 
4 6  DT n 
4 7  DC n 
# 
loop_
_pdbx_entity_src_syn.entity_id 
_pdbx_entity_src_syn.pdbx_src_id 
_pdbx_entity_src_syn.pdbx_alt_source_flag 
_pdbx_entity_src_syn.pdbx_beg_seq_num 
_pdbx_entity_src_syn.pdbx_end_seq_num 
_pdbx_entity_src_syn.organism_scientific 
_pdbx_entity_src_syn.organism_common_name 
_pdbx_entity_src_syn.ncbi_taxonomy_id 
_pdbx_entity_src_syn.details 
1 1 sample 1 21 'synthetic construct' ? 32630 ? 
2 1 sample 1 6  'synthetic construct' ? 32630 ? 
3 1 sample 1 8  'synthetic construct' ? 32630 ? 
4 1 sample 1 7  'synthetic construct' ? 32630 ? 
# 
loop_
_struct_ref.id 
_struct_ref.db_name 
_struct_ref.db_code 
_struct_ref.pdbx_db_accession 
_struct_ref.pdbx_db_isoform 
_struct_ref.entity_id 
_struct_ref.pdbx_seq_one_letter_code 
_struct_ref.pdbx_align_begin 
1 PDB 8TA8 8TA8 ? 1 ? 1 
2 PDB 8TA8 8TA8 ? 2 ? 1 
3 PDB 8TA8 8TA8 ? 3 ? 1 
4 PDB 8TA8 8TA8 ? 4 ? 1 
# 
loop_
_struct_ref_seq.align_id 
_struct_ref_seq.ref_id 
_struct_ref_seq.pdbx_PDB_id_code 
_struct_ref_seq.pdbx_strand_id 
_struct_ref_seq.seq_align_beg 
_struct_ref_seq.pdbx_seq_align_beg_ins_code 
_struct_ref_seq.seq_align_end 
_struct_ref_seq.pdbx_seq_align_end_ins_code 
_struct_ref_seq.pdbx_db_accession 
_struct_ref_seq.db_align_beg 
_struct_ref_seq.pdbx_db_align_beg_ins_code 
_struct_ref_seq.db_align_end 
_struct_ref_seq.pdbx_db_align_end_ins_code 
_struct_ref_seq.pdbx_auth_seq_align_beg 
_struct_ref_seq.pdbx_auth_seq_align_end 
1 1 8TA8 A 1 ? 21 ? 8TA8 1  ? 21 ? 1  21 
2 2 8TA8 B 1 ? 6  ? 8TA8 0  ? 5  ? 0  5  
3 3 8TA8 C 1 ? 8  ? 8TA8 1  ? 8  ? 1  8  
4 4 8TA8 D 1 ? 7  ? 8TA8 10 ? 16 ? 10 16 
# 
loop_
_chem_comp.id 
_chem_comp.type 
_chem_comp.mon_nstd_flag 
_chem_comp.name 
_chem_comp.pdbx_synonyms 
_chem_comp.formula 
_chem_comp.formula_weight 
DA  'DNA linking' y "2'-DEOXYADENOSINE-5'-MONOPHOSPHATE" ? 'C10 H14 N5 O6 P' 331.222 
DC  'DNA linking' y "2'-DEOXYCYTIDINE-5'-MONOPHOSPHATE"  ? 'C9 H14 N3 O7 P'  307.197 
DG  'DNA linking' y "2'-DEOXYGUANOSINE-5'-MONOPHOSPHATE" ? 'C10 H14 N5 O7 P' 347.221 
DT  'DNA linking' y "THYMIDINE-5'-MONOPHOSPHATE"         ? 'C10 H15 N2 O8 P' 322.208 
HOH non-polymer   . WATER                                ? 'H2 O'            18.015  
NT  non-polymer   . NETROPSIN                            ? 'C18 H26 N10 O3'  430.464 
# 
_exptl.absorpt_coefficient_mu     ? 
_exptl.absorpt_correction_T_max   ? 
_exptl.absorpt_correction_T_min   ? 
_exptl.absorpt_correction_type    ? 
_exptl.absorpt_process_details    ? 
_exptl.entry_id                   8TA8 
_exptl.crystals_number            1 
_exptl.details                    ? 
_exptl.method                     'X-RAY DIFFRACTION' 
_exptl.method_details             ? 
# 
_exptl_crystal.colour                       ? 
_exptl_crystal.density_diffrn               ? 
_exptl_crystal.density_Matthews             6.16 
_exptl_crystal.density_method               ? 
_exptl_crystal.density_percent_sol          80.04 
_exptl_crystal.description                  ? 
_exptl_crystal.F_000                        ? 
_exptl_crystal.id                           1 
_exptl_crystal.preparation                  ? 
_exptl_crystal.size_max                     ? 
_exptl_crystal.size_mid                     ? 
_exptl_crystal.size_min                     ? 
_exptl_crystal.size_rad                     ? 
_exptl_crystal.colour_lustre                ? 
_exptl_crystal.colour_modifier              ? 
_exptl_crystal.colour_primary               ? 
_exptl_crystal.density_meas                 ? 
_exptl_crystal.density_meas_esd             ? 
_exptl_crystal.density_meas_gt              ? 
_exptl_crystal.density_meas_lt              ? 
_exptl_crystal.density_meas_temp            ? 
_exptl_crystal.density_meas_temp_esd        ? 
_exptl_crystal.density_meas_temp_gt         ? 
_exptl_crystal.density_meas_temp_lt         ? 
_exptl_crystal.pdbx_crystal_image_url       ? 
_exptl_crystal.pdbx_crystal_image_format    ? 
_exptl_crystal.pdbx_mosaicity               ? 
_exptl_crystal.pdbx_mosaicity_esd           ? 
_exptl_crystal.pdbx_mosaic_method           ? 
_exptl_crystal.pdbx_mosaic_block_size       ? 
_exptl_crystal.pdbx_mosaic_block_size_esd   ? 
# 
_exptl_crystal_grow.apparatus       ? 
_exptl_crystal_grow.atmosphere      ? 
_exptl_crystal_grow.crystal_id      1 
_exptl_crystal_grow.details         ? 
_exptl_crystal_grow.method          'VAPOR DIFFUSION, SITTING DROP' 
_exptl_crystal_grow.method_ref      ? 
_exptl_crystal_grow.pH              ? 
_exptl_crystal_grow.pressure        ? 
_exptl_crystal_grow.pressure_esd    ? 
_exptl_crystal_grow.seeding         ? 
_exptl_crystal_grow.seeding_ref     ? 
_exptl_crystal_grow.temp_details    'temperature gradient generated from 60 to 25 C at 0.3 degrees per hour' 
_exptl_crystal_grow.temp_esd        ? 
_exptl_crystal_grow.time            ? 
_exptl_crystal_grow.pdbx_details    
;0.5 mL of 0.05 M Tris pH 7.5 with 200 mM MgCl2 and 2.5 M NaCl was added to the reservoir with 2 uL added to the drop containing 4 uL of DNA stock.
;
_exptl_crystal_grow.pdbx_pH_range   ? 
_exptl_crystal_grow.temp            298 
# 
_diffrn.ambient_environment              ? 
_diffrn.ambient_temp                     100 
_diffrn.ambient_temp_details             ? 
_diffrn.ambient_temp_esd                 ? 
_diffrn.crystal_id                       1 
_diffrn.crystal_support                  ? 
_diffrn.crystal_treatment                ? 
_diffrn.details                          ? 
_diffrn.id                               1 
_diffrn.ambient_pressure                 ? 
_diffrn.ambient_pressure_esd             ? 
_diffrn.ambient_pressure_gt              ? 
_diffrn.ambient_pressure_lt              ? 
_diffrn.ambient_temp_gt                  ? 
_diffrn.ambient_temp_lt                  ? 
_diffrn.pdbx_serial_crystal_experiment   N 
# 
_diffrn_detector.details                      ? 
_diffrn_detector.detector                     PIXEL 
_diffrn_detector.diffrn_id                    1 
_diffrn_detector.type                         'DECTRIS PILATUS3 6M' 
_diffrn_detector.area_resol_mean              ? 
_diffrn_detector.dtime                        ? 
_diffrn_detector.pdbx_frames_total            ? 
_diffrn_detector.pdbx_collection_time_total   ? 
_diffrn_detector.pdbx_collection_date         2021-11-20 
_diffrn_detector.pdbx_frequency               ? 
_diffrn_detector.id                           ? 
_diffrn_detector.number_of_axes               ? 
# 
_diffrn_radiation.collimation                      ? 
_diffrn_radiation.diffrn_id                        1 
_diffrn_radiation.filter_edge                      ? 
_diffrn_radiation.inhomogeneity                    ? 
_diffrn_radiation.monochromator                    ? 
_diffrn_radiation.polarisn_norm                    ? 
_diffrn_radiation.polarisn_ratio                   ? 
_diffrn_radiation.probe                            ? 
_diffrn_radiation.type                             ? 
_diffrn_radiation.xray_symbol                      ? 
_diffrn_radiation.wavelength_id                    1 
_diffrn_radiation.pdbx_monochromatic_or_laue_m_l   M 
_diffrn_radiation.pdbx_wavelength_list             ? 
_diffrn_radiation.pdbx_wavelength                  ? 
_diffrn_radiation.pdbx_diffrn_protocol             'SINGLE WAVELENGTH' 
_diffrn_radiation.pdbx_analyzer                    ? 
_diffrn_radiation.pdbx_scattering_type             x-ray 
# 
_diffrn_radiation_wavelength.id           1 
_diffrn_radiation_wavelength.wavelength   0.92 
_diffrn_radiation_wavelength.wt           1.0 
# 
_diffrn_source.current                     ? 
_diffrn_source.details                     ? 
_diffrn_source.diffrn_id                   1 
_diffrn_source.power                       ? 
_diffrn_source.size                        ? 
_diffrn_source.source                      SYNCHROTRON 
_diffrn_source.target                      ? 
_diffrn_source.type                        'ALS BEAMLINE 5.0.2' 
_diffrn_source.voltage                     ? 
_diffrn_source.take-off_angle              ? 
_diffrn_source.pdbx_wavelength_list        0.92 
_diffrn_source.pdbx_wavelength             ? 
_diffrn_source.pdbx_synchrotron_beamline   5.0.2 
_diffrn_source.pdbx_synchrotron_site       ALS 
# 
_reflns.B_iso_Wilson_estimate                          ? 
_reflns.entry_id                                       8TA8 
_reflns.data_reduction_details                         ? 
_reflns.data_reduction_method                          ? 
_reflns.d_resolution_high                              3.05 
_reflns.d_resolution_low                               50.00 
_reflns.details                                        ? 
_reflns.limit_h_max                                    ? 
_reflns.limit_h_min                                    ? 
_reflns.limit_k_max                                    ? 
_reflns.limit_k_min                                    ? 
_reflns.limit_l_max                                    ? 
_reflns.limit_l_min                                    ? 
_reflns.number_all                                     ? 
_reflns.number_obs                                     5425 
_reflns.observed_criterion                             ? 
_reflns.observed_criterion_F_max                       ? 
_reflns.observed_criterion_F_min                       ? 
_reflns.observed_criterion_I_max                       ? 
_reflns.observed_criterion_I_min                       ? 
_reflns.observed_criterion_sigma_F                     ? 
_reflns.observed_criterion_sigma_I                     ? 
_reflns.percent_possible_obs                           93.2 
_reflns.R_free_details                                 ? 
_reflns.Rmerge_F_all                                   ? 
_reflns.Rmerge_F_obs                                   ? 
_reflns.Friedel_coverage                               ? 
_reflns.number_gt                                      ? 
_reflns.threshold_expression                           ? 
_reflns.pdbx_redundancy                                10.0 
_reflns.pdbx_netI_over_av_sigmaI                       ? 
_reflns.pdbx_netI_over_sigmaI                          8.2 
_reflns.pdbx_res_netI_over_av_sigmaI_2                 ? 
_reflns.pdbx_res_netI_over_sigmaI_2                    ? 
_reflns.pdbx_chi_squared                               0.805 
_reflns.pdbx_scaling_rejects                           ? 
_reflns.pdbx_d_res_high_opt                            ? 
_reflns.pdbx_d_res_low_opt                             ? 
_reflns.pdbx_d_res_opt_method                          ? 
_reflns.phase_calculation_details                      ? 
_reflns.pdbx_Rrim_I_all                                0.055 
_reflns.pdbx_Rpim_I_all                                0.017 
_reflns.pdbx_d_opt                                     ? 
_reflns.pdbx_number_measured_all                       53988 
_reflns.pdbx_diffrn_id                                 1 
_reflns.pdbx_ordinal                                   1 
_reflns.pdbx_CC_half                                   0.990 
_reflns.pdbx_CC_star                                   0.997 
_reflns.pdbx_R_split                                   ? 
_reflns.pdbx_Rmerge_I_obs                              0.053 
_reflns.pdbx_Rmerge_I_all                              ? 
_reflns.pdbx_Rsym_value                                ? 
_reflns.pdbx_CC_split_method                           ? 
_reflns.pdbx_aniso_diffraction_limit_axis_1_ortho[1]   ? 
_reflns.pdbx_aniso_diffraction_limit_axis_1_ortho[2]   ? 
_reflns.pdbx_aniso_diffraction_limit_axis_1_ortho[3]   ? 
_reflns.pdbx_aniso_diffraction_limit_axis_2_ortho[1]   ? 
_reflns.pdbx_aniso_diffraction_limit_axis_2_ortho[2]   ? 
_reflns.pdbx_aniso_diffraction_limit_axis_2_ortho[3]   ? 
_reflns.pdbx_aniso_diffraction_limit_axis_3_ortho[1]   ? 
_reflns.pdbx_aniso_diffraction_limit_axis_3_ortho[2]   ? 
_reflns.pdbx_aniso_diffraction_limit_axis_3_ortho[3]   ? 
_reflns.pdbx_aniso_diffraction_limit_1                 ? 
_reflns.pdbx_aniso_diffraction_limit_2                 ? 
_reflns.pdbx_aniso_diffraction_limit_3                 ? 
_reflns.pdbx_aniso_B_tensor_eigenvector_1_ortho[1]     ? 
_reflns.pdbx_aniso_B_tensor_eigenvector_1_ortho[2]     ? 
_reflns.pdbx_aniso_B_tensor_eigenvector_1_ortho[3]     ? 
_reflns.pdbx_aniso_B_tensor_eigenvector_2_ortho[1]     ? 
_reflns.pdbx_aniso_B_tensor_eigenvector_2_ortho[2]     ? 
_reflns.pdbx_aniso_B_tensor_eigenvector_2_ortho[3]     ? 
_reflns.pdbx_aniso_B_tensor_eigenvector_3_ortho[1]     ? 
_reflns.pdbx_aniso_B_tensor_eigenvector_3_ortho[2]     ? 
_reflns.pdbx_aniso_B_tensor_eigenvector_3_ortho[3]     ? 
_reflns.pdbx_aniso_B_tensor_eigenvalue_1               ? 
_reflns.pdbx_aniso_B_tensor_eigenvalue_2               ? 
_reflns.pdbx_aniso_B_tensor_eigenvalue_3               ? 
_reflns.pdbx_orthogonalization_convention              ? 
_reflns.pdbx_percent_possible_ellipsoidal              ? 
_reflns.pdbx_percent_possible_spherical                ? 
_reflns.pdbx_percent_possible_ellipsoidal_anomalous    ? 
_reflns.pdbx_percent_possible_spherical_anomalous      ? 
_reflns.pdbx_redundancy_anomalous                      ? 
_reflns.pdbx_CC_half_anomalous                         ? 
_reflns.pdbx_absDiff_over_sigma_anomalous              ? 
_reflns.pdbx_percent_possible_anomalous                ? 
_reflns.pdbx_observed_signal_threshold                 ? 
_reflns.pdbx_signal_type                               ? 
_reflns.pdbx_signal_details                            ? 
_reflns.pdbx_signal_software_id                        ? 
# 
loop_
_reflns_shell.d_res_high 
_reflns_shell.d_res_low 
_reflns_shell.meanI_over_sigI_all 
_reflns_shell.meanI_over_sigI_obs 
_reflns_shell.number_measured_all 
_reflns_shell.number_measured_obs 
_reflns_shell.number_possible 
_reflns_shell.number_unique_all 
_reflns_shell.number_unique_obs 
_reflns_shell.percent_possible_obs 
_reflns_shell.Rmerge_F_all 
_reflns_shell.Rmerge_F_obs 
_reflns_shell.meanI_over_sigI_gt 
_reflns_shell.meanI_over_uI_all 
_reflns_shell.meanI_over_uI_gt 
_reflns_shell.number_measured_gt 
_reflns_shell.number_unique_gt 
_reflns_shell.percent_possible_gt 
_reflns_shell.Rmerge_F_gt 
_reflns_shell.Rmerge_I_gt 
_reflns_shell.pdbx_redundancy 
_reflns_shell.pdbx_chi_squared 
_reflns_shell.pdbx_netI_over_sigmaI_all 
_reflns_shell.pdbx_netI_over_sigmaI_obs 
_reflns_shell.pdbx_Rrim_I_all 
_reflns_shell.pdbx_Rpim_I_all 
_reflns_shell.pdbx_rejects 
_reflns_shell.pdbx_ordinal 
_reflns_shell.pdbx_diffrn_id 
_reflns_shell.pdbx_CC_half 
_reflns_shell.pdbx_CC_star 
_reflns_shell.pdbx_R_split 
_reflns_shell.percent_possible_all 
_reflns_shell.Rmerge_I_all 
_reflns_shell.Rmerge_I_obs 
_reflns_shell.pdbx_Rsym_value 
_reflns_shell.pdbx_percent_possible_ellipsoidal 
_reflns_shell.pdbx_percent_possible_spherical 
_reflns_shell.pdbx_percent_possible_ellipsoidal_anomalous 
_reflns_shell.pdbx_percent_possible_spherical_anomalous 
_reflns_shell.pdbx_redundancy_anomalous 
_reflns_shell.pdbx_CC_half_anomalous 
_reflns_shell.pdbx_absDiff_over_sigma_anomalous 
_reflns_shell.pdbx_percent_possible_anomalous 
3.05 3.10  ? ? ? ? ? ? 230 ? ? ? ? ? ? ? ? ? ? ? 8.3  0.442 ? ? 0.785 0.263 ? 1  1 0.922 0.980 ? 74.4  ? 0.738 ? ? ? ? ? ? ? ? ? 
3.10 3.16  ? ? ? ? ? ? 200 ? ? ? ? ? ? ? ? ? ? ? 8.8  0.581 ? ? 0.264 0.086 ? 2  1 0.995 0.999 ? 72.5  ? 0.249 ? ? ? ? ? ? ? ? ? 
3.16 3.22  ? ? ? ? ? ? 227 ? ? ? ? ? ? ? ? ? ? ? 8.9  1.020 ? ? 0.140 0.045 ? 3  1 0.997 0.999 ? 74.2  ? 0.133 ? ? ? ? ? ? ? ? ? 
3.22 3.29  ? ? ? ? ? ? 234 ? ? ? ? ? ? ? ? ? ? ? 9.0  1.331 ? ? 0.117 0.037 ? 4  1 0.997 0.999 ? 81.5  ? 0.110 ? ? ? ? ? ? ? ? ? 
3.29 3.36  ? ? ? ? ? ? 237 ? ? ? ? ? ? ? ? ? ? ? 8.7  0.706 ? ? 0.200 0.065 ? 5  1 0.995 0.999 ? 84.9  ? 0.189 ? ? ? ? ? ? ? ? ? 
3.36 3.43  ? ? ? ? ? ? 260 ? ? ? ? ? ? ? ? ? ? ? 9.6  0.846 ? ? 0.159 0.050 ? 6  1 0.997 0.999 ? 89.0  ? 0.151 ? ? ? ? ? ? ? ? ? 
3.43 3.52  ? ? ? ? ? ? 253 ? ? ? ? ? ? ? ? ? ? ? 9.8  0.788 ? ? 0.166 0.052 ? 7  1 0.995 0.999 ? 90.0  ? 0.157 ? ? ? ? ? ? ? ? ? 
3.52 3.62  ? ? ? ? ? ? 295 ? ? ? ? ? ? ? ? ? ? ? 9.4  0.772 ? ? 0.152 0.049 ? 8  1 0.997 0.999 ? 97.7  ? 0.143 ? ? ? ? ? ? ? ? ? 
3.62 3.72  ? ? ? ? ? ? 284 ? ? ? ? ? ? ? ? ? ? ? 10.2 0.772 ? ? 0.197 0.062 ? 9  1 0.990 0.997 ? 99.3  ? 0.187 ? ? ? ? ? ? ? ? ? 
3.72 3.84  ? ? ? ? ? ? 291 ? ? ? ? ? ? ? ? ? ? ? 10.3 0.728 ? ? 0.157 0.048 ? 10 1 0.997 0.999 ? 100.0 ? 0.149 ? ? ? ? ? ? ? ? ? 
3.84 3.98  ? ? ? ? ? ? 300 ? ? ? ? ? ? ? ? ? ? ? 10.5 0.732 ? ? 0.152 0.046 ? 11 1 0.998 0.999 ? 100.0 ? 0.145 ? ? ? ? ? ? ? ? ? 
3.98 4.14  ? ? ? ? ? ? 294 ? ? ? ? ? ? ? ? ? ? ? 9.9  0.761 ? ? 0.118 0.038 ? 12 1 0.999 1.000 ? 100.0 ? 0.112 ? ? ? ? ? ? ? ? ? 
4.14 4.33  ? ? ? ? ? ? 281 ? ? ? ? ? ? ? ? ? ? ? 10.2 0.736 ? ? 0.106 0.033 ? 13 1 0.998 1.000 ? 100.0 ? 0.101 ? ? ? ? ? ? ? ? ? 
4.33 4.56  ? ? ? ? ? ? 295 ? ? ? ? ? ? ? ? ? ? ? 10.5 0.739 ? ? 0.095 0.029 ? 14 1 0.998 0.999 ? 100.0 ? 0.091 ? ? ? ? ? ? ? ? ? 
4.56 4.84  ? ? ? ? ? ? 285 ? ? ? ? ? ? ? ? ? ? ? 11.2 0.765 ? ? 0.083 0.025 ? 15 1 0.997 0.999 ? 100.0 ? 0.079 ? ? ? ? ? ? ? ? ? 
4.84 5.21  ? ? ? ? ? ? 289 ? ? ? ? ? ? ? ? ? ? ? 10.9 0.788 ? ? 0.064 0.019 ? 16 1 0.999 1.000 ? 100.0 ? 0.061 ? ? ? ? ? ? ? ? ? 
5.21 5.74  ? ? ? ? ? ? 299 ? ? ? ? ? ? ? ? ? ? ? 10.5 0.867 ? ? 0.053 0.016 ? 17 1 0.999 1.000 ? 100.0 ? 0.050 ? ? ? ? ? ? ? ? ? 
5.74 6.57  ? ? ? ? ? ? 285 ? ? ? ? ? ? ? ? ? ? ? 9.7  0.786 ? ? 0.048 0.015 ? 18 1 0.999 1.000 ? 100.0 ? 0.046 ? ? ? ? ? ? ? ? ? 
6.57 8.27  ? ? ? ? ? ? 296 ? ? ? ? ? ? ? ? ? ? ? 11.0 0.848 ? ? 0.038 0.011 ? 19 1 1.000 1.000 ? 100.0 ? 0.036 ? ? ? ? ? ? ? ? ? 
8.27 50.00 ? ? ? ? ? ? 290 ? ? ? ? ? ? ? ? ? ? ? 10.3 1.054 ? ? 0.040 0.012 ? 20 1 0.999 1.000 ? 100.0 ? 0.038 ? ? ? ? ? ? ? ? ? 
# 
_refine.aniso_B[1][1]                            ? 
_refine.aniso_B[1][2]                            ? 
_refine.aniso_B[1][3]                            ? 
_refine.aniso_B[2][2]                            ? 
_refine.aniso_B[2][3]                            ? 
_refine.aniso_B[3][3]                            ? 
_refine.B_iso_max                                ? 
_refine.B_iso_mean                               ? 
_refine.B_iso_min                                ? 
_refine.correlation_coeff_Fo_to_Fc               ? 
_refine.correlation_coeff_Fo_to_Fc_free          ? 
_refine.details                                  ? 
_refine.diff_density_max                         ? 
_refine.diff_density_max_esd                     ? 
_refine.diff_density_min                         ? 
_refine.diff_density_min_esd                     ? 
_refine.diff_density_rms                         ? 
_refine.diff_density_rms_esd                     ? 
_refine.entry_id                                 8TA8 
_refine.pdbx_refine_id                           'X-RAY DIFFRACTION' 
_refine.ls_abs_structure_details                 ? 
_refine.ls_abs_structure_Flack                   ? 
_refine.ls_abs_structure_Flack_esd               ? 
_refine.ls_abs_structure_Rogers                  ? 
_refine.ls_abs_structure_Rogers_esd              ? 
_refine.ls_d_res_high                            3.05 
_refine.ls_d_res_low                             41.56 
_refine.ls_extinction_coef                       ? 
_refine.ls_extinction_coef_esd                   ? 
_refine.ls_extinction_expression                 ? 
_refine.ls_extinction_method                     ? 
_refine.ls_goodness_of_fit_all                   ? 
_refine.ls_goodness_of_fit_all_esd               ? 
_refine.ls_goodness_of_fit_obs                   ? 
_refine.ls_goodness_of_fit_obs_esd               ? 
_refine.ls_hydrogen_treatment                    ? 
_refine.ls_matrix_type                           ? 
_refine.ls_number_constraints                    ? 
_refine.ls_number_parameters                     ? 
_refine.ls_number_reflns_all                     ? 
_refine.ls_number_reflns_obs                     5301 
_refine.ls_number_reflns_R_free                  261 
_refine.ls_number_reflns_R_work                  ? 
_refine.ls_number_restraints                     ? 
_refine.ls_percent_reflns_obs                    91.19 
_refine.ls_percent_reflns_R_free                 4.92 
_refine.ls_R_factor_all                          ? 
_refine.ls_R_factor_obs                          0.2162 
_refine.ls_R_factor_R_free                       0.2426 
_refine.ls_R_factor_R_free_error                 ? 
_refine.ls_R_factor_R_free_error_details         ? 
_refine.ls_R_factor_R_work                       0.2146 
_refine.ls_R_Fsqd_factor_obs                     ? 
_refine.ls_R_I_factor_obs                        ? 
_refine.ls_redundancy_reflns_all                 ? 
_refine.ls_redundancy_reflns_obs                 ? 
_refine.ls_restrained_S_all                      ? 
_refine.ls_restrained_S_obs                      ? 
_refine.ls_shift_over_esd_max                    ? 
_refine.ls_shift_over_esd_mean                   ? 
_refine.ls_structure_factor_coef                 ? 
_refine.ls_weighting_details                     ? 
_refine.ls_weighting_scheme                      ? 
_refine.ls_wR_factor_all                         ? 
_refine.ls_wR_factor_obs                         ? 
_refine.ls_wR_factor_R_free                      ? 
_refine.ls_wR_factor_R_work                      ? 
_refine.occupancy_max                            ? 
_refine.occupancy_min                            ? 
_refine.solvent_model_details                    'FLAT BULK SOLVENT MODEL' 
_refine.solvent_model_param_bsol                 ? 
_refine.solvent_model_param_ksol                 ? 
_refine.pdbx_R_complete                          ? 
_refine.ls_R_factor_gt                           ? 
_refine.ls_goodness_of_fit_gt                    ? 
_refine.ls_goodness_of_fit_ref                   ? 
_refine.ls_shift_over_su_max                     ? 
_refine.ls_shift_over_su_max_lt                  ? 
_refine.ls_shift_over_su_mean                    ? 
_refine.ls_shift_over_su_mean_lt                 ? 
_refine.pdbx_ls_sigma_I                          ? 
_refine.pdbx_ls_sigma_F                          1.96 
_refine.pdbx_ls_sigma_Fsqd                       ? 
_refine.pdbx_data_cutoff_high_absF               ? 
_refine.pdbx_data_cutoff_high_rms_absF           ? 
_refine.pdbx_data_cutoff_low_absF                ? 
_refine.pdbx_isotropic_thermal_model             ? 
_refine.pdbx_ls_cross_valid_method               THROUGHOUT 
_refine.pdbx_method_to_determine_struct          'MOLECULAR REPLACEMENT' 
_refine.pdbx_starting_model                      ? 
_refine.pdbx_stereochemistry_target_values       ML 
_refine.pdbx_R_Free_selection_details            ? 
_refine.pdbx_stereochem_target_val_spec_case     ? 
_refine.pdbx_overall_ESU_R                       ? 
_refine.pdbx_overall_ESU_R_Free                  ? 
_refine.pdbx_solvent_vdw_probe_radii             1.11 
_refine.pdbx_solvent_ion_probe_radii             ? 
_refine.pdbx_solvent_shrinkage_radii             0.90 
_refine.pdbx_real_space_R                        ? 
_refine.pdbx_density_correlation                 ? 
_refine.pdbx_pd_number_of_powder_patterns        ? 
_refine.pdbx_pd_number_of_points                 ? 
_refine.pdbx_pd_meas_number_of_points            ? 
_refine.pdbx_pd_proc_ls_prof_R_factor            ? 
_refine.pdbx_pd_proc_ls_prof_wR_factor           ? 
_refine.pdbx_pd_Marquardt_correlation_coeff      ? 
_refine.pdbx_pd_Fsqrd_R_factor                   ? 
_refine.pdbx_pd_ls_matrix_band_width             ? 
_refine.pdbx_overall_phase_error                 34.92 
_refine.pdbx_overall_SU_R_free_Cruickshank_DPI   ? 
_refine.pdbx_overall_SU_R_free_Blow_DPI          ? 
_refine.pdbx_overall_SU_R_Blow_DPI               ? 
_refine.pdbx_TLS_residual_ADP_flag               ? 
_refine.pdbx_diffrn_id                           1 
_refine.overall_SU_B                             ? 
_refine.overall_SU_ML                            0.36 
_refine.overall_SU_R_Cruickshank_DPI             ? 
_refine.overall_SU_R_free                        ? 
_refine.overall_FOM_free_R_set                   ? 
_refine.overall_FOM_work_R_set                   ? 
_refine.pdbx_average_fsc_overall                 ? 
_refine.pdbx_average_fsc_work                    ? 
_refine.pdbx_average_fsc_free                    ? 
# 
_refine_hist.pdbx_refine_id                   'X-RAY DIFFRACTION' 
_refine_hist.cycle_id                         LAST 
_refine_hist.pdbx_number_atoms_protein        0 
_refine_hist.pdbx_number_atoms_nucleic_acid   855 
_refine_hist.pdbx_number_atoms_ligand         62 
_refine_hist.number_atoms_solvent             2 
_refine_hist.number_atoms_total               919 
_refine_hist.d_res_high                       3.05 
_refine_hist.d_res_low                        41.56 
# 
loop_
_refine_ls_restr.pdbx_refine_id 
_refine_ls_restr.criterion 
_refine_ls_restr.dev_ideal 
_refine_ls_restr.dev_ideal_target 
_refine_ls_restr.number 
_refine_ls_restr.rejects 
_refine_ls_restr.type 
_refine_ls_restr.weight 
_refine_ls_restr.pdbx_restraint_function 
'X-RAY DIFFRACTION' ? 0.006  ? 1020 ? f_bond_d           ? ? 
'X-RAY DIFFRACTION' ? 0.860  ? 1555 ? f_angle_d          ? ? 
'X-RAY DIFFRACTION' ? 34.907 ? 428  ? f_dihedral_angle_d ? ? 
'X-RAY DIFFRACTION' ? 0.042  ? 166  ? f_chiral_restr     ? ? 
'X-RAY DIFFRACTION' ? 0.005  ? 56   ? f_plane_restr      ? ? 
# 
loop_
_refine_ls_shell.pdbx_refine_id 
_refine_ls_shell.d_res_high 
_refine_ls_shell.d_res_low 
_refine_ls_shell.number_reflns_all 
_refine_ls_shell.number_reflns_obs 
_refine_ls_shell.number_reflns_R_free 
_refine_ls_shell.number_reflns_R_work 
_refine_ls_shell.percent_reflns_obs 
_refine_ls_shell.percent_reflns_R_free 
_refine_ls_shell.R_factor_all 
_refine_ls_shell.R_factor_obs 
_refine_ls_shell.R_factor_R_free_error 
_refine_ls_shell.R_factor_R_work 
_refine_ls_shell.redundancy_reflns_all 
_refine_ls_shell.redundancy_reflns_obs 
_refine_ls_shell.wR_factor_all 
_refine_ls_shell.wR_factor_obs 
_refine_ls_shell.wR_factor_R_free 
_refine_ls_shell.wR_factor_R_work 
_refine_ls_shell.pdbx_R_complete 
_refine_ls_shell.pdbx_total_number_of_bins_used 
_refine_ls_shell.pdbx_phase_error 
_refine_ls_shell.pdbx_fsc_work 
_refine_ls_shell.pdbx_fsc_free 
_refine_ls_shell.R_factor_R_free 
'X-RAY DIFFRACTION' 3.05 3.84  . . 125 2279 83.00  . . . . 0.2922 . . . . . . . . . . . 0.2913 
'X-RAY DIFFRACTION' 3.85 41.56 . . 136 2761 100.00 . . . . 0.1957 . . . . . . . . . . . 0.2276 
# 
_struct.entry_id                     8TA8 
_struct.title                        
;Sequence specific (AATT) orientation of netropsin molecules at two unique minor groove binding sites within a self-assembled 3D DNA lattice (4x6)
;
_struct.pdbx_model_details           ? 
_struct.pdbx_formula_weight          ? 
_struct.pdbx_formula_weight_method   ? 
_struct.pdbx_model_type_details      ? 
_struct.pdbx_CASP_flag               N 
# 
_struct_keywords.entry_id        8TA8 
_struct_keywords.text            
;Self-Assembly, DNA Nanotechnology, DNA Scaffold, Crystal Lattice, DNA, Minor Groove Binders, Netropsin, DAPI, Hoechst, ImPyPy, polyamide, host-guest
;
_struct_keywords.pdbx_keywords   DNA 
# 
loop_
_struct_asym.id 
_struct_asym.pdbx_blank_PDB_chainid_flag 
_struct_asym.pdbx_modified 
_struct_asym.entity_id 
_struct_asym.details 
A N N 1 ? 
B N N 2 ? 
C N N 3 ? 
D N N 4 ? 
E N N 5 ? 
F N N 5 ? 
G N N 6 ? 
H N N 6 ? 
# 
loop_
_struct_conn.id 
_struct_conn.conn_type_id 
_struct_conn.pdbx_leaving_atom_flag 
_struct_conn.pdbx_PDB_id 
_struct_conn.ptnr1_label_asym_id 
_struct_conn.ptnr1_label_comp_id 
_struct_conn.ptnr1_label_seq_id 
_struct_conn.ptnr1_label_atom_id 
_struct_conn.pdbx_ptnr1_label_alt_id 
_struct_conn.pdbx_ptnr1_PDB_ins_code 
_struct_conn.pdbx_ptnr1_standard_comp_id 
_struct_conn.ptnr1_symmetry 
_struct_conn.ptnr2_label_asym_id 
_struct_conn.ptnr2_label_comp_id 
_struct_conn.ptnr2_label_seq_id 
_struct_conn.ptnr2_label_atom_id 
_struct_conn.pdbx_ptnr2_label_alt_id 
_struct_conn.pdbx_ptnr2_PDB_ins_code 
_struct_conn.ptnr1_auth_asym_id 
_struct_conn.ptnr1_auth_comp_id 
_struct_conn.ptnr1_auth_seq_id 
_struct_conn.ptnr2_auth_asym_id 
_struct_conn.ptnr2_auth_comp_id 
_struct_conn.ptnr2_auth_seq_id 
_struct_conn.ptnr2_symmetry 
_struct_conn.pdbx_ptnr3_label_atom_id 
_struct_conn.pdbx_ptnr3_label_seq_id 
_struct_conn.pdbx_ptnr3_label_comp_id 
_struct_conn.pdbx_ptnr3_label_asym_id 
_struct_conn.pdbx_ptnr3_label_alt_id 
_struct_conn.pdbx_ptnr3_PDB_ins_code 
_struct_conn.details 
_struct_conn.pdbx_dist_value 
_struct_conn.pdbx_value_order 
_struct_conn.pdbx_role 
hydrog1  hydrog ? ? A DG 3  N1 ? ? ? 1_555 D DC 7 N3 ? ? A DG 3  D DC 16 1_555 ? ? ? ? ? ? WATSON-CRICK ? ? ? 
hydrog2  hydrog ? ? A DG 3  N2 ? ? ? 1_555 D DC 7 O2 ? ? A DG 3  D DC 16 1_555 ? ? ? ? ? ? WATSON-CRICK ? ? ? 
hydrog3  hydrog ? ? A DG 3  O6 ? ? ? 1_555 D DC 7 N4 ? ? A DG 3  D DC 16 1_555 ? ? ? ? ? ? WATSON-CRICK ? ? ? 
hydrog4  hydrog ? ? A DA 4  N1 ? ? ? 1_555 D DT 6 N3 ? ? A DA 4  D DT 15 1_555 ? ? ? ? ? ? WATSON-CRICK ? ? ? 
hydrog5  hydrog ? ? A DA 4  N6 ? ? ? 1_555 D DT 6 O4 ? ? A DA 4  D DT 15 1_555 ? ? ? ? ? ? WATSON-CRICK ? ? ? 
hydrog6  hydrog ? ? A DA 5  N1 ? ? ? 1_555 D DT 5 N3 ? ? A DA 5  D DT 14 1_555 ? ? ? ? ? ? WATSON-CRICK ? ? ? 
hydrog7  hydrog ? ? A DA 5  N6 ? ? ? 1_555 D DT 5 O4 ? ? A DA 5  D DT 14 1_555 ? ? ? ? ? ? WATSON-CRICK ? ? ? 
hydrog8  hydrog ? ? A DT 6  N3 ? ? ? 1_555 D DA 4 N1 ? ? A DT 6  D DA 13 1_555 ? ? ? ? ? ? WATSON-CRICK ? ? ? 
hydrog9  hydrog ? ? A DT 6  O4 ? ? ? 1_555 D DA 4 N6 ? ? A DT 6  D DA 13 1_555 ? ? ? ? ? ? WATSON-CRICK ? ? ? 
hydrog10 hydrog ? ? A DT 7  N3 ? ? ? 1_555 D DA 3 N1 ? ? A DT 7  D DA 12 1_555 ? ? ? ? ? ? WATSON-CRICK ? ? ? 
hydrog11 hydrog ? ? A DT 7  O4 ? ? ? 1_555 D DA 3 N6 ? ? A DT 7  D DA 12 1_555 ? ? ? ? ? ? WATSON-CRICK ? ? ? 
hydrog12 hydrog ? ? A DC 8  N3 ? ? ? 1_555 D DG 2 N1 ? ? A DC 8  D DG 11 1_555 ? ? ? ? ? ? WATSON-CRICK ? ? ? 
hydrog13 hydrog ? ? A DC 8  N4 ? ? ? 1_555 D DG 2 O6 ? ? A DC 8  D DG 11 1_555 ? ? ? ? ? ? WATSON-CRICK ? ? ? 
hydrog14 hydrog ? ? A DC 8  O2 ? ? ? 1_555 D DG 2 N2 ? ? A DC 8  D DG 11 1_555 ? ? ? ? ? ? WATSON-CRICK ? ? ? 
hydrog15 hydrog ? ? A DC 9  N3 ? ? ? 1_555 D DG 1 N1 ? ? A DC 9  D DG 10 1_555 ? ? ? ? ? ? WATSON-CRICK ? ? ? 
hydrog16 hydrog ? ? A DC 9  N4 ? ? ? 1_555 D DG 1 O6 ? ? A DC 9  D DG 10 1_555 ? ? ? ? ? ? WATSON-CRICK ? ? ? 
hydrog17 hydrog ? ? A DC 9  O2 ? ? ? 1_555 D DG 1 N2 ? ? A DC 9  D DG 10 1_555 ? ? ? ? ? ? WATSON-CRICK ? ? ? 
hydrog18 hydrog ? ? A DT 10 N3 ? ? ? 1_555 B DA 6 N1 ? ? A DT 10 B DA 5  1_555 ? ? ? ? ? ? WATSON-CRICK ? ? ? 
hydrog19 hydrog ? ? A DT 10 O4 ? ? ? 1_555 B DA 6 N6 ? ? A DT 10 B DA 5  1_555 ? ? ? ? ? ? WATSON-CRICK ? ? ? 
hydrog20 hydrog ? ? A DG 11 N1 ? ? ? 1_555 B DC 5 N3 ? ? A DG 11 B DC 4  1_555 ? ? ? ? ? ? WATSON-CRICK ? ? ? 
hydrog21 hydrog ? ? A DG 11 N2 ? ? ? 1_555 B DC 5 O2 ? ? A DG 11 B DC 4  1_555 ? ? ? ? ? ? WATSON-CRICK ? ? ? 
hydrog22 hydrog ? ? A DG 11 O6 ? ? ? 1_555 B DC 5 N4 ? ? A DG 11 B DC 4  1_555 ? ? ? ? ? ? WATSON-CRICK ? ? ? 
hydrog23 hydrog ? ? A DA 12 N1 ? ? ? 1_555 B DT 4 N3 ? ? A DA 12 B DT 3  1_555 ? ? ? ? ? ? WATSON-CRICK ? ? ? 
hydrog24 hydrog ? ? A DA 12 N6 ? ? ? 1_555 B DT 4 O4 ? ? A DA 12 B DT 3  1_555 ? ? ? ? ? ? WATSON-CRICK ? ? ? 
hydrog25 hydrog ? ? A DC 13 N3 ? ? ? 1_555 B DG 3 N1 ? ? A DC 13 B DG 2  1_555 ? ? ? ? ? ? WATSON-CRICK ? ? ? 
hydrog26 hydrog ? ? A DC 13 N4 ? ? ? 1_555 B DG 3 O6 ? ? A DC 13 B DG 2  1_555 ? ? ? ? ? ? WATSON-CRICK ? ? ? 
hydrog27 hydrog ? ? A DC 13 O2 ? ? ? 1_555 B DG 3 N2 ? ? A DC 13 B DG 2  1_555 ? ? ? ? ? ? WATSON-CRICK ? ? ? 
hydrog28 hydrog ? ? A DG 14 N1 ? ? ? 1_555 B DC 2 N3 ? ? A DG 14 B DC 1  1_555 ? ? ? ? ? ? WATSON-CRICK ? ? ? 
hydrog29 hydrog ? ? A DG 14 N2 ? ? ? 1_555 B DC 2 O2 ? ? A DG 14 B DC 1  1_555 ? ? ? ? ? ? WATSON-CRICK ? ? ? 
hydrog30 hydrog ? ? A DG 14 O6 ? ? ? 1_555 B DC 2 N4 ? ? A DG 14 B DC 1  1_555 ? ? ? ? ? ? WATSON-CRICK ? ? ? 
hydrog31 hydrog ? ? A DG 15 N1 ? ? ? 1_555 B DC 1 N3 ? ? A DG 15 B DC 0  1_555 ? ? ? ? ? ? WATSON-CRICK ? ? ? 
hydrog32 hydrog ? ? A DG 15 N2 ? ? ? 1_555 B DC 1 O2 ? ? A DG 15 B DC 0  1_555 ? ? ? ? ? ? WATSON-CRICK ? ? ? 
hydrog33 hydrog ? ? A DG 15 O6 ? ? ? 1_555 B DC 1 N4 ? ? A DG 15 B DC 0  1_555 ? ? ? ? ? ? WATSON-CRICK ? ? ? 
hydrog34 hydrog ? ? A DA 16 N1 ? ? ? 1_555 C DT 8 N3 ? ? A DA 16 C DT 8  1_555 ? ? ? ? ? ? WATSON-CRICK ? ? ? 
hydrog35 hydrog ? ? A DA 16 N6 ? ? ? 1_555 C DT 8 O4 ? ? A DA 16 C DT 8  1_555 ? ? ? ? ? ? WATSON-CRICK ? ? ? 
hydrog36 hydrog ? ? A DA 17 N1 ? ? ? 1_555 C DT 7 N3 ? ? A DA 17 C DT 7  1_555 ? ? ? ? ? ? WATSON-CRICK ? ? ? 
hydrog37 hydrog ? ? A DA 17 N6 ? ? ? 1_555 C DT 7 O4 ? ? A DA 17 C DT 7  1_555 ? ? ? ? ? ? WATSON-CRICK ? ? ? 
hydrog38 hydrog ? ? A DA 18 N1 ? ? ? 1_555 C DT 6 N3 ? ? A DA 18 C DT 6  1_555 ? ? ? ? ? ? WATSON-CRICK ? ? ? 
hydrog39 hydrog ? ? A DA 18 N6 ? ? ? 1_555 C DT 6 O4 ? ? A DA 18 C DT 6  1_555 ? ? ? ? ? ? WATSON-CRICK ? ? ? 
hydrog40 hydrog ? ? A DT 19 N3 ? ? ? 1_555 C DA 5 N1 ? ? A DT 19 C DA 5  1_555 ? ? ? ? ? ? WATSON-CRICK ? ? ? 
hydrog41 hydrog ? ? A DT 19 O4 ? ? ? 1_555 C DA 5 N6 ? ? A DT 19 C DA 5  1_555 ? ? ? ? ? ? WATSON-CRICK ? ? ? 
hydrog42 hydrog ? ? A DT 20 N3 ? ? ? 1_555 C DA 4 N1 ? ? A DT 20 C DA 4  1_555 ? ? ? ? ? ? WATSON-CRICK ? ? ? 
hydrog43 hydrog ? ? A DT 20 O4 ? ? ? 1_555 C DA 4 N6 ? ? A DT 20 C DA 4  1_555 ? ? ? ? ? ? WATSON-CRICK ? ? ? 
hydrog44 hydrog ? ? A DA 21 N1 ? ? ? 1_555 C DT 3 N3 ? ? A DA 21 C DT 3  1_555 ? ? ? ? ? ? WATSON-CRICK ? ? ? 
hydrog45 hydrog ? ? A DA 21 N6 ? ? ? 1_555 C DT 3 O4 ? ? A DA 21 C DT 3  1_555 ? ? ? ? ? ? WATSON-CRICK ? ? ? 
# 
_struct_conn_type.id          hydrog 
_struct_conn_type.criteria    ? 
_struct_conn_type.reference   ? 
# 
_atom_sites.entry_id                    8TA8 
_atom_sites.Cartn_transf_matrix[1][1]   ? 
_atom_sites.Cartn_transf_matrix[1][2]   ? 
_atom_sites.Cartn_transf_matrix[1][3]   ? 
_atom_sites.Cartn_transf_matrix[2][1]   ? 
_atom_sites.Cartn_transf_matrix[2][2]   ? 
_atom_sites.Cartn_transf_matrix[2][3]   ? 
_atom_sites.Cartn_transf_matrix[3][1]   ? 
_atom_sites.Cartn_transf_matrix[3][2]   ? 
_atom_sites.Cartn_transf_matrix[3][3]   ? 
_atom_sites.Cartn_transf_vector[1]      ? 
_atom_sites.Cartn_transf_vector[2]      ? 
_atom_sites.Cartn_transf_vector[3]      ? 
_atom_sites.fract_transf_matrix[1][1]   -0.01205426 
_atom_sites.fract_transf_matrix[1][2]   0.01054327 
_atom_sites.fract_transf_matrix[1][3]   0.00527860 
_atom_sites.fract_transf_matrix[2][1]   -0.00692293 
_atom_sites.fract_transf_matrix[2][2]   0.01096601 
_atom_sites.fract_transf_matrix[2][3]   -0.01077871 
_atom_sites.fract_transf_matrix[3][1]   -0.01195713 
_atom_sites.fract_transf_matrix[3][2]   -0.01160473 
_atom_sites.fract_transf_matrix[3][3]   -0.00412658 
_atom_sites.fract_transf_vector[1]      0.034870 
_atom_sites.fract_transf_vector[2]      0.140038 
_atom_sites.fract_transf_vector[3]      0.157992 
_atom_sites.solution_primary            ? 
_atom_sites.solution_secondary          ? 
_atom_sites.solution_hydrogens          ? 
_atom_sites.special_details             ? 
# 
loop_
_atom_type.symbol 
C 
N 
O 
P 
# 
loop_
_atom_site.group_PDB 
_atom_site.id 
_atom_site.type_symbol 
_atom_site.label_atom_id 
_atom_site.label_alt_id 
_atom_site.label_comp_id 
_atom_site.label_asym_id 
_atom_site.label_entity_id 
_atom_site.label_seq_id 
_atom_site.pdbx_PDB_ins_code 
_atom_site.Cartn_x 
_atom_site.Cartn_y 
_atom_site.Cartn_z 
_atom_site.occupancy 
_atom_site.B_iso_or_equiv 
_atom_site.pdbx_formal_charge 
_atom_site.auth_seq_id 
_atom_site.auth_comp_id 
_atom_site.auth_asym_id 
_atom_site.auth_atom_id 
_atom_site.pdbx_PDB_model_num 
ATOM   1   O "O5'" . DG  A 1 1  ? 19.886  -19.392 -22.561 1.00 135.16 ? 1   DG  A "O5'" 1 
ATOM   2   C "C5'" . DG  A 1 1  ? 20.522  -18.549 -21.606 1.00 138.48 ? 1   DG  A "C5'" 1 
ATOM   3   C "C4'" . DG  A 1 1  ? 21.631  -17.750 -22.258 1.00 138.29 ? 1   DG  A "C4'" 1 
ATOM   4   O "O4'" . DG  A 1 1  ? 21.229  -17.399 -23.591 1.00 132.30 ? 1   DG  A "O4'" 1 
ATOM   5   C "C3'" . DG  A 1 1  ? 21.939  -16.416 -21.600 1.00 139.75 ? 1   DG  A "C3'" 1 
ATOM   6   O "O3'" . DG  A 1 1  ? 22.865  -16.589 -20.535 1.00 142.96 ? 1   DG  A "O3'" 1 
ATOM   7   C "C2'" . DG  A 1 1  ? 22.561  -15.618 -22.744 1.00 134.36 ? 1   DG  A "C2'" 1 
ATOM   8   C "C1'" . DG  A 1 1  ? 21.956  -16.263 -23.999 1.00 128.36 ? 1   DG  A "C1'" 1 
ATOM   9   N N9    . DG  A 1 1  ? 21.068  -15.394 -24.770 1.00 122.42 ? 1   DG  A N9    1 
ATOM   10  C C8    . DG  A 1 1  ? 19.832  -15.718 -25.275 1.00 118.86 ? 1   DG  A C8    1 
ATOM   11  N N7    . DG  A 1 1  ? 19.274  -14.749 -25.944 1.00 119.23 ? 1   DG  A N7    1 
ATOM   12  C C5    . DG  A 1 1  ? 20.203  -13.718 -25.885 1.00 124.38 ? 1   DG  A C5    1 
ATOM   13  C C6    . DG  A 1 1  ? 20.156  -12.410 -26.434 1.00 128.16 ? 1   DG  A C6    1 
ATOM   14  O O6    . DG  A 1 1  ? 19.248  -11.892 -27.103 1.00 128.30 ? 1   DG  A O6    1 
ATOM   15  N N1    . DG  A 1 1  ? 21.310  -11.683 -26.137 1.00 127.86 ? 1   DG  A N1    1 
ATOM   16  C C2    . DG  A 1 1  ? 22.375  -12.159 -25.405 1.00 127.16 ? 1   DG  A C2    1 
ATOM   17  N N2    . DG  A 1 1  ? 23.403  -11.315 -25.218 1.00 128.38 ? 1   DG  A N2    1 
ATOM   18  N N3    . DG  A 1 1  ? 22.433  -13.380 -24.891 1.00 124.41 ? 1   DG  A N3    1 
ATOM   19  C C4    . DG  A 1 1  ? 21.316  -14.097 -25.167 1.00 122.84 ? 1   DG  A C4    1 
ATOM   20  P P     . DA  A 1 2  ? 22.400  -16.343 -19.017 1.00 151.23 ? 2   DA  A P     1 
ATOM   21  O OP1   . DA  A 1 2  ? 22.389  -17.656 -18.335 1.00 148.29 ? 2   DA  A OP1   1 
ATOM   22  O OP2   . DA  A 1 2  ? 21.161  -15.535 -19.071 1.00 144.04 ? 2   DA  A OP2   1 
ATOM   23  O "O5'" . DA  A 1 2  ? 23.571  -15.450 -18.385 1.00 144.41 ? 2   DA  A "O5'" 1 
ATOM   24  C "C5'" . DA  A 1 2  ? 23.327  -14.089 -18.042 1.00 143.65 ? 2   DA  A "C5'" 1 
ATOM   25  C "C4'" . DA  A 1 2  ? 23.564  -13.179 -19.233 1.00 140.10 ? 2   DA  A "C4'" 1 
ATOM   26  O "O4'" . DA  A 1 2  ? 22.590  -13.450 -20.249 1.00 130.81 ? 2   DA  A "O4'" 1 
ATOM   27  C "C3'" . DA  A 1 2  ? 23.399  -11.693 -18.952 1.00 142.06 ? 2   DA  A "C3'" 1 
ATOM   28  O "O3'" . DA  A 1 2  ? 24.642  -11.132 -18.550 1.00 148.51 ? 2   DA  A "O3'" 1 
ATOM   29  C "C2'" . DA  A 1 2  ? 22.927  -11.115 -20.297 1.00 135.14 ? 2   DA  A "C2'" 1 
ATOM   30  C "C1'" . DA  A 1 2  ? 22.582  -12.357 -21.126 1.00 134.58 ? 2   DA  A "C1'" 1 
ATOM   31  N N9    . DA  A 1 2  ? 21.291  -12.305 -21.819 1.00 129.91 ? 2   DA  A N9    1 
ATOM   32  C C8    . DA  A 1 2  ? 20.335  -13.285 -21.851 1.00 129.51 ? 2   DA  A C8    1 
ATOM   33  N N7    . DA  A 1 2  ? 19.289  -12.983 -22.581 1.00 127.55 ? 2   DA  A N7    1 
ATOM   34  C C5    . DA  A 1 2  ? 19.577  -11.718 -23.068 1.00 129.20 ? 2   DA  A C5    1 
ATOM   35  C C6    . DA  A 1 2  ? 18.862  -10.835 -23.909 1.00 132.09 ? 2   DA  A C6    1 
ATOM   36  N N6    . DA  A 1 2  ? 17.655  -11.117 -24.418 1.00 130.54 ? 2   DA  A N6    1 
ATOM   37  N N1    . DA  A 1 2  ? 19.435  -9.644  -24.199 1.00 131.15 ? 2   DA  A N1    1 
ATOM   38  C C2    . DA  A 1 2  ? 20.641  -9.366  -23.684 1.00 131.08 ? 2   DA  A C2    1 
ATOM   39  N N3    . DA  A 1 2  ? 21.406  -10.112 -22.886 1.00 129.45 ? 2   DA  A N3    1 
ATOM   40  C C4    . DA  A 1 2  ? 20.810  -11.286 -22.612 1.00 127.93 ? 2   DA  A C4    1 
ATOM   41  P P     . DG  A 1 3  ? 24.722  -10.221 -17.230 1.00 159.45 ? 3   DG  A P     1 
ATOM   42  O OP1   . DG  A 1 3  ? 26.150  -10.066 -16.865 1.00 151.94 ? 3   DG  A OP1   1 
ATOM   43  O OP2   . DG  A 1 3  ? 23.781  -10.795 -16.239 1.00 151.81 ? 3   DG  A OP2   1 
ATOM   44  O "O5'" . DG  A 1 3  ? 24.153  -8.808  -17.720 1.00 146.44 ? 3   DG  A "O5'" 1 
ATOM   45  C "C5'" . DG  A 1 3  ? 24.738  -8.172  -18.844 1.00 140.97 ? 3   DG  A "C5'" 1 
ATOM   46  C "C4'" . DG  A 1 3  ? 23.800  -7.137  -19.437 1.00 143.23 ? 3   DG  A "C4'" 1 
ATOM   47  O "O4'" . DG  A 1 3  ? 22.741  -7.790  -20.173 1.00 142.31 ? 3   DG  A "O4'" 1 
ATOM   48  C "C3'" . DG  A 1 3  ? 23.123  -6.213  -18.426 1.00 143.11 ? 3   DG  A "C3'" 1 
ATOM   49  O "O3'" . DG  A 1 3  ? 23.405  -4.868  -18.777 1.00 146.09 ? 3   DG  A "O3'" 1 
ATOM   50  C "C2'" . DG  A 1 3  ? 21.623  -6.544  -18.555 1.00 140.40 ? 3   DG  A "C2'" 1 
ATOM   51  C "C1'" . DG  A 1 3  ? 21.535  -7.099  -19.969 1.00 136.83 ? 3   DG  A "C1'" 1 
ATOM   52  N N9    . DG  A 1 3  ? 20.445  -8.051  -20.186 1.00 130.93 ? 3   DG  A N9    1 
ATOM   53  C C8    . DG  A 1 3  ? 20.350  -9.324  -19.673 1.00 127.18 ? 3   DG  A C8    1 
ATOM   54  N N7    . DG  A 1 3  ? 19.290  -9.970  -20.063 1.00 120.02 ? 3   DG  A N7    1 
ATOM   55  C C5    . DG  A 1 3  ? 18.635  -9.073  -20.896 1.00 123.51 ? 3   DG  A C5    1 
ATOM   56  C C6    . DG  A 1 3  ? 17.423  -9.216  -21.606 1.00 124.41 ? 3   DG  A C6    1 
ATOM   57  O O6    . DG  A 1 3  ? 16.667  -10.200 -21.645 1.00 123.75 ? 3   DG  A O6    1 
ATOM   58  N N1    . DG  A 1 3  ? 17.114  -8.070  -22.334 1.00 123.97 ? 3   DG  A N1    1 
ATOM   59  C C2    . DG  A 1 3  ? 17.877  -6.925  -22.369 1.00 125.63 ? 3   DG  A C2    1 
ATOM   60  N N2    . DG  A 1 3  ? 17.407  -5.918  -23.125 1.00 125.54 ? 3   DG  A N2    1 
ATOM   61  N N3    . DG  A 1 3  ? 19.020  -6.775  -21.704 1.00 123.59 ? 3   DG  A N3    1 
ATOM   62  C C4    . DG  A 1 3  ? 19.335  -7.886  -20.990 1.00 125.09 ? 3   DG  A C4    1 
ATOM   63  P P     . DA  A 1 4  ? 23.160  -3.680  -17.727 1.00 154.76 ? 4   DA  A P     1 
ATOM   64  O OP1   . DA  A 1 4  ? 24.240  -2.683  -17.902 1.00 150.93 ? 4   DA  A OP1   1 
ATOM   65  O OP2   . DA  A 1 4  ? 22.939  -4.296  -16.397 1.00 150.06 ? 4   DA  A OP2   1 
ATOM   66  O "O5'" . DA  A 1 4  ? 21.798  -3.029  -18.242 1.00 135.23 ? 4   DA  A "O5'" 1 
ATOM   67  C "C5'" . DA  A 1 4  ? 21.653  -2.728  -19.614 1.00 133.04 ? 4   DA  A "C5'" 1 
ATOM   68  C "C4'" . DA  A 1 4  ? 20.209  -2.426  -19.943 1.00 134.93 ? 4   DA  A "C4'" 1 
ATOM   69  O "O4'" . DA  A 1 4  ? 19.485  -3.658  -20.128 1.00 132.36 ? 4   DA  A "O4'" 1 
ATOM   70  C "C3'" . DA  A 1 4  ? 19.461  -1.643  -18.867 1.00 133.91 ? 4   DA  A "C3'" 1 
ATOM   71  O "O3'" . DA  A 1 4  ? 19.052  -0.392  -19.397 1.00 134.78 ? 4   DA  A "O3'" 1 
ATOM   72  C "C2'" . DA  A 1 4  ? 18.265  -2.539  -18.496 1.00 134.15 ? 4   DA  A "C2'" 1 
ATOM   73  C "C1'" . DA  A 1 4  ? 18.168  -3.486  -19.681 1.00 129.56 ? 4   DA  A "C1'" 1 
ATOM   74  N N9    . DA  A 1 4  ? 17.639  -4.810  -19.355 1.00 125.55 ? 4   DA  A N9    1 
ATOM   75  C C8    . DA  A 1 4  ? 18.198  -5.735  -18.517 1.00 122.92 ? 4   DA  A C8    1 
ATOM   76  N N7    . DA  A 1 4  ? 17.514  -6.853  -18.429 1.00 120.86 ? 4   DA  A N7    1 
ATOM   77  C C5    . DA  A 1 4  ? 16.439  -6.655  -19.279 1.00 120.01 ? 4   DA  A C5    1 
ATOM   78  C C6    . DA  A 1 4  ? 15.342  -7.472  -19.637 1.00 119.43 ? 4   DA  A C6    1 
ATOM   79  N N6    . DA  A 1 4  ? 15.154  -8.704  -19.149 1.00 118.44 ? 4   DA  A N6    1 
ATOM   80  N N1    . DA  A 1 4  ? 14.446  -6.972  -20.514 1.00 120.78 ? 4   DA  A N1    1 
ATOM   81  C C2    . DA  A 1 4  ? 14.636  -5.737  -20.998 1.00 123.99 ? 4   DA  A C2    1 
ATOM   82  N N3    . DA  A 1 4  ? 15.624  -4.876  -20.740 1.00 125.11 ? 4   DA  A N3    1 
ATOM   83  C C4    . DA  A 1 4  ? 16.500  -5.402  -19.865 1.00 123.90 ? 4   DA  A C4    1 
ATOM   84  P P     . DA  A 1 5  ? 18.344  0.702   -18.459 1.00 143.68 ? 5   DA  A P     1 
ATOM   85  O OP1   . DA  A 1 5  ? 18.905  2.020   -18.833 1.00 144.01 ? 5   DA  A OP1   1 
ATOM   86  O OP2   . DA  A 1 5  ? 18.434  0.254   -17.050 1.00 138.46 ? 5   DA  A OP2   1 
ATOM   87  O "O5'" . DA  A 1 5  ? 16.813  0.635   -18.919 1.00 137.05 ? 5   DA  A "O5'" 1 
ATOM   88  C "C5'" . DA  A 1 5  ? 16.504  0.546   -20.306 1.00 135.39 ? 5   DA  A "C5'" 1 
ATOM   89  C "C4'" . DA  A 1 5  ? 15.036  0.229   -20.520 1.00 134.96 ? 5   DA  A "C4'" 1 
ATOM   90  O "O4'" . DA  A 1 5  ? 14.788  -1.179  -20.270 1.00 131.70 ? 5   DA  A "O4'" 1 
ATOM   91  C "C3'" . DA  A 1 5  ? 14.066  0.998   -19.626 1.00 135.80 ? 5   DA  A "C3'" 1 
ATOM   92  O "O3'" . DA  A 1 5  ? 12.947  1.407   -20.404 1.00 136.07 ? 5   DA  A "O3'" 1 
ATOM   93  C "C2'" . DA  A 1 5  ? 13.683  -0.034  -18.558 1.00 130.02 ? 5   DA  A "C2'" 1 
ATOM   94  C "C1'" . DA  A 1 5  ? 13.713  -1.323  -19.364 1.00 127.52 ? 5   DA  A "C1'" 1 
ATOM   95  N N9    . DA  A 1 5  ? 13.948  -2.531  -18.572 1.00 120.29 ? 5   DA  A N9    1 
ATOM   96  C C8    . DA  A 1 5  ? 14.978  -2.763  -17.703 1.00 120.24 ? 5   DA  A C8    1 
ATOM   97  N N7    . DA  A 1 5  ? 14.947  -3.954  -17.146 1.00 114.94 ? 5   DA  A N7    1 
ATOM   98  C C5    . DA  A 1 5  ? 13.823  -4.550  -17.696 1.00 115.04 ? 5   DA  A C5    1 
ATOM   99  C C6    . DA  A 1 5  ? 13.235  -5.822  -17.519 1.00 112.64 ? 5   DA  A C6    1 
ATOM   100 N N6    . DA  A 1 5  ? 13.730  -6.752  -16.701 1.00 114.14 ? 5   DA  A N6    1 
ATOM   101 N N1    . DA  A 1 5  ? 12.115  -6.099  -18.217 1.00 113.61 ? 5   DA  A N1    1 
ATOM   102 C C2    . DA  A 1 5  ? 11.623  -5.165  -19.040 1.00 122.66 ? 5   DA  A C2    1 
ATOM   103 N N3    . DA  A 1 5  ? 12.085  -3.938  -19.291 1.00 123.45 ? 5   DA  A N3    1 
ATOM   104 C C4    . DA  A 1 5  ? 13.198  -3.691  -18.581 1.00 120.28 ? 5   DA  A C4    1 
ATOM   105 P P     . DT  A 1 6  ? 11.830  2.382   -19.791 1.00 132.78 ? 6   DT  A P     1 
ATOM   106 O OP1   . DT  A 1 6  ? 11.488  3.392   -20.818 1.00 129.98 ? 6   DT  A OP1   1 
ATOM   107 O OP2   . DT  A 1 6  ? 12.300  2.833   -18.461 1.00 142.67 ? 6   DT  A OP2   1 
ATOM   108 O "O5'" . DT  A 1 6  ? 10.574  1.413   -19.600 1.00 133.40 ? 6   DT  A "O5'" 1 
ATOM   109 C "C5'" . DT  A 1 6  ? 10.165  0.588   -20.678 1.00 129.96 ? 6   DT  A "C5'" 1 
ATOM   110 C "C4'" . DT  A 1 6  ? 9.142   -0.444  -20.232 1.00 132.36 ? 6   DT  A "C4'" 1 
ATOM   111 O "O4'" . DT  A 1 6  ? 9.777   -1.483  -19.454 1.00 127.17 ? 6   DT  A "O4'" 1 
ATOM   112 C "C3'" . DT  A 1 6  ? 7.991   0.089   -19.378 1.00 138.28 ? 6   DT  A "C3'" 1 
ATOM   113 O "O3'" . DT  A 1 6  ? 6.766   -0.310  -19.973 1.00 144.86 ? 6   DT  A "O3'" 1 
ATOM   114 C "C2'" . DT  A 1 6  ? 8.210   -0.577  -18.007 1.00 131.83 ? 6   DT  A "C2'" 1 
ATOM   115 C "C1'" . DT  A 1 6  ? 8.911   -1.859  -18.414 1.00 125.57 ? 6   DT  A "C1'" 1 
ATOM   116 N N1    . DT  A 1 6  ? 9.734   -2.512  -17.342 1.00 119.64 ? 6   DT  A N1    1 
ATOM   117 C C2    . DT  A 1 6  ? 9.432   -3.799  -16.955 1.00 119.66 ? 6   DT  A C2    1 
ATOM   118 O O2    . DT  A 1 6  ? 8.497   -4.432  -17.411 1.00 125.08 ? 6   DT  A O2    1 
ATOM   119 N N3    . DT  A 1 6  ? 10.261  -4.322  -16.001 1.00 114.35 ? 6   DT  A N3    1 
ATOM   120 C C4    . DT  A 1 6  ? 11.344  -3.707  -15.409 1.00 113.94 ? 6   DT  A C4    1 
ATOM   121 O O4    . DT  A 1 6  ? 12.025  -4.267  -14.553 1.00 114.24 ? 6   DT  A O4    1 
ATOM   122 C C5    . DT  A 1 6  ? 11.619  -2.363  -15.867 1.00 114.45 ? 6   DT  A C5    1 
ATOM   123 C C7    . DT  A 1 6  ? 12.774  -1.595  -15.295 1.00 115.70 ? 6   DT  A C7    1 
ATOM   124 C C6    . DT  A 1 6  ? 10.816  -1.838  -16.808 1.00 114.76 ? 6   DT  A C6    1 
ATOM   125 P P     . DT  A 1 7  ? 5.366   0.268   -19.442 1.00 144.69 ? 7   DT  A P     1 
ATOM   126 O OP1   . DT  A 1 7  ? 4.491   0.456   -20.624 1.00 136.02 ? 7   DT  A OP1   1 
ATOM   127 O OP2   . DT  A 1 7  ? 5.666   1.424   -18.566 1.00 144.64 ? 7   DT  A OP2   1 
ATOM   128 O "O5'" . DT  A 1 7  ? 4.797   -0.929  -18.547 1.00 132.55 ? 7   DT  A "O5'" 1 
ATOM   129 C "C5'" . DT  A 1 7  ? 4.758   -2.243  -19.087 1.00 133.02 ? 7   DT  A "C5'" 1 
ATOM   130 C "C4'" . DT  A 1 7  ? 4.299   -3.248  -18.050 1.00 134.36 ? 7   DT  A "C4'" 1 
ATOM   131 O "O4'" . DT  A 1 7  ? 5.423   -3.674  -17.236 1.00 133.99 ? 7   DT  A "O4'" 1 
ATOM   132 C "C3'" . DT  A 1 7  ? 3.238   -2.735  -17.075 1.00 133.89 ? 7   DT  A "C3'" 1 
ATOM   133 O "O3'" . DT  A 1 7  ? 2.200   -3.694  -16.965 1.00 138.63 ? 7   DT  A "O3'" 1 
ATOM   134 C "C2'" . DT  A 1 7  ? 4.006   -2.586  -15.760 1.00 130.15 ? 7   DT  A "C2'" 1 
ATOM   135 C "C1'" . DT  A 1 7  ? 5.023   -3.705  -15.889 1.00 127.85 ? 7   DT  A "C1'" 1 
ATOM   136 N N1    . DT  A 1 7  ? 6.228   -3.532  -15.036 1.00 118.61 ? 7   DT  A N1    1 
ATOM   137 C C2    . DT  A 1 7  ? 6.654   -4.583  -14.258 1.00 119.26 ? 7   DT  A C2    1 
ATOM   138 O O2    . DT  A 1 7  ? 6.085   -5.660  -14.216 1.00 120.18 ? 7   DT  A O2    1 
ATOM   139 N N3    . DT  A 1 7  ? 7.774   -4.322  -13.514 1.00 115.92 ? 7   DT  A N3    1 
ATOM   140 C C4    . DT  A 1 7  ? 8.499   -3.147  -13.474 1.00 114.63 ? 7   DT  A C4    1 
ATOM   141 O O4    . DT  A 1 7  ? 9.495   -3.015  -12.770 1.00 111.25 ? 7   DT  A O4    1 
ATOM   142 C C5    . DT  A 1 7  ? 8.000   -2.087  -14.317 1.00 112.80 ? 7   DT  A C5    1 
ATOM   143 C C7    . DT  A 1 7  ? 8.701   -0.763  -14.356 1.00 114.25 ? 7   DT  A C7    1 
ATOM   144 C C6    . DT  A 1 7  ? 6.902   -2.328  -15.050 1.00 115.96 ? 7   DT  A C6    1 
ATOM   145 P P     . DC  A 1 8  ? 0.799   -3.304  -16.291 1.00 146.93 ? 8   DC  A P     1 
ATOM   146 O OP1   . DC  A 1 8  ? -0.274  -3.639  -17.256 1.00 142.49 ? 8   DC  A OP1   1 
ATOM   147 O OP2   . DC  A 1 8  ? 0.911   -1.917  -15.783 1.00 145.54 ? 8   DC  A OP2   1 
ATOM   148 O "O5'" . DC  A 1 8  ? 0.697   -4.305  -15.050 1.00 127.48 ? 8   DC  A "O5'" 1 
ATOM   149 C "C5'" . DC  A 1 8  ? 0.618   -5.695  -15.291 1.00 125.83 ? 8   DC  A "C5'" 1 
ATOM   150 C "C4'" . DC  A 1 8  ? 1.093   -6.473  -14.084 1.00 131.75 ? 8   DC  A "C4'" 1 
ATOM   151 O "O4'" . DC  A 1 8  ? 2.436   -6.062  -13.733 1.00 131.37 ? 8   DC  A "O4'" 1 
ATOM   152 C "C3'" . DC  A 1 8  ? 0.244   -6.293  -12.820 1.00 127.64 ? 8   DC  A "C3'" 1 
ATOM   153 O "O3'" . DC  A 1 8  ? -0.129  -7.569  -12.326 1.00 129.39 ? 8   DC  A "O3'" 1 
ATOM   154 C "C2'" . DC  A 1 8  ? 1.177   -5.554  -11.850 1.00 125.29 ? 8   DC  A "C2'" 1 
ATOM   155 C "C1'" . DC  A 1 8  ? 2.542   -6.009  -12.331 1.00 124.50 ? 8   DC  A "C1'" 1 
ATOM   156 N N1    . DC  A 1 8  ? 3.652   -5.082  -11.980 1.00 120.51 ? 8   DC  A N1    1 
ATOM   157 C C2    . DC  A 1 8  ? 4.650   -5.489  -11.075 1.00 116.64 ? 8   DC  A C2    1 
ATOM   158 O O2    . DC  A 1 8  ? 4.580   -6.617  -10.560 1.00 114.36 ? 8   DC  A O2    1 
ATOM   159 N N3    . DC  A 1 8  ? 5.654   -4.626  -10.778 1.00 109.73 ? 8   DC  A N3    1 
ATOM   160 C C4    . DC  A 1 8  ? 5.687   -3.418  -11.347 1.00 112.57 ? 8   DC  A C4    1 
ATOM   161 N N4    . DC  A 1 8  ? 6.695   -2.603  -11.025 1.00 111.82 ? 8   DC  A N4    1 
ATOM   162 C C5    . DC  A 1 8  ? 4.687   -2.992  -12.273 1.00 114.67 ? 8   DC  A C5    1 
ATOM   163 C C6    . DC  A 1 8  ? 3.702   -3.849  -12.560 1.00 118.79 ? 8   DC  A C6    1 
ATOM   164 P P     . DC  A 1 9  ? -0.909  -7.713  -10.931 1.00 144.15 ? 9   DC  A P     1 
ATOM   165 O OP1   . DC  A 1 9  ? -1.648  -8.995  -10.987 1.00 140.96 ? 9   DC  A OP1   1 
ATOM   166 O OP2   . DC  A 1 9  ? -1.645  -6.452  -10.673 1.00 139.06 ? 9   DC  A OP2   1 
ATOM   167 O "O5'" . DC  A 1 9  ? 0.267   -7.854  -9.856  1.00 129.09 ? 9   DC  A "O5'" 1 
ATOM   168 C "C5'" . DC  A 1 9  ? 1.256   -8.851  -10.031 1.00 122.00 ? 9   DC  A "C5'" 1 
ATOM   169 C "C4'" . DC  A 1 9  ? 1.957   -9.170  -8.721  1.00 125.12 ? 9   DC  A "C4'" 1 
ATOM   170 O "O4'" . DC  A 1 9  ? 3.073   -8.263  -8.523  1.00 121.88 ? 9   DC  A "O4'" 1 
ATOM   171 C "C3'" . DC  A 1 9  ? 1.098   -9.066  -7.459  1.00 126.07 ? 9   DC  A "C3'" 1 
ATOM   172 O "O3'" . DC  A 1 9  ? 1.425   -10.152 -6.579  1.00 128.44 ? 9   DC  A "O3'" 1 
ATOM   173 C "C2'" . DC  A 1 9  ? 1.508   -7.707  -6.879  1.00 123.04 ? 9   DC  A "C2'" 1 
ATOM   174 C "C1'" . DC  A 1 9  ? 2.986   -7.669  -7.244  1.00 120.80 ? 9   DC  A "C1'" 1 
ATOM   175 N N1    . DC  A 1 9  ? 3.587   -6.293  -7.338  1.00 113.12 ? 9   DC  A N1    1 
ATOM   176 C C2    . DC  A 1 9  ? 4.713   -5.968  -6.564  1.00 105.05 ? 9   DC  A C2    1 
ATOM   177 O O2    . DC  A 1 9  ? 5.171   -6.811  -5.782  1.00 105.89 ? 9   DC  A O2    1 
ATOM   178 N N3    . DC  A 1 9  ? 5.261   -4.732  -6.686  1.00 102.66 ? 9   DC  A N3    1 
ATOM   179 C C4    . DC  A 1 9  ? 4.738   -3.851  -7.539  1.00 105.23 ? 9   DC  A C4    1 
ATOM   180 N N4    . DC  A 1 9  ? 5.311   -2.642  -7.626  1.00 105.35 ? 9   DC  A N4    1 
ATOM   181 C C5    . DC  A 1 9  ? 3.599   -4.166  -8.340  1.00 112.84 ? 9   DC  A C5    1 
ATOM   182 C C6    . DC  A 1 9  ? 3.067   -5.388  -8.216  1.00 112.78 ? 9   DC  A C6    1 
ATOM   183 P P     . DT  A 1 10 ? 0.855   -10.206 -5.075  1.00 143.19 ? 10  DT  A P     1 
ATOM   184 O OP1   . DT  A 1 10 ? 0.933   -11.610 -4.598  1.00 121.73 ? 10  DT  A OP1   1 
ATOM   185 O OP2   . DT  A 1 10 ? -0.436  -9.479  -5.059  1.00 139.78 ? 10  DT  A OP2   1 
ATOM   186 O "O5'" . DT  A 1 10 ? 1.921   -9.361  -4.239  1.00 126.51 ? 10  DT  A "O5'" 1 
ATOM   187 C "C5'" . DT  A 1 10 ? 3.263   -9.823  -4.133  1.00 122.16 ? 10  DT  A "C5'" 1 
ATOM   188 C "C4'" . DT  A 1 10 ? 3.779   -9.619  -2.726  1.00 120.05 ? 10  DT  A "C4'" 1 
ATOM   189 O "O4'" . DT  A 1 10 ? 4.585   -8.409  -2.675  1.00 113.88 ? 10  DT  A "O4'" 1 
ATOM   190 C "C3'" . DT  A 1 10 ? 2.685   -9.436  -1.685  1.00 122.29 ? 10  DT  A "C3'" 1 
ATOM   191 O "O3'" . DT  A 1 10 ? 3.089   -9.997  -0.448  1.00 127.77 ? 10  DT  A "O3'" 1 
ATOM   192 C "C2'" . DT  A 1 10 ? 2.561   -7.922  -1.603  1.00 119.76 ? 10  DT  A "C2'" 1 
ATOM   193 C "C1'" . DT  A 1 10 ? 4.011   -7.492  -1.767  1.00 113.21 ? 10  DT  A "C1'" 1 
ATOM   194 N N1    . DT  A 1 10 ? 4.161   -6.117  -2.322  1.00 104.81 ? 10  DT  A N1    1 
ATOM   195 C C2    . DT  A 1 10 ? 5.163   -5.294  -1.847  1.00 101.72 ? 10  DT  A C2    1 
ATOM   196 O O2    . DT  A 1 10 ? 5.959   -5.632  -0.985  1.00 97.53  ? 10  DT  A O2    1 
ATOM   197 N N3    . DT  A 1 10 ? 5.199   -4.047  -2.426  1.00 95.20  ? 10  DT  A N3    1 
ATOM   198 C C4    . DT  A 1 10 ? 4.357   -3.556  -3.398  1.00 93.74  ? 10  DT  A C4    1 
ATOM   199 O O4    . DT  A 1 10 ? 4.473   -2.422  -3.852  1.00 95.22  ? 10  DT  A O4    1 
ATOM   200 C C5    . DT  A 1 10 ? 3.330   -4.468  -3.844  1.00 98.17  ? 10  DT  A C5    1 
ATOM   201 C C7    . DT  A 1 10 ? 2.357   -4.044  -4.902  1.00 110.52 ? 10  DT  A C7    1 
ATOM   202 C C6    . DT  A 1 10 ? 3.280   -5.687  -3.291  1.00 98.86  ? 10  DT  A C6    1 
ATOM   203 P P     . DG  A 1 11 ? 1.985   -10.440 0.635   1.00 140.86 ? 11  DG  A P     1 
ATOM   204 O OP1   . DG  A 1 11 ? 1.518   -11.792 0.251   1.00 136.85 ? 11  DG  A OP1   1 
ATOM   205 O OP2   . DG  A 1 11 ? 1.015   -9.324  0.782   1.00 119.45 ? 11  DG  A OP2   1 
ATOM   206 O "O5'" . DG  A 1 11 ? 2.818   -10.564 1.999   1.00 132.92 ? 11  DG  A "O5'" 1 
ATOM   207 C "C5'" . DG  A 1 11 ? 4.191   -10.167 2.037   1.00 128.71 ? 11  DG  A "C5'" 1 
ATOM   208 C "C4'" . DG  A 1 11 ? 4.412   -9.061  3.059   1.00 121.57 ? 11  DG  A "C4'" 1 
ATOM   209 O "O4'" . DG  A 1 11 ? 4.567   -7.783  2.377   1.00 120.30 ? 11  DG  A "O4'" 1 
ATOM   210 C "C3'" . DG  A 1 11 ? 3.268   -8.853  4.051   1.00 115.11 ? 11  DG  A "C3'" 1 
ATOM   211 O "O3'" . DG  A 1 11 ? 3.794   -8.439  5.293   1.00 119.52 ? 11  DG  A "O3'" 1 
ATOM   212 C "C2'" . DG  A 1 11 ? 2.487   -7.725  3.398   1.00 108.97 ? 11  DG  A "C2'" 1 
ATOM   213 C "C1'" . DG  A 1 11 ? 3.638   -6.870  2.913   1.00 107.17 ? 11  DG  A "C1'" 1 
ATOM   214 N N9    . DG  A 1 11 ? 3.255   -5.901  1.895   1.00 98.97  ? 11  DG  A N9    1 
ATOM   215 C C8    . DG  A 1 11 ? 2.234   -6.016  0.989   1.00 101.32 ? 11  DG  A C8    1 
ATOM   216 N N7    . DG  A 1 11 ? 2.113   -4.978  0.208   1.00 100.99 ? 11  DG  A N7    1 
ATOM   217 C C5    . DG  A 1 11 ? 3.112   -4.113  0.637   1.00 98.95  ? 11  DG  A C5    1 
ATOM   218 C C6    . DG  A 1 11 ? 3.472   -2.827  0.168   1.00 96.17  ? 11  DG  A C6    1 
ATOM   219 O O6    . DG  A 1 11 ? 2.960   -2.176  -0.753  1.00 98.76  ? 11  DG  A O6    1 
ATOM   220 N N1    . DG  A 1 11 ? 4.547   -2.298  0.882   1.00 91.11  ? 11  DG  A N1    1 
ATOM   221 C C2    . DG  A 1 11 ? 5.190   -2.932  1.918   1.00 95.60  ? 11  DG  A C2    1 
ATOM   222 N N2    . DG  A 1 11 ? 6.205   -2.270  2.493   1.00 91.34  ? 11  DG  A N2    1 
ATOM   223 N N3    . DG  A 1 11 ? 4.860   -4.138  2.367   1.00 96.56  ? 11  DG  A N3    1 
ATOM   224 C C4    . DG  A 1 11 ? 3.819   -4.667  1.680   1.00 97.07  ? 11  DG  A C4    1 
ATOM   225 P P     . DA  A 1 12 ? 2.907   -8.554  6.626   1.00 132.22 ? 12  DA  A P     1 
ATOM   226 O OP1   . DA  A 1 12 ? 3.360   -9.806  7.281   1.00 114.37 ? 12  DA  A OP1   1 
ATOM   227 O OP2   . DA  A 1 12 ? 1.476   -8.348  6.280   1.00 116.72 ? 12  DA  A OP2   1 
ATOM   228 O "O5'" . DA  A 1 12 ? 3.371   -7.299  7.509   1.00 114.19 ? 12  DA  A "O5'" 1 
ATOM   229 C "C5'" . DA  A 1 12 ? 4.647   -7.318  8.132   1.00 111.49 ? 12  DA  A "C5'" 1 
ATOM   230 C "C4'" . DA  A 1 12 ? 5.281   -5.941  8.116   1.00 106.08 ? 12  DA  A "C4'" 1 
ATOM   231 O "O4'" . DA  A 1 12 ? 4.993   -5.282  6.858   1.00 104.44 ? 12  DA  A "O4'" 1 
ATOM   232 C "C3'" . DA  A 1 12 ? 4.799   -4.989  9.199   1.00 109.33 ? 12  DA  A "C3'" 1 
ATOM   233 O "O3'" . DA  A 1 12 ? 5.900   -4.218  9.650   1.00 113.96 ? 12  DA  A "O3'" 1 
ATOM   234 C "C2'" . DA  A 1 12 ? 3.765   -4.132  8.460   1.00 108.53 ? 12  DA  A "C2'" 1 
ATOM   235 C "C1'" . DA  A 1 12 ? 4.408   -4.022  7.093   1.00 95.05  ? 12  DA  A "C1'" 1 
ATOM   236 N N9    . DA  A 1 12 ? 3.478   -3.758  5.991   1.00 95.49  ? 12  DA  A N9    1 
ATOM   237 C C8    . DA  A 1 12 ? 2.547   -4.623  5.485   1.00 98.72  ? 12  DA  A C8    1 
ATOM   238 N N7    . DA  A 1 12 ? 1.867   -4.139  4.468   1.00 94.20  ? 12  DA  A N7    1 
ATOM   239 C C5    . DA  A 1 12 ? 2.399   -2.874  4.280   1.00 92.82  ? 12  DA  A C5    1 
ATOM   240 C C6    . DA  A 1 12 ? 2.107   -1.847  3.349   1.00 95.95  ? 12  DA  A C6    1 
ATOM   241 N N6    . DA  A 1 12 ? 1.168   -1.957  2.401   1.00 92.21  ? 12  DA  A N6    1 
ATOM   242 N N1    . DA  A 1 12 ? 2.819   -0.698  3.438   1.00 94.66  ? 12  DA  A N1    1 
ATOM   243 C C2    . DA  A 1 12 ? 3.762   -0.594  4.393   1.00 96.06  ? 12  DA  A C2    1 
ATOM   244 N N3    . DA  A 1 12 ? 4.129   -1.494  5.319   1.00 89.85  ? 12  DA  A N3    1 
ATOM   245 C C4    . DA  A 1 12 ? 3.401   -2.621  5.206   1.00 92.16  ? 12  DA  A C4    1 
ATOM   246 P P     . DC  A 1 13 ? 5.808   -3.391  11.023  1.00 126.90 ? 13  DC  A P     1 
ATOM   247 O OP1   . DC  A 1 13 ? 7.190   -3.174  11.509  1.00 121.01 ? 13  DC  A OP1   1 
ATOM   248 O OP2   . DC  A 1 13 ? 4.814   -4.066  11.890  1.00 118.49 ? 13  DC  A OP2   1 
ATOM   249 O "O5'" . DC  A 1 13 ? 5.230   -1.980  10.552  1.00 112.46 ? 13  DC  A "O5'" 1 
ATOM   250 C "C5'" . DC  A 1 13 ? 5.745   -1.393  9.368   1.00 111.03 ? 13  DC  A "C5'" 1 
ATOM   251 C "C4'" . DC  A 1 13 ? 5.437   0.081   9.322   1.00 109.69 ? 13  DC  A "C4'" 1 
ATOM   252 O "O4'" . DC  A 1 13 ? 4.618   0.369   8.158   1.00 108.15 ? 13  DC  A "O4'" 1 
ATOM   253 C "C3'" . DC  A 1 13 ? 4.654   0.597   10.509  1.00 114.50 ? 13  DC  A "C3'" 1 
ATOM   254 O "O3'" . DC  A 1 13 ? 5.010   1.943   10.745  1.00 124.31 ? 13  DC  A "O3'" 1 
ATOM   255 C "C2'" . DC  A 1 13 ? 3.215   0.468   10.025  1.00 111.60 ? 13  DC  A "C2'" 1 
ATOM   256 C "C1'" . DC  A 1 13 ? 3.355   0.838   8.558   1.00 97.10  ? 13  DC  A "C1'" 1 
ATOM   257 N N1    . DC  A 1 13 ? 2.328   0.204   7.702   1.00 90.59  ? 13  DC  A N1    1 
ATOM   258 C C2    . DC  A 1 13 ? 1.757   0.927   6.649   1.00 90.92  ? 13  DC  A C2    1 
ATOM   259 O O2    . DC  A 1 13 ? 2.132   2.088   6.443   1.00 93.97  ? 13  DC  A O2    1 
ATOM   260 N N3    . DC  A 1 13 ? 0.806   0.334   5.885   1.00 88.93  ? 13  DC  A N3    1 
ATOM   261 C C4    . DC  A 1 13 ? 0.429   -0.919  6.143   1.00 89.50  ? 13  DC  A C4    1 
ATOM   262 N N4    . DC  A 1 13 ? -0.514  -1.461  5.365   1.00 89.97  ? 13  DC  A N4    1 
ATOM   263 C C5    . DC  A 1 13 ? 0.997   -1.670  7.217   1.00 87.63  ? 13  DC  A C5    1 
ATOM   264 C C6    . DC  A 1 13 ? 1.933   -1.075  7.962   1.00 90.80  ? 13  DC  A C6    1 
ATOM   265 P P     . DG  A 1 14 ? 4.602   2.671   12.116  1.00 131.31 ? 14  DG  A P     1 
ATOM   266 O OP1   . DG  A 1 14 ? 5.833   2.834   12.925  1.00 126.86 ? 14  DG  A OP1   1 
ATOM   267 O OP2   . DG  A 1 14 ? 3.442   1.959   12.704  1.00 115.21 ? 14  DG  A OP2   1 
ATOM   268 O "O5'" . DG  A 1 14 ? 4.108   4.098   11.608  1.00 107.31 ? 14  DG  A "O5'" 1 
ATOM   269 C "C5'" . DG  A 1 14 ? 4.655   4.637   10.414  1.00 113.36 ? 14  DG  A "C5'" 1 
ATOM   270 C "C4'" . DG  A 1 14 ? 3.684   5.608   9.766   1.00 121.13 ? 14  DG  A "C4'" 1 
ATOM   271 O "O4'" . DG  A 1 14 ? 2.783   4.889   8.869   1.00 115.86 ? 14  DG  A "O4'" 1 
ATOM   272 C "C3'" . DG  A 1 14 ? 2.785   6.354   10.746  1.00 122.24 ? 14  DG  A "C3'" 1 
ATOM   273 O "O3'" . DG  A 1 14 ? 2.559   7.670   10.283  1.00 125.08 ? 14  DG  A "O3'" 1 
ATOM   274 C "C2'" . DG  A 1 14 ? 1.507   5.528   10.708  1.00 117.88 ? 14  DG  A "C2'" 1 
ATOM   275 C "C1'" . DG  A 1 14 ? 1.448   5.151   9.241   1.00 104.91 ? 14  DG  A "C1'" 1 
ATOM   276 N N9    . DG  A 1 14 ? 0.629   3.966   8.993   1.00 96.69  ? 14  DG  A N9    1 
ATOM   277 C C8    . DG  A 1 14 ? 0.619   2.792   9.718   1.00 94.35  ? 14  DG  A C8    1 
ATOM   278 N N7    . DG  A 1 14 ? -0.242  1.914   9.272   1.00 87.77  ? 14  DG  A N7    1 
ATOM   279 C C5    . DG  A 1 14 ? -0.841  2.554   8.186   1.00 92.43  ? 14  DG  A C5    1 
ATOM   280 C C6    . DG  A 1 14 ? -1.852  2.105   7.296   1.00 93.58  ? 14  DG  A C6    1 
ATOM   281 O O6    . DG  A 1 14 ? -2.443  1.013   7.288   1.00 94.24  ? 14  DG  A O6    1 
ATOM   282 N N1    . DG  A 1 14 ? -2.169  3.074   6.339   1.00 90.92  ? 14  DG  A N1    1 
ATOM   283 C C2    . DG  A 1 14 ? -1.579  4.314   6.258   1.00 97.04  ? 14  DG  A C2    1 
ATOM   284 N N2    . DG  A 1 14 ? -2.005  5.125   5.273   1.00 98.94  ? 14  DG  A N2    1 
ATOM   285 N N3    . DG  A 1 14 ? -0.632  4.740   7.084   1.00 93.47  ? 14  DG  A N3    1 
ATOM   286 C C4    . DG  A 1 14 ? -0.314  3.816   8.011   1.00 89.27  ? 14  DG  A C4    1 
ATOM   287 P P     . DG  A 1 15 ? 1.936   8.782   11.262  1.00 131.00 ? 15  DG  A P     1 
ATOM   288 O OP1   . DG  A 1 15 ? 3.072   9.506   11.878  1.00 131.05 ? 15  DG  A OP1   1 
ATOM   289 O OP2   . DG  A 1 15 ? 0.913   8.154   12.134  1.00 121.55 ? 15  DG  A OP2   1 
ATOM   290 O "O5'" . DG  A 1 15 ? 1.176   9.751   10.252  1.00 116.53 ? 15  DG  A "O5'" 1 
ATOM   291 C "C5'" . DG  A 1 15 ? 1.171   9.447   8.864   1.00 119.51 ? 15  DG  A "C5'" 1 
ATOM   292 C "C4'" . DG  A 1 15 ? -0.231  9.551   8.295   1.00 120.93 ? 15  DG  A "C4'" 1 
ATOM   293 O "O4'" . DG  A 1 15 ? -0.790  8.219   8.097   1.00 117.55 ? 15  DG  A "O4'" 1 
ATOM   294 C "C3'" . DG  A 1 15 ? -1.241  10.289  9.180   1.00 115.46 ? 15  DG  A "C3'" 1 
ATOM   295 O "O3'" . DG  A 1 15 ? -2.141  10.996  8.350   1.00 113.62 ? 15  DG  A "O3'" 1 
ATOM   296 C "C2'" . DG  A 1 15 ? -1.942  9.136   9.881   1.00 108.16 ? 15  DG  A "C2'" 1 
ATOM   297 C "C1'" . DG  A 1 15 ? -2.055  8.179   8.714   1.00 106.94 ? 15  DG  A "C1'" 1 
ATOM   298 N N9    . DG  A 1 15 ? -2.381  6.810   9.087   1.00 99.51  ? 15  DG  A N9    1 
ATOM   299 C C8    . DG  A 1 15 ? -1.809  6.051   10.078  1.00 99.25  ? 15  DG  A C8    1 
ATOM   300 N N7    . DG  A 1 15 ? -2.328  4.855   10.177  1.00 94.48  ? 15  DG  A N7    1 
ATOM   301 C C5    . DG  A 1 15 ? -3.301  4.826   9.184   1.00 94.22  ? 15  DG  A C5    1 
ATOM   302 C C6    . DG  A 1 15 ? -4.194  3.797   8.807   1.00 90.41  ? 15  DG  A C6    1 
ATOM   303 O O6    . DG  A 1 15 ? -4.305  2.663   9.290   1.00 91.96  ? 15  DG  A O6    1 
ATOM   304 N N1    . DG  A 1 15 ? -5.019  4.191   7.757   1.00 88.22  ? 15  DG  A N1    1 
ATOM   305 C C2    . DG  A 1 15 ? -4.984  5.424   7.148   1.00 92.41  ? 15  DG  A C2    1 
ATOM   306 N N2    . DG  A 1 15 ? -5.855  5.630   6.147   1.00 91.19  ? 15  DG  A N2    1 
ATOM   307 N N3    . DG  A 1 15 ? -4.154  6.393   7.492   1.00 92.38  ? 15  DG  A N3    1 
ATOM   308 C C4    . DG  A 1 15 ? -3.346  6.025   8.513   1.00 95.84  ? 15  DG  A C4    1 
ATOM   309 P P     . DA  A 1 16 ? -3.304  11.908  8.976   1.00 119.53 ? 16  DA  A P     1 
ATOM   310 O OP1   . DA  A 1 16 ? -2.641  12.947  9.798   1.00 127.90 ? 16  DA  A OP1   1 
ATOM   311 O OP2   . DA  A 1 16 ? -4.342  11.051  9.588   1.00 110.37 ? 16  DA  A OP2   1 
ATOM   312 O "O5'" . DA  A 1 16 ? -3.969  12.560  7.682   1.00 107.47 ? 16  DA  A "O5'" 1 
ATOM   313 C "C5'" . DA  A 1 16 ? -4.084  11.787  6.495   1.00 110.18 ? 16  DA  A "C5'" 1 
ATOM   314 C "C4'" . DA  A 1 16 ? -5.498  11.253  6.318   1.00 110.78 ? 16  DA  A "C4'" 1 
ATOM   315 O "O4'" . DA  A 1 16 ? -5.580  9.883   6.781   1.00 108.37 ? 16  DA  A "O4'" 1 
ATOM   316 C "C3'" . DA  A 1 16 ? -6.582  12.022  7.069   1.00 112.30 ? 16  DA  A "C3'" 1 
ATOM   317 O "O3'" . DA  A 1 16 ? -7.599  12.400  6.169   1.00 115.62 ? 16  DA  A "O3'" 1 
ATOM   318 C "C2'" . DA  A 1 16 ? -7.095  11.017  8.109   1.00 106.37 ? 16  DA  A "C2'" 1 
ATOM   319 C "C1'" . DA  A 1 16 ? -6.811  9.693   7.427   1.00 100.48 ? 16  DA  A "C1'" 1 
ATOM   320 N N9    . DA  A 1 16 ? -6.669  8.564   8.345   1.00 98.79  ? 16  DA  A N9    1 
ATOM   321 C C8    . DA  A 1 16 ? -5.733  8.422   9.330   1.00 104.02 ? 16  DA  A C8    1 
ATOM   322 N N7    . DA  A 1 16 ? -5.825  7.293   9.998   1.00 100.88 ? 16  DA  A N7    1 
ATOM   323 C C5    . DA  A 1 16 ? -6.891  6.643   9.404   1.00 97.33  ? 16  DA  A C5    1 
ATOM   324 C C6    . DA  A 1 16 ? -7.492  5.398   9.650   1.00 91.51  ? 16  DA  A C6    1 
ATOM   325 N N6    . DA  A 1 16 ? -7.082  4.565   10.605  1.00 94.77  ? 16  DA  A N6    1 
ATOM   326 N N1    . DA  A 1 16 ? -8.532  5.041   8.879   1.00 88.40  ? 16  DA  A N1    1 
ATOM   327 C C2    . DA  A 1 16 ? -8.949  5.882   7.923   1.00 93.17  ? 16  DA  A C2    1 
ATOM   328 N N3    . DA  A 1 16 ? -8.465  7.083   7.593   1.00 96.37  ? 16  DA  A N3    1 
ATOM   329 C C4    . DA  A 1 16 ? -7.424  7.407   8.379   1.00 97.77  ? 16  DA  A C4    1 
ATOM   330 P P     . DA  A 1 17 ? -8.687  13.496  6.605   1.00 125.91 ? 17  DA  A P     1 
ATOM   331 O OP1   . DA  A 1 17 ? -8.749  14.491  5.508   1.00 119.31 ? 17  DA  A OP1   1 
ATOM   332 O OP2   . DA  A 1 17 ? -8.382  13.909  8.001   1.00 111.62 ? 17  DA  A OP2   1 
ATOM   333 O "O5'" . DA  A 1 17 ? -10.061 12.681  6.621   1.00 114.47 ? 17  DA  A "O5'" 1 
ATOM   334 C "C5'" . DA  A 1 17 ? -10.548 12.107  5.418   1.00 105.74 ? 17  DA  A "C5'" 1 
ATOM   335 C "C4'" . DA  A 1 17 ? -11.562 11.022  5.717   1.00 105.28 ? 17  DA  A "C4'" 1 
ATOM   336 O "O4'" . DA  A 1 17 ? -10.969 10.021  6.584   1.00 106.65 ? 17  DA  A "O4'" 1 
ATOM   337 C "C3'" . DA  A 1 17 ? -12.830 11.491  6.417   1.00 105.77 ? 17  DA  A "C3'" 1 
ATOM   338 O "O3'" . DA  A 1 17 ? -13.951 10.902  5.767   1.00 103.56 ? 17  DA  A "O3'" 1 
ATOM   339 C "C2'" . DA  A 1 17 ? -12.655 10.986  7.863   1.00 103.96 ? 17  DA  A "C2'" 1 
ATOM   340 C "C1'" . DA  A 1 17 ? -11.849 9.721   7.640   1.00 98.16  ? 17  DA  A "C1'" 1 
ATOM   341 N N9    . DA  A 1 17 ? -11.027 9.289   8.770   1.00 103.11 ? 17  DA  A N9    1 
ATOM   342 C C8    . DA  A 1 17 ? -9.986  9.967   9.342   1.00 104.67 ? 17  DA  A C8    1 
ATOM   343 N N7    . DA  A 1 17 ? -9.396  9.313   10.321  1.00 98.61  ? 17  DA  A N7    1 
ATOM   344 C C5    . DA  A 1 17 ? -10.087 8.114   10.382  1.00 95.62  ? 17  DA  A C5    1 
ATOM   345 C C6    . DA  A 1 17 ? -9.950  6.979   11.205  1.00 99.24  ? 17  DA  A C6    1 
ATOM   346 N N6    . DA  A 1 17 ? -9.027  6.871   12.168  1.00 103.79 ? 17  DA  A N6    1 
ATOM   347 N N1    . DA  A 1 17 ? -10.807 5.955   11.004  1.00 96.83  ? 17  DA  A N1    1 
ATOM   348 C C2    . DA  A 1 17 ? -11.730 6.063   10.045  1.00 90.94  ? 17  DA  A C2    1 
ATOM   349 N N3    . DA  A 1 17 ? -11.950 7.070   9.207   1.00 99.32  ? 17  DA  A N3    1 
ATOM   350 C C4    . DA  A 1 17 ? -11.088 8.076   9.428   1.00 100.89 ? 17  DA  A C4    1 
ATOM   351 P P     . DA  A 1 18 ? -15.447 11.323  6.170   1.00 115.77 ? 18  DA  A P     1 
ATOM   352 O OP1   . DA  A 1 18 ? -16.264 11.237  4.938   1.00 110.11 ? 18  DA  A OP1   1 
ATOM   353 O OP2   . DA  A 1 18 ? -15.385 12.570  6.970   1.00 107.15 ? 18  DA  A OP2   1 
ATOM   354 O "O5'" . DA  A 1 18 ? -15.908 10.157  7.152   1.00 108.59 ? 18  DA  A "O5'" 1 
ATOM   355 C "C5'" . DA  A 1 18 ? -15.316 8.877   7.037   1.00 105.68 ? 18  DA  A "C5'" 1 
ATOM   356 C "C4'" . DA  A 1 18 ? -16.272 7.796   7.479   1.00 102.03 ? 18  DA  A "C4'" 1 
ATOM   357 O "O4'" . DA  A 1 18 ? -15.708 7.086   8.595   1.00 99.91  ? 18  DA  A "O4'" 1 
ATOM   358 C "C3'" . DA  A 1 18 ? -17.609 8.279   7.989   1.00 98.03  ? 18  DA  A "C3'" 1 
ATOM   359 O "O3'" . DA  A 1 18 ? -18.529 7.189   7.913   1.00 93.63  ? 18  DA  A "O3'" 1 
ATOM   360 C "C2'" . DA  A 1 18 ? -17.267 8.666   9.434   1.00 93.99  ? 18  DA  A "C2'" 1 
ATOM   361 C "C1'" . DA  A 1 18 ? -16.230 7.609   9.810   1.00 96.26  ? 18  DA  A "C1'" 1 
ATOM   362 N N9    . DA  A 1 18 ? -15.096 8.099   10.594  1.00 96.36  ? 18  DA  A N9    1 
ATOM   363 C C8    . DA  A 1 18 ? -14.468 9.313   10.499  1.00 95.12  ? 18  DA  A C8    1 
ATOM   364 N N7    . DA  A 1 18 ? -13.447 9.444   11.321  1.00 93.17  ? 18  DA  A N7    1 
ATOM   365 C C5    . DA  A 1 18 ? -13.388 8.220   11.974  1.00 93.60  ? 18  DA  A C5    1 
ATOM   366 C C6    . DA  A 1 18 ? -12.524 7.702   12.965  1.00 97.75  ? 18  DA  A C6    1 
ATOM   367 N N6    . DA  A 1 18 ? -11.507 8.392   13.490  1.00 98.98  ? 18  DA  A N6    1 
ATOM   368 N N1    . DA  A 1 18 ? -12.747 6.437   13.395  1.00 96.21  ? 18  DA  A N1    1 
ATOM   369 C C2    . DA  A 1 18 ? -13.761 5.749   12.865  1.00 96.42  ? 18  DA  A C2    1 
ATOM   370 N N3    . DA  A 1 18 ? -14.634 6.128   11.937  1.00 97.63  ? 18  DA  A N3    1 
ATOM   371 C C4    . DA  A 1 18 ? -14.391 7.383   11.530  1.00 95.68  ? 18  DA  A C4    1 
ATOM   372 P P     . DT  A 1 19 ? -19.862 7.143   8.802   1.00 101.34 ? 19  DT  A P     1 
ATOM   373 O OP1   . DT  A 1 19 ? -20.725 6.104   8.186   1.00 92.45  ? 19  DT  A OP1   1 
ATOM   374 O OP2   . DT  A 1 19 ? -20.359 8.533   8.990   1.00 105.24 ? 19  DT  A OP2   1 
ATOM   375 O "O5'" . DT  A 1 19 ? -19.379 6.513   10.189  1.00 80.70  ? 19  DT  A "O5'" 1 
ATOM   376 C "C5'" . DT  A 1 19 ? -19.203 5.125   10.263  1.00 87.17  ? 19  DT  A "C5'" 1 
ATOM   377 C "C4'" . DT  A 1 19 ? -18.901 4.675   11.675  1.00 92.51  ? 19  DT  A "C4'" 1 
ATOM   378 O "O4'" . DT  A 1 19 ? -17.795 5.417   12.212  1.00 94.17  ? 19  DT  A "O4'" 1 
ATOM   379 C "C3'" . DT  A 1 19 ? -20.042 4.832   12.673  1.00 94.97  ? 19  DT  A "C3'" 1 
ATOM   380 O "O3'" . DT  A 1 19 ? -20.366 3.543   13.151  1.00 93.96  ? 19  DT  A "O3'" 1 
ATOM   381 C "C2'" . DT  A 1 19 ? -19.462 5.752   13.781  1.00 95.69  ? 19  DT  A "C2'" 1 
ATOM   382 C "C1'" . DT  A 1 19 ? -17.970 5.542   13.600  1.00 96.10  ? 19  DT  A "C1'" 1 
ATOM   383 N N1    . DT  A 1 19 ? -17.081 6.658   14.029  1.00 93.65  ? 19  DT  A N1    1 
ATOM   384 C C2    . DT  A 1 19 ? -16.101 6.420   14.975  1.00 101.66 ? 19  DT  A C2    1 
ATOM   385 O O2    . DT  A 1 19 ? -15.963 5.352   15.550  1.00 103.19 ? 19  DT  A O2    1 
ATOM   386 N N3    . DT  A 1 19 ? -15.291 7.494   15.236  1.00 98.45  ? 19  DT  A N3    1 
ATOM   387 C C4    . DT  A 1 19 ? -15.344 8.740   14.650  1.00 95.99  ? 19  DT  A C4    1 
ATOM   388 O O4    . DT  A 1 19 ? -14.570 9.641   14.955  1.00 99.37  ? 19  DT  A O4    1 
ATOM   389 C C5    . DT  A 1 19 ? -16.369 8.910   13.656  1.00 92.60  ? 19  DT  A C5    1 
ATOM   390 C C7    . DT  A 1 19 ? -16.524 10.230  12.961  1.00 101.92 ? 19  DT  A C7    1 
ATOM   391 C C6    . DT  A 1 19 ? -17.168 7.868   13.384  1.00 88.37  ? 19  DT  A C6    1 
ATOM   392 P P     . DT  A 1 20 ? -21.554 3.322   14.199  1.00 107.49 ? 20  DT  A P     1 
ATOM   393 O OP1   . DT  A 1 20 ? -22.058 1.937   13.998  1.00 100.83 ? 20  DT  A OP1   1 
ATOM   394 O OP2   . DT  A 1 20 ? -22.469 4.481   14.070  1.00 106.19 ? 20  DT  A OP2   1 
ATOM   395 O "O5'" . DT  A 1 20 ? -20.814 3.396   15.618  1.00 96.59  ? 20  DT  A "O5'" 1 
ATOM   396 C "C5'" . DT  A 1 20 ? -19.745 2.508   15.886  1.00 100.67 ? 20  DT  A "C5'" 1 
ATOM   397 C "C4'" . DT  A 1 20 ? -19.231 2.664   17.306  1.00 104.54 ? 20  DT  A "C4'" 1 
ATOM   398 O "O4'" . DT  A 1 20 ? -18.335 3.804   17.390  1.00 101.76 ? 20  DT  A "O4'" 1 
ATOM   399 C "C3'" . DT  A 1 20 ? -20.297 2.896   18.369  1.00 108.18 ? 20  DT  A "C3'" 1 
ATOM   400 O "O3'" . DT  A 1 20 ? -19.909 2.241   19.556  1.00 111.48 ? 20  DT  A "O3'" 1 
ATOM   401 C "C2'" . DT  A 1 20 ? -20.252 4.407   18.542  1.00 112.43 ? 20  DT  A "C2'" 1 
ATOM   402 C "C1'" . DT  A 1 20 ? -18.758 4.640   18.436  1.00 105.38 ? 20  DT  A "C1'" 1 
ATOM   403 N N1    . DT  A 1 20 ? -18.381 6.029   18.101  1.00 103.89 ? 20  DT  A N1    1 
ATOM   404 C C2    . DT  A 1 20 ? -17.241 6.557   18.658  1.00 105.80 ? 20  DT  A C2    1 
ATOM   405 O O2    . DT  A 1 20 ? -16.522 5.935   19.419  1.00 104.84 ? 20  DT  A O2    1 
ATOM   406 N N3    . DT  A 1 20 ? -16.970 7.846   18.291  1.00 103.43 ? 20  DT  A N3    1 
ATOM   407 C C4    . DT  A 1 20 ? -17.704 8.642   17.437  1.00 99.17  ? 20  DT  A C4    1 
ATOM   408 O O4    . DT  A 1 20 ? -17.369 9.792   17.167  1.00 97.75  ? 20  DT  A O4    1 
ATOM   409 C C5    . DT  A 1 20 ? -18.891 8.025   16.883  1.00 95.69  ? 20  DT  A C5    1 
ATOM   410 C C7    . DT  A 1 20 ? -19.776 8.793   15.943  1.00 93.62  ? 20  DT  A C7    1 
ATOM   411 C C6    . DT  A 1 20 ? -19.168 6.760   17.239  1.00 94.72  ? 20  DT  A C6    1 
ATOM   412 P P     . DA  A 1 21 ? -21.021 1.665   20.556  1.00 123.49 ? 21  DA  A P     1 
ATOM   413 O OP1   . DA  A 1 21 ? -21.656 0.511   19.872  1.00 118.69 ? 21  DA  A OP1   1 
ATOM   414 O OP2   . DA  A 1 21 ? -21.825 2.814   21.030  1.00 113.91 ? 21  DA  A OP2   1 
ATOM   415 O "O5'" . DA  A 1 21 ? -20.178 1.150   21.816  1.00 117.97 ? 21  DA  A "O5'" 1 
ATOM   416 C "C5'" . DA  A 1 21 ? -18.755 1.168   21.774  1.00 117.91 ? 21  DA  A "C5'" 1 
ATOM   417 C "C4'" . DA  A 1 21 ? -18.185 2.070   22.857  1.00 116.43 ? 21  DA  A "C4'" 1 
ATOM   418 O "O4'" . DA  A 1 21 ? -18.001 3.416   22.339  1.00 114.39 ? 21  DA  A "O4'" 1 
ATOM   419 C "C3'" . DA  A 1 21 ? -19.053 2.217   24.102  1.00 117.45 ? 21  DA  A "C3'" 1 
ATOM   420 O "O3'" . DA  A 1 21 ? -18.230 2.213   25.257  1.00 122.46 ? 21  DA  A "O3'" 1 
ATOM   421 C "C2'" . DA  A 1 21 ? -19.717 3.579   23.892  1.00 122.18 ? 21  DA  A "C2'" 1 
ATOM   422 C "C1'" . DA  A 1 21 ? -18.596 4.341   23.213  1.00 112.34 ? 21  DA  A "C1'" 1 
ATOM   423 N N9    . DA  A 1 21 ? -19.041 5.482   22.427  1.00 108.03 ? 21  DA  A N9    1 
ATOM   424 C C8    . DA  A 1 21 ? -20.149 5.557   21.634  1.00 112.46 ? 21  DA  A C8    1 
ATOM   425 N N7    . DA  A 1 21 ? -20.291 6.718   21.027  1.00 113.05 ? 21  DA  A N7    1 
ATOM   426 C C5    . DA  A 1 21 ? -19.194 7.451   21.455  1.00 113.25 ? 21  DA  A C5    1 
ATOM   427 C C6    . DA  A 1 21 ? -18.756 8.763   21.176  1.00 111.54 ? 21  DA  A C6    1 
ATOM   428 N N6    . DA  A 1 21 ? -19.410 9.599   20.365  1.00 113.70 ? 21  DA  A N6    1 
ATOM   429 N N1    . DA  A 1 21 ? -17.617 9.183   21.768  1.00 111.36 ? 21  DA  A N1    1 
ATOM   430 C C2    . DA  A 1 21 ? -16.968 8.343   22.583  1.00 115.97 ? 21  DA  A C2    1 
ATOM   431 N N3    . DA  A 1 21 ? -17.278 7.090   22.917  1.00 115.56 ? 21  DA  A N3    1 
ATOM   432 C C4    . DA  A 1 21 ? -18.413 6.701   22.315  1.00 113.15 ? 21  DA  A C4    1 
ATOM   433 P P     . DC  B 2 1  ? -11.548 -2.692  2.070   1.00 117.48 ? 0   DC  B P     1 
ATOM   434 O OP1   . DC  B 2 1  ? -12.414 -3.876  2.301   1.00 96.40  ? 0   DC  B OP1   1 
ATOM   435 O OP2   . DC  B 2 1  ? -11.651 -1.868  0.837   1.00 119.49 ? 0   DC  B OP2   1 
ATOM   436 O "O5'" . DC  B 2 1  ? -11.740 -1.735  3.330   1.00 99.05  ? 0   DC  B "O5'" 1 
ATOM   437 C "C5'" . DC  B 2 1  ? -10.696 -0.891  3.717   1.00 93.82  ? 0   DC  B "C5'" 1 
ATOM   438 C "C4'" . DC  B 2 1  ? -11.011 0.555   3.383   1.00 87.44  ? 0   DC  B "C4'" 1 
ATOM   439 O "O4'" . DC  B 2 1  ? -10.938 1.328   4.594   1.00 81.81  ? 0   DC  B "O4'" 1 
ATOM   440 C "C3'" . DC  B 2 1  ? -10.038 1.190   2.393   1.00 94.88  ? 0   DC  B "C3'" 1 
ATOM   441 O "O3'" . DC  B 2 1  ? -10.703 1.524   1.192   1.00 100.32 ? 0   DC  B "O3'" 1 
ATOM   442 C "C2'" . DC  B 2 1  ? -9.487  2.434   3.092   1.00 86.31  ? 0   DC  B "C2'" 1 
ATOM   443 C "C1'" . DC  B 2 1  ? -9.866  2.237   4.541   1.00 81.51  ? 0   DC  B "C1'" 1 
ATOM   444 N N1    . DC  B 2 1  ? -8.764  1.762   5.447   1.00 82.28  ? 0   DC  B N1    1 
ATOM   445 C C2    . DC  B 2 1  ? -7.751  2.649   5.828   1.00 87.95  ? 0   DC  B C2    1 
ATOM   446 O O2    . DC  B 2 1  ? -7.750  3.798   5.364   1.00 86.72  ? 0   DC  B O2    1 
ATOM   447 N N3    . DC  B 2 1  ? -6.785  2.215   6.683   1.00 86.58  ? 0   DC  B N3    1 
ATOM   448 C C4    . DC  B 2 1  ? -6.824  0.971   7.157   1.00 84.52  ? 0   DC  B C4    1 
ATOM   449 N N4    . DC  B 2 1  ? -5.858  0.587   7.996   1.00 87.79  ? 0   DC  B N4    1 
ATOM   450 C C5    . DC  B 2 1  ? -7.856  0.064   6.792   1.00 85.41  ? 0   DC  B C5    1 
ATOM   451 C C6    . DC  B 2 1  ? -8.797  0.499   5.954   1.00 83.17  ? 0   DC  B C6    1 
ATOM   452 P P     . DC  B 2 2  ? -9.937  1.329   -0.209  1.00 114.55 ? 1   DC  B P     1 
ATOM   453 O OP1   . DC  B 2 2  ? -10.864 1.692   -1.309  1.00 104.41 ? 1   DC  B OP1   1 
ATOM   454 O OP2   . DC  B 2 2  ? -9.288  -0.003  -0.148  1.00 98.05  ? 1   DC  B OP2   1 
ATOM   455 O "O5'" . DC  B 2 2  ? -8.747  2.395   -0.161  1.00 94.13  ? 1   DC  B "O5'" 1 
ATOM   456 C "C5'" . DC  B 2 2  ? -9.030  3.783   -0.005  1.00 95.71  ? 1   DC  B "C5'" 1 
ATOM   457 C "C4'" . DC  B 2 2  ? -7.734  4.540   0.154   1.00 97.63  ? 1   DC  B "C4'" 1 
ATOM   458 O "O4'" . DC  B 2 2  ? -7.179  4.244   1.448   1.00 97.27  ? 1   DC  B "O4'" 1 
ATOM   459 C "C3'" . DC  B 2 2  ? -6.685  4.140   -0.867  1.00 101.98 ? 1   DC  B "C3'" 1 
ATOM   460 O "O3'" . DC  B 2 2  ? -6.452  5.192   -1.773  1.00 104.60 ? 1   DC  B "O3'" 1 
ATOM   461 C "C2'" . DC  B 2 2  ? -5.427  3.792   -0.063  1.00 100.93 ? 1   DC  B "C2'" 1 
ATOM   462 C "C1'" . DC  B 2 2  ? -5.780  4.132   1.375   1.00 90.25  ? 1   DC  B "C1'" 1 
ATOM   463 N N1    . DC  B 2 2  ? -5.377  3.081   2.338   1.00 85.16  ? 1   DC  B N1    1 
ATOM   464 C C2    . DC  B 2 2  ? -4.421  3.364   3.327   1.00 89.02  ? 1   DC  B C2    1 
ATOM   465 O O2    . DC  B 2 2  ? -3.915  4.490   3.369   1.00 89.92  ? 1   DC  B O2    1 
ATOM   466 N N3    . DC  B 2 2  ? -4.080  2.385   4.214   1.00 87.78  ? 1   DC  B N3    1 
ATOM   467 C C4    . DC  B 2 2  ? -4.658  1.184   4.133   1.00 90.28  ? 1   DC  B C4    1 
ATOM   468 N N4    . DC  B 2 2  ? -4.297  0.248   5.026   1.00 89.56  ? 1   DC  B N4    1 
ATOM   469 C C5    . DC  B 2 2  ? -5.631  0.883   3.127   1.00 88.25  ? 1   DC  B C5    1 
ATOM   470 C C6    . DC  B 2 2  ? -5.959  1.854   2.264   1.00 83.94  ? 1   DC  B C6    1 
ATOM   471 P P     . DG  B 2 3  ? -5.554  4.918   -3.073  1.00 114.90 ? 2   DG  B P     1 
ATOM   472 O OP1   . DG  B 2 3  ? -6.080  5.786   -4.151  1.00 109.10 ? 2   DG  B OP1   1 
ATOM   473 O OP2   . DG  B 2 3  ? -5.472  3.449   -3.274  1.00 106.45 ? 2   DG  B OP2   1 
ATOM   474 O "O5'" . DG  B 2 3  ? -4.103  5.420   -2.631  1.00 103.13 ? 2   DG  B "O5'" 1 
ATOM   475 C "C5'" . DG  B 2 3  ? -3.963  6.683   -2.013  1.00 102.51 ? 2   DG  B "C5'" 1 
ATOM   476 C "C4'" . DG  B 2 3  ? -2.710  6.722   -1.170  1.00 105.73 ? 2   DG  B "C4'" 1 
ATOM   477 O "O4'" . DG  B 2 3  ? -2.753  5.658   -0.186  1.00 107.86 ? 2   DG  B "O4'" 1 
ATOM   478 C "C3'" . DG  B 2 3  ? -1.410  6.530   -1.947  1.00 106.29 ? 2   DG  B "C3'" 1 
ATOM   479 O "O3'" . DG  B 2 3  ? -0.506  7.582   -1.641  1.00 111.24 ? 2   DG  B "O3'" 1 
ATOM   480 C "C2'" . DG  B 2 3  ? -0.892  5.170   -1.462  1.00 109.42 ? 2   DG  B "C2'" 1 
ATOM   481 C "C1'" . DG  B 2 3  ? -1.472  5.101   -0.064  1.00 99.93  ? 2   DG  B "C1'" 1 
ATOM   482 N N9    . DG  B 2 3  ? -1.607  3.745   0.463   1.00 96.60  ? 2   DG  B N9    1 
ATOM   483 C C8    . DG  B 2 3  ? -2.395  2.737   -0.040  1.00 97.06  ? 2   DG  B C8    1 
ATOM   484 N N7    . DG  B 2 3  ? -2.334  1.630   0.648   1.00 88.43  ? 2   DG  B N7    1 
ATOM   485 C C5    . DG  B 2 3  ? -1.447  1.918   1.674   1.00 90.99  ? 2   DG  B C5    1 
ATOM   486 C C6    . DG  B 2 3  ? -0.981  1.098   2.729   1.00 96.40  ? 2   DG  B C6    1 
ATOM   487 O O6    . DG  B 2 3  ? -1.274  -0.085  2.971   1.00 91.44  ? 2   DG  B O6    1 
ATOM   488 N N1    . DG  B 2 3  ? -0.086  1.780   3.551   1.00 98.20  ? 2   DG  B N1    1 
ATOM   489 C C2    . DG  B 2 3  ? 0.310   3.090   3.377   1.00 99.89  ? 2   DG  B C2    1 
ATOM   490 N N2    . DG  B 2 3  ? 1.182   3.572   4.274   1.00 100.82 ? 2   DG  B N2    1 
ATOM   491 N N3    . DG  B 2 3  ? -0.118  3.871   2.387   1.00 95.56  ? 2   DG  B N3    1 
ATOM   492 C C4    . DG  B 2 3  ? -0.991  3.220   1.578   1.00 93.21  ? 2   DG  B C4    1 
ATOM   493 P P     . DT  B 2 4  ? 0.875   7.727   -2.453  1.00 138.78 ? 3   DT  B P     1 
ATOM   494 O OP1   . DT  B 2 4  ? 1.185   9.171   -2.550  1.00 133.53 ? 3   DT  B OP1   1 
ATOM   495 O OP2   . DT  B 2 4  ? 0.764   6.910   -3.685  1.00 134.17 ? 3   DT  B OP2   1 
ATOM   496 O "O5'" . DT  B 2 4  ? 1.953   7.025   -1.496  1.00 119.93 ? 3   DT  B "O5'" 1 
ATOM   497 C "C5'" . DT  B 2 4  ? 1.728   6.998   -0.092  1.00 112.87 ? 3   DT  B "C5'" 1 
ATOM   498 C "C4'" . DT  B 2 4  ? 3.030   6.922   0.673   1.00 114.97 ? 3   DT  B "C4'" 1 
ATOM   499 O "O4'" . DT  B 2 4  ? 3.066   5.691   1.439   1.00 117.15 ? 3   DT  B "O4'" 1 
ATOM   500 C "C3'" . DT  B 2 4  ? 4.280   6.889   -0.174  1.00 104.96 ? 3   DT  B "C3'" 1 
ATOM   501 O "O3'" . DT  B 2 4  ? 5.374   7.342   0.617   1.00 111.08 ? 3   DT  B "O3'" 1 
ATOM   502 C "C2'" . DT  B 2 4  ? 4.390   5.400   -0.490  1.00 106.60 ? 3   DT  B "C2'" 1 
ATOM   503 C "C1'" . DT  B 2 4  ? 3.950   4.771   0.832   1.00 102.98 ? 3   DT  B "C1'" 1 
ATOM   504 N N1    . DT  B 2 4  ? 3.227   3.469   0.678   1.00 100.84 ? 3   DT  B N1    1 
ATOM   505 C C2    . DT  B 2 4  ? 3.457   2.451   1.587   1.00 103.11 ? 3   DT  B C2    1 
ATOM   506 O O2    . DT  B 2 4  ? 4.236   2.547   2.523   1.00 101.91 ? 3   DT  B O2    1 
ATOM   507 N N3    . DT  B 2 4  ? 2.734   1.308   1.361   1.00 102.04 ? 3   DT  B N3    1 
ATOM   508 C C4    . DT  B 2 4  ? 1.822   1.084   0.340   1.00 102.05 ? 3   DT  B C4    1 
ATOM   509 O O4    . DT  B 2 4  ? 1.221   0.021   0.216   1.00 102.88 ? 3   DT  B O4    1 
ATOM   510 C C5    . DT  B 2 4  ? 1.626   2.188   -0.569  1.00 95.60  ? 3   DT  B C5    1 
ATOM   511 C C7    . DT  B 2 4  ? 0.661   2.053   -1.708  1.00 89.47  ? 3   DT  B C7    1 
ATOM   512 C C6    . DT  B 2 4  ? 2.326   3.315   -0.358  1.00 96.79  ? 3   DT  B C6    1 
ATOM   513 P P     . DC  B 2 5  ? 6.828   7.564   -0.025  1.00 124.44 ? 4   DC  B P     1 
ATOM   514 O OP1   . DC  B 2 5  ? 7.368   8.835   0.514   1.00 112.52 ? 4   DC  B OP1   1 
ATOM   515 O OP2   . DC  B 2 5  ? 6.692   7.400   -1.489  1.00 127.52 ? 4   DC  B OP2   1 
ATOM   516 O "O5'" . DC  B 2 5  ? 7.687   6.328   0.538   1.00 107.74 ? 4   DC  B "O5'" 1 
ATOM   517 C "C5'" . DC  B 2 5  ? 7.708   6.064   1.935   1.00 103.93 ? 4   DC  B "C5'" 1 
ATOM   518 C "C4'" . DC  B 2 5  ? 8.439   4.760   2.256   1.00 100.99 ? 4   DC  B "C4'" 1 
ATOM   519 O "O4'" . DC  B 2 5  ? 7.556   3.619   2.072   1.00 101.65 ? 4   DC  B "O4'" 1 
ATOM   520 C "C3'" . DC  B 2 5  ? 9.668   4.461   1.417   1.00 84.43  ? 4   DC  B "C3'" 1 
ATOM   521 O "O3'" . DC  B 2 5  ? 10.634  3.815   2.220   1.00 85.35  ? 4   DC  B "O3'" 1 
ATOM   522 C "C2'" . DC  B 2 5  ? 9.117   3.505   0.368   1.00 95.06  ? 4   DC  B "C2'" 1 
ATOM   523 C "C1'" . DC  B 2 5  ? 8.161   2.685   1.206   1.00 88.72  ? 4   DC  B "C1'" 1 
ATOM   524 N N1    . DC  B 2 5  ? 7.080   2.052   0.415   1.00 93.02  ? 4   DC  B N1    1 
ATOM   525 C C2    . DC  B 2 5  ? 6.625   0.761   0.741   1.00 92.44  ? 4   DC  B C2    1 
ATOM   526 O O2    . DC  B 2 5  ? 7.150   0.150   1.682   1.00 82.34  ? 4   DC  B O2    1 
ATOM   527 N N3    . DC  B 2 5  ? 5.619   0.221   0.001   1.00 95.60  ? 4   DC  B N3    1 
ATOM   528 C C4    . DC  B 2 5  ? 5.079   0.916   -1.005  1.00 97.52  ? 4   DC  B C4    1 
ATOM   529 N N4    . DC  B 2 5  ? 4.089   0.348   -1.708  1.00 98.32  ? 4   DC  B N4    1 
ATOM   530 C C5    . DC  B 2 5  ? 5.533   2.223   -1.341  1.00 95.60  ? 4   DC  B C5    1 
ATOM   531 C C6    . DC  B 2 5  ? 6.520   2.746   -0.611  1.00 93.44  ? 4   DC  B C6    1 
ATOM   532 P P     . DA  B 2 6  ? 12.115  4.423   2.344   1.00 101.16 ? 5   DA  B P     1 
ATOM   533 O OP1   . DA  B 2 6  ? 12.837  3.778   3.475   1.00 74.10  ? 5   DA  B OP1   1 
ATOM   534 O OP2   . DA  B 2 6  ? 11.930  5.895   2.264   1.00 88.52  ? 5   DA  B OP2   1 
ATOM   535 O "O5'" . DA  B 2 6  ? 12.837  3.990   0.980   1.00 107.09 ? 5   DA  B "O5'" 1 
ATOM   536 C "C5'" . DA  B 2 6  ? 12.493  2.760   0.337   1.00 100.99 ? 5   DA  B "C5'" 1 
ATOM   537 C "C4'" . DA  B 2 6  ? 12.577  1.595   1.305   1.00 99.21  ? 5   DA  B "C4'" 1 
ATOM   538 O "O4'" . DA  B 2 6  ? 11.371  0.808   1.232   1.00 100.16 ? 5   DA  B "O4'" 1 
ATOM   539 C "C3'" . DA  B 2 6  ? 13.659  0.605   0.999   1.00 97.17  ? 5   DA  B "C3'" 1 
ATOM   540 O "O3'" . DA  B 2 6  ? 13.866  -0.175  2.134   1.00 87.38  ? 5   DA  B "O3'" 1 
ATOM   541 C "C2'" . DA  B 2 6  ? 13.021  -0.205  -0.129  1.00 91.78  ? 5   DA  B "C2'" 1 
ATOM   542 C "C1'" . DA  B 2 6  ? 11.571  -0.283  0.342   1.00 91.64  ? 5   DA  B "C1'" 1 
ATOM   543 N N9    . DA  B 2 6  ? 10.576  -0.158  -0.716  1.00 81.33  ? 5   DA  B N9    1 
ATOM   544 C C8    . DA  B 2 6  ? 10.425  0.880   -1.597  1.00 85.99  ? 5   DA  B C8    1 
ATOM   545 N N7    . DA  B 2 6  ? 9.402   0.741   -2.411  1.00 84.82  ? 5   DA  B N7    1 
ATOM   546 C C5    . DA  B 2 6  ? 8.839   -0.466  -2.023  1.00 85.52  ? 5   DA  B C5    1 
ATOM   547 C C6    . DA  B 2 6  ? 7.722   -1.187  -2.488  1.00 84.15  ? 5   DA  B C6    1 
ATOM   548 N N6    . DA  B 2 6  ? 6.944   -0.769  -3.487  1.00 84.83  ? 5   DA  B N6    1 
ATOM   549 N N1    . DA  B 2 6  ? 7.436   -2.360  -1.880  1.00 89.32  ? 5   DA  B N1    1 
ATOM   550 C C2    . DA  B 2 6  ? 8.219   -2.772  -0.872  1.00 90.53  ? 5   DA  B C2    1 
ATOM   551 N N3    . DA  B 2 6  ? 9.293   -2.182  -0.349  1.00 85.65  ? 5   DA  B N3    1 
ATOM   552 C C4    . DA  B 2 6  ? 9.550   -1.025  -0.976  1.00 83.80  ? 5   DA  B C4    1 
ATOM   553 O "O5'" . DT  C 3 1  ? -24.852 21.672  22.607  1.00 154.40 ? 1   DT  C "O5'" 1 
ATOM   554 C "C5'" . DT  C 3 1  ? -24.067 21.293  21.467  1.00 157.86 ? 1   DT  C "C5'" 1 
ATOM   555 C "C4'" . DT  C 3 1  ? -22.732 20.707  21.898  1.00 150.43 ? 1   DT  C "C4'" 1 
ATOM   556 O "O4'" . DT  C 3 1  ? -22.956 19.736  22.937  1.00 142.97 ? 1   DT  C "O4'" 1 
ATOM   557 C "C3'" . DT  C 3 1  ? -21.982 19.946  20.817  1.00 145.00 ? 1   DT  C "C3'" 1 
ATOM   558 O "O3'" . DT  C 3 1  ? -21.128 20.827  20.022  1.00 150.77 ? 1   DT  C "O3'" 1 
ATOM   559 C "C2'" . DT  C 3 1  ? -21.173 18.922  21.601  1.00 144.91 ? 1   DT  C "C2'" 1 
ATOM   560 C "C1'" . DT  C 3 1  ? -21.917 18.781  22.925  1.00 139.88 ? 1   DT  C "C1'" 1 
ATOM   561 N N1    . DT  C 3 1  ? -22.510 17.440  23.107  1.00 134.41 ? 1   DT  C N1    1 
ATOM   562 C C2    . DT  C 3 1  ? -21.994 16.594  24.063  1.00 134.49 ? 1   DT  C C2    1 
ATOM   563 O O2    . DT  C 3 1  ? -21.061 16.893  24.790  1.00 132.10 ? 1   DT  C O2    1 
ATOM   564 N N3    . DT  C 3 1  ? -22.618 15.377  24.145  1.00 133.30 ? 1   DT  C N3    1 
ATOM   565 C C4    . DT  C 3 1  ? -23.681 14.931  23.379  1.00 133.12 ? 1   DT  C C4    1 
ATOM   566 O O4    . DT  C 3 1  ? -24.176 13.818  23.530  1.00 130.99 ? 1   DT  C O4    1 
ATOM   567 C C5    . DT  C 3 1  ? -24.168 15.870  22.390  1.00 130.06 ? 1   DT  C C5    1 
ATOM   568 C C7    . DT  C 3 1  ? -25.317 15.504  21.496  1.00 126.67 ? 1   DT  C C7    1 
ATOM   569 C C6    . DT  C 3 1  ? -23.564 17.061  22.304  1.00 130.47 ? 1   DT  C C6    1 
ATOM   570 P P     . DC  C 3 2  ? -19.911 21.691  20.649  1.00 163.92 ? 2   DC  C P     1 
ATOM   571 O OP1   . DC  C 3 2  ? -20.407 22.600  21.706  1.00 160.51 ? 2   DC  C OP1   1 
ATOM   572 O OP2   . DC  C 3 2  ? -19.222 22.282  19.479  1.00 152.15 ? 2   DC  C OP2   1 
ATOM   573 O "O5'" . DC  C 3 2  ? -18.894 20.631  21.308  1.00 152.09 ? 2   DC  C "O5'" 1 
ATOM   574 C "C5'" . DC  C 3 2  ? -18.158 21.000  22.484  1.00 147.44 ? 2   DC  C "C5'" 1 
ATOM   575 C "C4'" . DC  C 3 2  ? -17.246 19.875  22.972  1.00 147.14 ? 2   DC  C "C4'" 1 
ATOM   576 O "O4'" . DC  C 3 2  ? -17.999 18.649  23.159  1.00 142.10 ? 2   DC  C "O4'" 1 
ATOM   577 C "C3'" . DC  C 3 2  ? -16.072 19.515  22.055  1.00 145.70 ? 2   DC  C "C3'" 1 
ATOM   578 O "O3'" . DC  C 3 2  ? -14.878 19.426  22.831  1.00 148.99 ? 2   DC  C "O3'" 1 
ATOM   579 C "C2'" . DC  C 3 2  ? -16.474 18.150  21.495  1.00 140.90 ? 2   DC  C "C2'" 1 
ATOM   580 C "C1'" . DC  C 3 2  ? -17.231 17.572  22.672  1.00 136.71 ? 2   DC  C "C1'" 1 
ATOM   581 N N1    . DC  C 3 2  ? -18.158 16.471  22.314  1.00 133.28 ? 2   DC  C N1    1 
ATOM   582 C C2    . DC  C 3 2  ? -18.169 15.296  23.074  1.00 129.92 ? 2   DC  C C2    1 
ATOM   583 O O2    . DC  C 3 2  ? -17.390 15.187  24.031  1.00 124.62 ? 2   DC  C O2    1 
ATOM   584 N N3    . DC  C 3 2  ? -19.037 14.307  22.736  1.00 128.72 ? 2   DC  C N3    1 
ATOM   585 C C4    . DC  C 3 2  ? -19.861 14.467  21.693  1.00 130.25 ? 2   DC  C C4    1 
ATOM   586 N N4    . DC  C 3 2  ? -20.698 13.469  21.393  1.00 127.75 ? 2   DC  C N4    1 
ATOM   587 C C5    . DC  C 3 2  ? -19.860 15.659  20.913  1.00 129.89 ? 2   DC  C C5    1 
ATOM   588 C C6    . DC  C 3 2  ? -18.995 16.618  21.251  1.00 131.01 ? 2   DC  C C6    1 
ATOM   589 P P     . DT  C 3 3  ? -13.489 18.986  22.153  1.00 160.95 ? 3   DT  C P     1 
ATOM   590 O OP1   . DT  C 3 3  ? -12.404 19.692  22.874  1.00 156.79 ? 3   DT  C OP1   1 
ATOM   591 O OP2   . DT  C 3 3  ? -13.625 19.168  20.688  1.00 150.82 ? 3   DT  C OP2   1 
ATOM   592 O "O5'" . DT  C 3 3  ? -13.378 17.419  22.483  1.00 145.28 ? 3   DT  C "O5'" 1 
ATOM   593 C "C5'" . DT  C 3 3  ? -13.398 16.977  23.841  1.00 139.27 ? 3   DT  C "C5'" 1 
ATOM   594 C "C4'" . DT  C 3 3  ? -12.900 15.543  23.968  1.00 133.87 ? 3   DT  C "C4'" 1 
ATOM   595 O "O4'" . DT  C 3 3  ? -13.983 14.615  23.679  1.00 130.22 ? 3   DT  C "O4'" 1 
ATOM   596 C "C3'" . DT  C 3 3  ? -11.755 15.157  23.030  1.00 139.18 ? 3   DT  C "C3'" 1 
ATOM   597 O "O3'" . DT  C 3 3  ? -10.853 14.293  23.716  1.00 138.82 ? 3   DT  C "O3'" 1 
ATOM   598 C "C2'" . DT  C 3 3  ? -12.483 14.420  21.909  1.00 134.86 ? 3   DT  C "C2'" 1 
ATOM   599 C "C1'" . DT  C 3 3  ? -13.551 13.690  22.705  1.00 129.62 ? 3   DT  C "C1'" 1 
ATOM   600 N N1    . DT  C 3 3  ? -14.729 13.263  21.893  1.00 123.36 ? 3   DT  C N1    1 
ATOM   601 C C2    . DT  C 3 3  ? -15.351 12.070  22.188  1.00 119.08 ? 3   DT  C C2    1 
ATOM   602 O O2    . DT  C 3 3  ? -14.991 11.334  23.088  1.00 120.68 ? 3   DT  C O2    1 
ATOM   603 N N3    . DT  C 3 3  ? -16.425 11.770  21.392  1.00 116.94 ? 3   DT  C N3    1 
ATOM   604 C C4    . DT  C 3 3  ? -16.926 12.526  20.347  1.00 122.31 ? 3   DT  C C4    1 
ATOM   605 O O4    . DT  C 3 3  ? -17.900 12.170  19.688  1.00 124.40 ? 3   DT  C O4    1 
ATOM   606 C C5    . DT  C 3 3  ? -16.222 13.763  20.085  1.00 123.05 ? 3   DT  C C5    1 
ATOM   607 C C7    . DT  C 3 3  ? -16.672 14.666  18.974  1.00 118.82 ? 3   DT  C C7    1 
ATOM   608 C C6    . DT  C 3 3  ? -15.170 14.067  20.863  1.00 122.61 ? 3   DT  C C6    1 
ATOM   609 P P     . DA  C 3 4  ? -9.360  14.050  23.170  1.00 143.16 ? 4   DA  C P     1 
ATOM   610 O OP1   . DA  C 3 4  ? -8.553  15.243  23.509  1.00 146.07 ? 4   DA  C OP1   1 
ATOM   611 O OP2   . DA  C 3 4  ? -9.427  13.601  21.761  1.00 136.08 ? 4   DA  C OP2   1 
ATOM   612 O "O5'" . DA  C 3 4  ? -8.851  12.815  24.044  1.00 133.18 ? 4   DA  C "O5'" 1 
ATOM   613 C "C5'" . DA  C 3 4  ? -9.756  12.154  24.921  1.00 130.14 ? 4   DA  C "C5'" 1 
ATOM   614 C "C4'" . DA  C 3 4  ? -9.910  10.687  24.547  1.00 133.00 ? 4   DA  C "C4'" 1 
ATOM   615 O "O4'" . DA  C 3 4  ? -11.038 10.515  23.649  1.00 127.97 ? 4   DA  C "O4'" 1 
ATOM   616 C "C3'" . DA  C 3 4  ? -8.714  10.060  23.835  1.00 129.62 ? 4   DA  C "C3'" 1 
ATOM   617 O "O3'" . DA  C 3 4  ? -8.562  8.730   24.285  1.00 126.98 ? 4   DA  C "O3'" 1 
ATOM   618 C "C2'" . DA  C 3 4  ? -9.129  10.108  22.365  1.00 121.61 ? 4   DA  C "C2'" 1 
ATOM   619 C "C1'" . DA  C 3 4  ? -10.616 9.830   22.484  1.00 120.90 ? 4   DA  C "C1'" 1 
ATOM   620 N N9    . DA  C 3 4  ? -11.417 10.325  21.372  1.00 118.60 ? 4   DA  C N9    1 
ATOM   621 C C8    . DA  C 3 4  ? -11.215 11.461  20.641  1.00 119.26 ? 4   DA  C C8    1 
ATOM   622 N N7    . DA  C 3 4  ? -12.125 11.665  19.716  1.00 114.23 ? 4   DA  C N7    1 
ATOM   623 C C5    . DA  C 3 4  ? -12.988 10.591  19.859  1.00 111.65 ? 4   DA  C C5    1 
ATOM   624 C C6    . DA  C 3 4  ? -14.166 10.216  19.180  1.00 106.88 ? 4   DA  C C6    1 
ATOM   625 N N6    . DA  C 3 4  ? -14.692 10.918  18.172  1.00 106.40 ? 4   DA  C N6    1 
ATOM   626 N N1    . DA  C 3 4  ? -14.784 9.083   19.576  1.00 107.23 ? 4   DA  C N1    1 
ATOM   627 C C2    . DA  C 3 4  ? -14.254 8.381   20.585  1.00 113.93 ? 4   DA  C C2    1 
ATOM   628 N N3    . DA  C 3 4  ? -13.160 8.631   21.299  1.00 115.66 ? 4   DA  C N3    1 
ATOM   629 C C4    . DA  C 3 4  ? -12.567 9.762   20.881  1.00 116.24 ? 4   DA  C C4    1 
ATOM   630 P P     . DA  C 3 5  ? -7.219  7.920   23.959  1.00 136.77 ? 5   DA  C P     1 
ATOM   631 O OP1   . DA  C 3 5  ? -7.044  6.892   25.013  1.00 128.79 ? 5   DA  C OP1   1 
ATOM   632 O OP2   . DA  C 3 5  ? -6.157  8.921   23.715  1.00 131.76 ? 5   DA  C OP2   1 
ATOM   633 O "O5'" . DA  C 3 5  ? -7.548  7.200   22.567  1.00 130.68 ? 5   DA  C "O5'" 1 
ATOM   634 C "C5'" . DA  C 3 5  ? -7.302  5.812   22.413  1.00 127.27 ? 5   DA  C "C5'" 1 
ATOM   635 C "C4'" . DA  C 3 5  ? -8.587  5.008   22.537  1.00 122.50 ? 5   DA  C "C4'" 1 
ATOM   636 O "O4'" . DA  C 3 5  ? -9.705  5.801   22.055  1.00 119.62 ? 5   DA  C "O4'" 1 
ATOM   637 C "C3'" . DA  C 3 5  ? -8.601  3.731   21.710  1.00 115.78 ? 5   DA  C "C3'" 1 
ATOM   638 O "O3'" . DA  C 3 5  ? -9.375  2.721   22.338  1.00 107.70 ? 5   DA  C "O3'" 1 
ATOM   639 C "C2'" . DA  C 3 5  ? -9.225  4.187   20.399  1.00 113.44 ? 5   DA  C "C2'" 1 
ATOM   640 C "C1'" . DA  C 3 5  ? -10.223 5.239   20.861  1.00 110.66 ? 5   DA  C "C1'" 1 
ATOM   641 N N9    . DA  C 3 5  ? -10.442 6.319   19.894  1.00 109.55 ? 5   DA  C N9    1 
ATOM   642 C C8    . DA  C 3 5  ? -9.621  7.386   19.647  1.00 111.97 ? 5   DA  C C8    1 
ATOM   643 N N7    . DA  C 3 5  ? -10.080 8.209   18.726  1.00 104.94 ? 5   DA  C N7    1 
ATOM   644 C C5    . DA  C 3 5  ? -11.287 7.644   18.345  1.00 106.13 ? 5   DA  C C5    1 
ATOM   645 C C6    . DA  C 3 5  ? -12.269 8.033   17.403  1.00 103.72 ? 5   DA  C C6    1 
ATOM   646 N N6    . DA  C 3 5  ? -12.173 9.132   16.646  1.00 98.35  ? 5   DA  C N6    1 
ATOM   647 N N1    . DA  C 3 5  ? -13.358 7.239   17.271  1.00 101.52 ? 5   DA  C N1    1 
ATOM   648 C C2    . DA  C 3 5  ? -13.451 6.140   18.030  1.00 107.67 ? 5   DA  C C2    1 
ATOM   649 N N3    . DA  C 3 5  ? -12.597 5.673   18.946  1.00 110.44 ? 5   DA  C N3    1 
ATOM   650 C C4    . DA  C 3 5  ? -11.526 6.478   19.056  1.00 109.53 ? 5   DA  C C4    1 
ATOM   651 P P     . DT  C 3 6  ? -9.157  1.184   21.912  1.00 117.86 ? 6   DT  C P     1 
ATOM   652 O OP1   . DT  C 3 6  ? -9.721  0.310   22.965  1.00 120.36 ? 6   DT  C OP1   1 
ATOM   653 O OP2   . DT  C 3 6  ? -7.732  1.030   21.534  1.00 116.70 ? 6   DT  C OP2   1 
ATOM   654 O "O5'" . DT  C 3 6  ? -10.059 1.023   20.602  1.00 106.39 ? 6   DT  C "O5'" 1 
ATOM   655 C "C5'" . DT  C 3 6  ? -11.455 1.224   20.700  1.00 108.39 ? 6   DT  C "C5'" 1 
ATOM   656 C "C4'" . DT  C 3 6  ? -12.150 0.948   19.381  1.00 109.74 ? 6   DT  C "C4'" 1 
ATOM   657 O "O4'" . DT  C 3 6  ? -12.254 2.173   18.603  1.00 110.72 ? 6   DT  C "O4'" 1 
ATOM   658 C "C3'" . DT  C 3 6  ? -11.472 -0.075  18.476  1.00 100.63 ? 6   DT  C "C3'" 1 
ATOM   659 O "O3'" . DT  C 3 6  ? -12.485 -0.886  17.888  1.00 99.82  ? 6   DT  C "O3'" 1 
ATOM   660 C "C2'" . DT  C 3 6  ? -10.775 0.812   17.439  1.00 99.44  ? 6   DT  C "C2'" 1 
ATOM   661 C "C1'" . DT  C 3 6  ? -11.792 1.934   17.298  1.00 99.98  ? 6   DT  C "C1'" 1 
ATOM   662 N N1    . DT  C 3 6  ? -11.245 3.218   16.753  1.00 96.86  ? 6   DT  C N1    1 
ATOM   663 C C2    . DT  C 3 6  ? -11.989 3.922   15.839  1.00 102.00 ? 6   DT  C C2    1 
ATOM   664 O O2    . DT  C 3 6  ? -13.076 3.547   15.433  1.00 104.40 ? 6   DT  C O2    1 
ATOM   665 N N3    . DT  C 3 6  ? -11.414 5.090   15.405  1.00 101.98 ? 6   DT  C N3    1 
ATOM   666 C C4    . DT  C 3 6  ? -10.197 5.617   15.788  1.00 100.29 ? 6   DT  C C4    1 
ATOM   667 O O4    . DT  C 3 6  ? -9.765  6.677   15.334  1.00 94.79  ? 6   DT  C O4    1 
ATOM   668 C C5    . DT  C 3 6  ? -9.466  4.830   16.752  1.00 99.55  ? 6   DT  C C5    1 
ATOM   669 C C7    . DT  C 3 6  ? -8.128  5.298   17.238  1.00 102.94 ? 6   DT  C C7    1 
ATOM   670 C C6    . DT  C 3 6  ? -10.021 3.681   17.185  1.00 98.70  ? 6   DT  C C6    1 
ATOM   671 P P     . DT  C 3 7  ? -12.143 -2.296  17.194  1.00 102.89 ? 7   DT  C P     1 
ATOM   672 O OP1   . DT  C 3 7  ? -12.960 -3.334  17.861  1.00 109.65 ? 7   DT  C OP1   1 
ATOM   673 O OP2   . DT  C 3 7  ? -10.671 -2.451  17.103  1.00 94.08  ? 7   DT  C OP2   1 
ATOM   674 O "O5'" . DT  C 3 7  ? -12.739 -2.122  15.730  1.00 95.66  ? 7   DT  C "O5'" 1 
ATOM   675 C "C5'" . DT  C 3 7  ? -12.808 -0.841  15.179  1.00 91.90  ? 7   DT  C "C5'" 1 
ATOM   676 C "C4'" . DT  C 3 7  ? -13.783 -0.789  14.036  1.00 89.43  ? 7   DT  C "C4'" 1 
ATOM   677 O "O4'" . DT  C 3 7  ? -13.694 0.514   13.428  1.00 94.05  ? 7   DT  C "O4'" 1 
ATOM   678 C "C3'" . DT  C 3 7  ? -13.478 -1.744  12.908  1.00 87.29  ? 7   DT  C "C3'" 1 
ATOM   679 O "O3'" . DT  C 3 7  ? -14.637 -1.908  12.094  1.00 81.45  ? 7   DT  C "O3'" 1 
ATOM   680 C "C2'" . DT  C 3 7  ? -12.363 -0.999  12.177  1.00 87.11  ? 7   DT  C "C2'" 1 
ATOM   681 C "C1'" . DT  C 3 7  ? -12.799 0.461   12.337  1.00 90.41  ? 7   DT  C "C1'" 1 
ATOM   682 N N1    . DT  C 3 7  ? -11.672 1.425   12.589  1.00 90.17  ? 7   DT  C N1    1 
ATOM   683 C C2    . DT  C 3 7  ? -11.662 2.617   11.907  1.00 95.75  ? 7   DT  C C2    1 
ATOM   684 O O2    . DT  C 3 7  ? -12.529 2.938   11.113  1.00 101.92 ? 7   DT  C O2    1 
ATOM   685 N N3    . DT  C 3 7  ? -10.607 3.434   12.186  1.00 93.48  ? 7   DT  C N3    1 
ATOM   686 C C4    . DT  C 3 7  ? -9.572  3.190   13.061  1.00 95.62  ? 7   DT  C C4    1 
ATOM   687 O O4    . DT  C 3 7  ? -8.666  3.996   13.240  1.00 100.22 ? 7   DT  C O4    1 
ATOM   688 C C5    . DT  C 3 7  ? -9.634  1.923   13.749  1.00 89.50  ? 7   DT  C C5    1 
ATOM   689 C C7    . DT  C 3 7  ? -8.556  1.550   14.717  1.00 95.36  ? 7   DT  C C7    1 
ATOM   690 C C6    . DT  C 3 7  ? -10.670 1.107   13.484  1.00 86.19  ? 7   DT  C C6    1 
ATOM   691 P P     . DT  C 3 8  ? -14.572 -2.766  10.734  1.00 88.84  ? 8   DT  C P     1 
ATOM   692 O OP1   . DT  C 3 8  ? -15.943 -3.265  10.475  1.00 89.25  ? 8   DT  C OP1   1 
ATOM   693 O OP2   . DT  C 3 8  ? -13.459 -3.738  10.814  1.00 82.05  ? 8   DT  C OP2   1 
ATOM   694 O "O5'" . DT  C 3 8  ? -14.188 -1.686  9.614   1.00 93.13  ? 8   DT  C "O5'" 1 
ATOM   695 C "C5'" . DT  C 3 8  ? -15.193 -1.178  8.752   1.00 87.39  ? 8   DT  C "C5'" 1 
ATOM   696 C "C4'" . DT  C 3 8  ? -14.651 -0.069  7.865   1.00 82.17  ? 8   DT  C "C4'" 1 
ATOM   697 O "O4'" . DT  C 3 8  ? -13.563 0.621   8.530   1.00 84.75  ? 8   DT  C "O4'" 1 
ATOM   698 C "C3'" . DT  C 3 8  ? -14.083 -0.527  6.527   1.00 82.88  ? 8   DT  C "C3'" 1 
ATOM   699 O "O3'" . DT  C 3 8  ? -14.527 0.344   5.510   1.00 81.77  ? 8   DT  C "O3'" 1 
ATOM   700 C "C2'" . DT  C 3 8  ? -12.578 -0.406  6.733   1.00 87.40  ? 8   DT  C "C2'" 1 
ATOM   701 C "C1'" . DT  C 3 8  ? -12.546 0.829   7.593   1.00 81.01  ? 8   DT  C "C1'" 1 
ATOM   702 N N1    . DT  C 3 8  ? -11.278 1.054   8.298   1.00 80.77  ? 8   DT  C N1    1 
ATOM   703 C C2    . DT  C 3 8  ? -10.633 2.247   8.111   1.00 83.14  ? 8   DT  C C2    1 
ATOM   704 O O2    . DT  C 3 8  ? -11.056 3.123   7.386   1.00 87.58  ? 8   DT  C O2    1 
ATOM   705 N N3    . DT  C 3 8  ? -9.471  2.387   8.804   1.00 83.08  ? 8   DT  C N3    1 
ATOM   706 C C4    . DT  C 3 8  ? -8.895  1.461   9.652   1.00 91.37  ? 8   DT  C C4    1 
ATOM   707 O O4    . DT  C 3 8  ? -7.842  1.681   10.233  1.00 96.18  ? 8   DT  C O4    1 
ATOM   708 C C5    . DT  C 3 8  ? -9.625  0.223   9.809   1.00 88.73  ? 8   DT  C C5    1 
ATOM   709 C C7    . DT  C 3 8  ? -9.094  -0.855  10.709  1.00 87.43  ? 8   DT  C C7    1 
ATOM   710 C C6    . DT  C 3 8  ? -10.773 0.081   9.132   1.00 85.64  ? 8   DT  C C6    1 
ATOM   711 P P     . DG  D 4 1  ? 15.004  -2.015  -4.685  1.00 106.90 ? 10  DG  D P     1 
ATOM   712 O OP1   . DG  D 4 1  ? 16.398  -2.446  -4.394  1.00 94.98  ? 10  DG  D OP1   1 
ATOM   713 O OP2   . DG  D 4 1  ? 14.717  -0.842  -5.541  1.00 101.38 ? 10  DG  D OP2   1 
ATOM   714 O "O5'" . DG  D 4 1  ? 14.246  -1.809  -3.296  1.00 85.61  ? 10  DG  D "O5'" 1 
ATOM   715 C "C5'" . DG  D 4 1  ? 14.750  -2.444  -2.123  1.00 97.37  ? 10  DG  D "C5'" 1 
ATOM   716 C "C4'" . DG  D 4 1  ? 13.922  -3.660  -1.778  1.00 95.36  ? 10  DG  D "C4'" 1 
ATOM   717 O "O4'" . DG  D 4 1  ? 12.564  -3.244  -1.525  1.00 96.58  ? 10  DG  D "O4'" 1 
ATOM   718 C "C3'" . DG  D 4 1  ? 13.816  -4.685  -2.888  1.00 98.67  ? 10  DG  D "C3'" 1 
ATOM   719 O "O3'" . DG  D 4 1  ? 14.887  -5.598  -2.800  1.00 100.05 ? 10  DG  D "O3'" 1 
ATOM   720 C "C2'" . DG  D 4 1  ? 12.481  -5.346  -2.589  1.00 92.39  ? 10  DG  D "C2'" 1 
ATOM   721 C "C1'" . DG  D 4 1  ? 11.662  -4.157  -2.114  1.00 86.57  ? 10  DG  D "C1'" 1 
ATOM   722 N N9    . DG  D 4 1  ? 10.949  -3.467  -3.173  1.00 78.46  ? 10  DG  D N9    1 
ATOM   723 C C8    . DG  D 4 1  ? 11.273  -2.263  -3.739  1.00 83.64  ? 10  DG  D C8    1 
ATOM   724 N N7    . DG  D 4 1  ? 10.429  -1.878  -4.661  1.00 86.50  ? 10  DG  D N7    1 
ATOM   725 C C5    . DG  D 4 1  ? 9.482   -2.890  -4.694  1.00 81.27  ? 10  DG  D C5    1 
ATOM   726 C C6    . DG  D 4 1  ? 8.328   -3.028  -5.496  1.00 80.68  ? 10  DG  D C6    1 
ATOM   727 O O6    . DG  D 4 1  ? 7.902   -2.262  -6.366  1.00 78.73  ? 10  DG  D O6    1 
ATOM   728 N N1    . DG  D 4 1  ? 7.645   -4.205  -5.211  1.00 84.37  ? 10  DG  D N1    1 
ATOM   729 C C2    . DG  D 4 1  ? 8.034   -5.133  -4.269  1.00 92.51  ? 10  DG  D C2    1 
ATOM   730 N N2    . DG  D 4 1  ? 7.247   -6.209  -4.122  1.00 97.32  ? 10  DG  D N2    1 
ATOM   731 N N3    . DG  D 4 1  ? 9.119   -5.014  -3.512  1.00 87.83  ? 10  DG  D N3    1 
ATOM   732 C C4    . DG  D 4 1  ? 9.792   -3.872  -3.782  1.00 83.02  ? 10  DG  D C4    1 
ATOM   733 P P     . DG  D 4 2  ? 15.026  -6.755  -3.897  1.00 107.85 ? 11  DG  D P     1 
ATOM   734 O OP1   . DG  D 4 2  ? 16.436  -7.211  -3.867  1.00 113.46 ? 11  DG  D OP1   1 
ATOM   735 O OP2   . DG  D 4 2  ? 14.407  -6.255  -5.155  1.00 90.29  ? 11  DG  D OP2   1 
ATOM   736 O "O5'" . DG  D 4 2  ? 14.092  -7.926  -3.332  1.00 94.41  ? 11  DG  D "O5'" 1 
ATOM   737 C "C5'" . DG  D 4 2  ? 13.737  -9.004  -4.177  1.00 100.23 ? 11  DG  D "C5'" 1 
ATOM   738 C "C4'" . DG  D 4 2  ? 12.258  -8.979  -4.504  1.00 96.53  ? 11  DG  D "C4'" 1 
ATOM   739 O "O4'" . DG  D 4 2  ? 11.839  -7.648  -4.823  1.00 82.04  ? 11  DG  D "O4'" 1 
ATOM   740 C "C3'" . DG  D 4 2  ? 11.867  -9.751  -5.742  1.00 109.74 ? 11  DG  D "C3'" 1 
ATOM   741 O "O3'" . DG  D 4 2  ? 11.792  -11.131 -5.450  1.00 114.16 ? 11  DG  D "O3'" 1 
ATOM   742 C "C2'" . DG  D 4 2  ? 10.499  -9.148  -6.087  1.00 99.16  ? 11  DG  D "C2'" 1 
ATOM   743 C "C1'" . DG  D 4 2  ? 10.582  -7.751  -5.454  1.00 83.37  ? 11  DG  D "C1'" 1 
ATOM   744 N N9    . DG  D 4 2  ? 10.432  -6.645  -6.384  1.00 85.54  ? 11  DG  D N9    1 
ATOM   745 C C8    . DG  D 4 2  ? 11.282  -5.572  -6.530  1.00 88.79  ? 11  DG  D C8    1 
ATOM   746 N N7    . DG  D 4 2  ? 10.885  -4.709  -7.428  1.00 81.94  ? 11  DG  D N7    1 
ATOM   747 C C5    . DG  D 4 2  ? 9.689   -5.240  -7.900  1.00 86.91  ? 11  DG  D C5    1 
ATOM   748 C C6    . DG  D 4 2  ? 8.803   -4.742  -8.882  1.00 94.84  ? 11  DG  D C6    1 
ATOM   749 O O6    . DG  D 4 2  ? 8.898   -3.702  -9.553  1.00 95.59  ? 11  DG  D O6    1 
ATOM   750 N N1    . DG  D 4 2  ? 7.711   -5.587  -9.059  1.00 97.30  ? 11  DG  D N1    1 
ATOM   751 C C2    . DG  D 4 2  ? 7.501   -6.763  -8.375  1.00 100.87 ? 11  DG  D C2    1 
ATOM   752 N N2    . DG  D 4 2  ? 6.387   -7.439  -8.687  1.00 107.48 ? 11  DG  D N2    1 
ATOM   753 N N3    . DG  D 4 2  ? 8.326   -7.245  -7.447  1.00 90.79  ? 11  DG  D N3    1 
ATOM   754 C C4    . DG  D 4 2  ? 9.399   -6.431  -7.261  1.00 88.57  ? 11  DG  D C4    1 
ATOM   755 P P     . DA  D 4 3  ? 12.818  -12.132 -6.173  1.00 127.52 ? 12  DA  D P     1 
ATOM   756 O OP1   . DA  D 4 3  ? 13.225  -13.181 -5.206  1.00 119.92 ? 12  DA  D OP1   1 
ATOM   757 O OP2   . DA  D 4 3  ? 13.849  -11.274 -6.802  1.00 115.72 ? 12  DA  D OP2   1 
ATOM   758 O "O5'" . DA  D 4 3  ? 11.955  -12.761 -7.361  1.00 116.56 ? 12  DA  D "O5'" 1 
ATOM   759 C "C5'" . DA  D 4 3  ? 10.624  -13.170 -7.121  1.00 115.34 ? 12  DA  D "C5'" 1 
ATOM   760 C "C4'" . DA  D 4 3  ? 9.721   -12.661 -8.217  1.00 113.82 ? 12  DA  D "C4'" 1 
ATOM   761 O "O4'" . DA  D 4 3  ? 9.939   -11.254 -8.387  1.00 107.05 ? 12  DA  D "O4'" 1 
ATOM   762 C "C3'" . DA  D 4 3  ? 9.980   -13.272 -9.592  1.00 123.00 ? 12  DA  D "C3'" 1 
ATOM   763 O "O3'" . DA  D 4 3  ? 8.986   -14.254 -9.888  1.00 129.79 ? 12  DA  D "O3'" 1 
ATOM   764 C "C2'" . DA  D 4 3  ? 9.915   -12.075 -10.569 1.00 122.30 ? 12  DA  D "C2'" 1 
ATOM   765 C "C1'" . DA  D 4 3  ? 9.504   -10.910 -9.670  1.00 112.38 ? 12  DA  D "C1'" 1 
ATOM   766 N N9    . DA  D 4 3  ? 10.098  -9.621  -10.033 1.00 107.81 ? 12  DA  D N9    1 
ATOM   767 C C8    . DA  D 4 3  ? 11.324  -9.138  -9.656  1.00 107.31 ? 12  DA  D C8    1 
ATOM   768 N N7    . DA  D 4 3  ? 11.589  -7.938  -10.126 1.00 97.05  ? 12  DA  D N7    1 
ATOM   769 C C5    . DA  D 4 3  ? 10.458  -7.611  -10.854 1.00 98.05  ? 12  DA  D C5    1 
ATOM   770 C C6    . DA  D 4 3  ? 10.110  -6.472  -11.602 1.00 105.47 ? 12  DA  D C6    1 
ATOM   771 N N6    . DA  D 4 3  ? 10.913  -5.410  -11.737 1.00 105.41 ? 12  DA  D N6    1 
ATOM   772 N N1    . DA  D 4 3  ? 8.900   -6.466  -12.213 1.00 105.46 ? 12  DA  D N1    1 
ATOM   773 C C2    . DA  D 4 3  ? 8.102   -7.532  -12.073 1.00 109.00 ? 12  DA  D C2    1 
ATOM   774 N N3    . DA  D 4 3  ? 8.323   -8.659  -11.396 1.00 106.13 ? 12  DA  D N3    1 
ATOM   775 C C4    . DA  D 4 3  ? 9.528   -8.635  -10.805 1.00 100.58 ? 12  DA  D C4    1 
ATOM   776 P P     . DA  D 4 4  ? 9.171   -15.246 -11.141 1.00 141.01 ? 13  DA  D P     1 
ATOM   777 O OP1   . DA  D 4 4  ? 8.409   -16.484 -10.842 1.00 128.08 ? 13  DA  D OP1   1 
ATOM   778 O OP2   . DA  D 4 4  ? 10.620  -15.338 -11.429 1.00 133.85 ? 13  DA  D OP2   1 
ATOM   779 O "O5'" . DA  D 4 4  ? 8.461   -14.469 -12.351 1.00 120.43 ? 13  DA  D "O5'" 1 
ATOM   780 C "C5'" . DA  D 4 4  ? 7.052   -14.332 -12.357 1.00 119.99 ? 13  DA  D "C5'" 1 
ATOM   781 C "C4'" . DA  D 4 4  ? 6.600   -13.410 -13.469 1.00 129.05 ? 13  DA  D "C4'" 1 
ATOM   782 O "O4'" . DA  D 4 4  ? 7.272   -12.129 -13.359 1.00 130.06 ? 13  DA  D "O4'" 1 
ATOM   783 C "C3'" . DA  D 4 4  ? 6.872   -13.912 -14.885 1.00 135.04 ? 13  DA  D "C3'" 1 
ATOM   784 O "O3'" . DA  D 4 4  ? 5.713   -13.706 -15.676 1.00 141.65 ? 13  DA  D "O3'" 1 
ATOM   785 C "C2'" . DA  D 4 4  ? 8.041   -13.035 -15.355 1.00 132.30 ? 13  DA  D "C2'" 1 
ATOM   786 C "C1'" . DA  D 4 4  ? 7.743   -11.736 -14.629 1.00 127.25 ? 13  DA  D "C1'" 1 
ATOM   787 N N9    . DA  D 4 4  ? 8.904   -10.871 -14.427 1.00 119.71 ? 13  DA  D N9    1 
ATOM   788 C C8    . DA  D 4 4  ? 10.080  -11.200 -13.810 1.00 118.63 ? 13  DA  D C8    1 
ATOM   789 N N7    . DA  D 4 4  ? 10.940  -10.210 -13.746 1.00 112.66 ? 13  DA  D N7    1 
ATOM   790 C C5    . DA  D 4 4  ? 10.279  -9.157  -14.356 1.00 110.95 ? 13  DA  D C5    1 
ATOM   791 C C6    . DA  D 4 4  ? 10.652  -7.820  -14.607 1.00 115.20 ? 13  DA  D C6    1 
ATOM   792 N N6    . DA  D 4 4  ? 11.838  -7.308  -14.257 1.00 113.58 ? 13  DA  D N6    1 
ATOM   793 N N1    . DA  D 4 4  ? 9.752   -7.024  -15.231 1.00 118.27 ? 13  DA  D N1    1 
ATOM   794 C C2    . DA  D 4 4  ? 8.564   -7.541  -15.577 1.00 121.75 ? 13  DA  D C2    1 
ATOM   795 N N3    . DA  D 4 4  ? 8.103   -8.781  -15.394 1.00 122.00 ? 13  DA  D N3    1 
ATOM   796 C C4    . DA  D 4 4  ? 9.019   -9.545  -14.774 1.00 115.80 ? 13  DA  D C4    1 
ATOM   797 P P     . DT  D 4 5  ? 5.568   -14.420 -17.104 1.00 151.81 ? 14  DT  D P     1 
ATOM   798 O OP1   . DT  D 4 5  ? 4.160   -14.861 -17.237 1.00 147.25 ? 14  DT  D OP1   1 
ATOM   799 O OP2   . DT  D 4 5  ? 6.667   -15.407 -17.220 1.00 147.80 ? 14  DT  D OP2   1 
ATOM   800 O "O5'" . DT  D 4 5  ? 5.807   -13.232 -18.144 1.00 132.11 ? 14  DT  D "O5'" 1 
ATOM   801 C "C5'" . DT  D 4 5  ? 4.864   -12.189 -18.218 1.00 133.90 ? 14  DT  D "C5'" 1 
ATOM   802 C "C4'" . DT  D 4 5  ? 5.431   -10.998 -18.957 1.00 134.34 ? 14  DT  D "C4'" 1 
ATOM   803 O "O4'" . DT  D 4 5  ? 6.615   -10.518 -18.287 1.00 133.83 ? 14  DT  D "O4'" 1 
ATOM   804 C "C3'" . DT  D 4 5  ? 5.848   -11.272 -20.402 1.00 136.48 ? 14  DT  D "C3'" 1 
ATOM   805 O "O3'" . DT  D 4 5  ? 5.072   -10.460 -21.263 1.00 145.34 ? 14  DT  D "O3'" 1 
ATOM   806 C "C2'" . DT  D 4 5  ? 7.341   -10.888 -20.447 1.00 137.69 ? 14  DT  D "C2'" 1 
ATOM   807 C "C1'" . DT  D 4 5  ? 7.451   -9.952  -19.255 1.00 133.12 ? 14  DT  D "C1'" 1 
ATOM   808 N N1    . DT  D 4 5  ? 8.822   -9.823  -18.673 1.00 128.29 ? 14  DT  D N1    1 
ATOM   809 C C2    . DT  D 4 5  ? 9.431   -8.585  -18.662 1.00 126.28 ? 14  DT  D C2    1 
ATOM   810 O O2    . DT  D 4 5  ? 8.917   -7.583  -19.124 1.00 126.93 ? 14  DT  D O2    1 
ATOM   811 N N3    . DT  D 4 5  ? 10.675  -8.564  -18.089 1.00 121.62 ? 14  DT  D N3    1 
ATOM   812 C C4    . DT  D 4 5  ? 11.354  -9.631  -17.531 1.00 124.39 ? 14  DT  D C4    1 
ATOM   813 O O4    . DT  D 4 5  ? 12.473  -9.509  -17.038 1.00 124.75 ? 14  DT  D O4    1 
ATOM   814 C C5    . DT  D 4 5  ? 10.656  -10.898 -17.566 1.00 123.91 ? 14  DT  D C5    1 
ATOM   815 C C7    . DT  D 4 5  ? 11.296  -12.126 -16.990 1.00 117.32 ? 14  DT  D C7    1 
ATOM   816 C C6    . DT  D 4 5  ? 9.436   -10.931 -18.126 1.00 122.78 ? 14  DT  D C6    1 
ATOM   817 P P     . DT  D 4 6  ? 4.781   -10.929 -22.770 1.00 156.23 ? 15  DT  D P     1 
ATOM   818 O OP1   . DT  D 4 6  ? 3.357   -10.648 -23.070 1.00 139.07 ? 15  DT  D OP1   1 
ATOM   819 O OP2   . DT  D 4 6  ? 5.324   -12.301 -22.907 1.00 152.04 ? 15  DT  D OP2   1 
ATOM   820 O "O5'" . DT  D 4 6  ? 5.689   -9.949  -23.645 1.00 144.61 ? 15  DT  D "O5'" 1 
ATOM   821 C "C5'" . DT  D 4 6  ? 5.518   -8.545  -23.533 1.00 140.93 ? 15  DT  D "C5'" 1 
ATOM   822 C "C4'" . DT  D 4 6  ? 6.801   -7.818  -23.886 1.00 143.82 ? 15  DT  D "C4'" 1 
ATOM   823 O "O4'" . DT  D 4 6  ? 7.755   -7.973  -22.820 1.00 138.79 ? 15  DT  D "O4'" 1 
ATOM   824 C "C3'" . DT  D 4 6  ? 7.529   -8.356  -25.110 1.00 148.65 ? 15  DT  D "C3'" 1 
ATOM   825 O "O3'" . DT  D 4 6  ? 7.042   -7.723  -26.328 1.00 147.68 ? 15  DT  D "O3'" 1 
ATOM   826 C "C2'" . DT  D 4 6  ? 9.007   -8.040  -24.821 1.00 146.43 ? 15  DT  D "C2'" 1 
ATOM   827 C "C1'" . DT  D 4 6  ? 9.019   -7.643  -23.336 1.00 138.58 ? 15  DT  D "C1'" 1 
ATOM   828 N N1    . DT  D 4 6  ? 10.079  -8.339  -22.548 1.00 133.02 ? 15  DT  D N1    1 
ATOM   829 C C2    . DT  D 4 6  ? 11.137  -7.606  -22.051 1.00 132.42 ? 15  DT  D C2    1 
ATOM   830 O O2    . DT  D 4 6  ? 11.245  -6.400  -22.202 1.00 131.39 ? 15  DT  D O2    1 
ATOM   831 N N3    . DT  D 4 6  ? 12.069  -8.340  -21.360 1.00 130.25 ? 15  DT  D N3    1 
ATOM   832 C C4    . DT  D 4 6  ? 12.052  -9.704  -21.125 1.00 130.72 ? 15  DT  D C4    1 
ATOM   833 O O4    . DT  D 4 6  ? 12.936  -10.270 -20.488 1.00 126.25 ? 15  DT  D O4    1 
ATOM   834 C C5    . DT  D 4 6  ? 10.920  -10.412 -21.681 1.00 134.06 ? 15  DT  D C5    1 
ATOM   835 C C7    . DT  D 4 6  ? 10.795  -11.896 -21.490 1.00 128.71 ? 15  DT  D C7    1 
ATOM   836 C C6    . DT  D 4 6  ? 10.001  -9.704  -22.361 1.00 132.21 ? 15  DT  D C6    1 
ATOM   837 P P     . DC  D 4 7  ? 7.619   -6.311  -26.856 1.00 156.07 ? 16  DC  D P     1 
ATOM   838 O OP1   . DC  D 4 7  ? 7.785   -5.389  -25.709 1.00 153.82 ? 16  DC  D OP1   1 
ATOM   839 O OP2   . DC  D 4 7  ? 6.753   -5.901  -27.984 1.00 151.63 ? 16  DC  D OP2   1 
ATOM   840 O "O5'" . DC  D 4 7  ? 9.051   -6.663  -27.482 1.00 154.48 ? 16  DC  D "O5'" 1 
ATOM   841 C "C5'" . DC  D 4 7  ? 9.867   -5.631  -28.047 1.00 151.02 ? 16  DC  D "C5'" 1 
ATOM   842 C "C4'" . DC  D 4 7  ? 10.719  -4.960  -26.980 1.00 149.79 ? 16  DC  D "C4'" 1 
ATOM   843 O "O4'" . DC  D 4 7  ? 11.113  -5.934  -25.981 1.00 143.92 ? 16  DC  D "O4'" 1 
ATOM   844 C "C3'" . DC  D 4 7  ? 12.019  -4.322  -27.490 1.00 149.11 ? 16  DC  D "C3'" 1 
ATOM   845 O "O3'" . DC  D 4 7  ? 12.125  -2.982  -27.010 1.00 148.31 ? 16  DC  D "O3'" 1 
ATOM   846 C "C2'" . DC  D 4 7  ? 13.119  -5.222  -26.910 1.00 138.59 ? 16  DC  D "C2'" 1 
ATOM   847 C "C1'" . DC  D 4 7  ? 12.459  -5.718  -25.636 1.00 139.14 ? 16  DC  D "C1'" 1 
ATOM   848 N N1    . DC  D 4 7  ? 13.020  -7.001  -25.101 1.00 137.70 ? 16  DC  D N1    1 
ATOM   849 C C2    . DC  D 4 7  ? 14.220  -6.998  -24.367 1.00 135.73 ? 16  DC  D C2    1 
ATOM   850 O O2    . DC  D 4 7  ? 14.822  -5.930  -24.182 1.00 134.68 ? 16  DC  D O2    1 
ATOM   851 N N3    . DC  D 4 7  ? 14.694  -8.177  -23.885 1.00 131.44 ? 16  DC  D N3    1 
ATOM   852 C C4    . DC  D 4 7  ? 14.021  -9.311  -24.102 1.00 132.58 ? 16  DC  D C4    1 
ATOM   853 N N4    . DC  D 4 7  ? 14.530  -10.445 -23.607 1.00 133.86 ? 16  DC  D N4    1 
ATOM   854 C C5    . DC  D 4 7  ? 12.799  -9.331  -24.836 1.00 133.72 ? 16  DC  D C5    1 
ATOM   855 C C6    . DC  D 4 7  ? 12.340  -8.167  -25.311 1.00 135.73 ? 16  DC  D C6    1 
HETATM 856 C C1    . NT  E 5 .  ? -14.056 6.866   24.063  1.00 132.63 ? 101 NT  A C1    1 
HETATM 857 N N1    . NT  E 5 .  ? -12.791 7.278   24.112  1.00 133.45 ? 101 NT  A N1    1 
HETATM 858 N N2    . NT  E 5 .  ? -14.901 7.160   25.055  1.00 133.18 ? 101 NT  A N2    1 
HETATM 859 N N3    . NT  E 5 .  ? -14.469 6.157   23.014  1.00 124.97 ? 101 NT  A N3    1 
HETATM 860 C C2    . NT  E 5 .  ? -13.534 5.363   22.238  1.00 121.91 ? 101 NT  A C2    1 
HETATM 861 C C3    . NT  E 5 .  ? -14.141 4.054   21.786  1.00 117.94 ? 101 NT  A C3    1 
HETATM 862 O O1    . NT  E 5 .  ? -13.837 2.865   22.477  1.00 120.87 ? 101 NT  A O1    1 
HETATM 863 N N4    . NT  E 5 .  ? -14.956 4.122   20.731  1.00 113.59 ? 101 NT  A N4    1 
HETATM 864 C C4    . NT  E 5 .  ? -15.287 3.009   19.944  1.00 111.26 ? 101 NT  A C4    1 
HETATM 865 C C5    . NT  E 5 .  ? -15.461 3.005   18.563  1.00 111.95 ? 101 NT  A C5    1 
HETATM 866 C C6    . NT  E 5 .  ? -15.783 1.707   18.166  1.00 109.69 ? 101 NT  A C6    1 
HETATM 867 N N5    . NT  E 5 .  ? -15.814 0.932   19.293  1.00 110.75 ? 101 NT  A N5    1 
HETATM 868 C C8    . NT  E 5 .  ? -16.115 -0.538  19.386  1.00 109.99 ? 101 NT  A C8    1 
HETATM 869 C C7    . NT  E 5 .  ? -15.515 1.713   20.383  1.00 104.98 ? 101 NT  A C7    1 
HETATM 870 C C9    . NT  E 5 .  ? -16.159 1.311   16.752  1.00 103.93 ? 101 NT  A C9    1 
HETATM 871 O O2    . NT  E 5 .  ? -16.655 0.014   16.493  1.00 102.32 ? 101 NT  A O2    1 
HETATM 872 N N6    . NT  E 5 .  ? -16.020 2.220   15.776  1.00 100.09 ? 101 NT  A N6    1 
HETATM 873 C C10   . NT  E 5 .  ? -16.339 1.971   14.428  1.00 93.29  ? 101 NT  A C10   1 
HETATM 874 C C11   . NT  E 5 .  ? -15.874 2.695   13.331  1.00 95.76  ? 101 NT  A C11   1 
HETATM 875 C C12   . NT  E 5 .  ? -16.413 2.130   12.172  1.00 95.87  ? 101 NT  A C12   1 
HETATM 876 N N7    . NT  E 5 .  ? -17.207 1.088   12.559  1.00 99.49  ? 101 NT  A N7    1 
HETATM 877 C C14   . NT  E 5 .  ? -18.006 0.172   11.671  1.00 95.11  ? 101 NT  A C14   1 
HETATM 878 C C13   . NT  E 5 .  ? -17.175 0.981   13.929  1.00 89.39  ? 101 NT  A C13   1 
HETATM 879 C C15   . NT  E 5 .  ? -16.169 2.621   10.759  1.00 89.20  ? 101 NT  A C15   1 
HETATM 880 O O3    . NT  E 5 .  ? -17.157 2.435   9.763   1.00 84.76  ? 101 NT  A O3    1 
HETATM 881 N N8    . NT  E 5 .  ? -15.020 3.239   10.461  1.00 89.24  ? 101 NT  A N8    1 
HETATM 882 C C16   . NT  E 5 .  ? -14.901 4.208   9.378   1.00 84.59  ? 101 NT  A C16   1 
HETATM 883 C C17   . NT  E 5 .  ? -14.732 3.573   8.001   1.00 91.80  ? 101 NT  A C17   1 
HETATM 884 C C18   . NT  E 5 .  ? -14.213 4.546   6.952   1.00 99.96  ? 101 NT  A C18   1 
HETATM 885 N N9    . NT  E 5 .  ? -14.786 4.549   5.748   1.00 96.81  ? 101 NT  A N9    1 
HETATM 886 N N10   . NT  E 5 .  ? -13.193 5.361   7.231   1.00 97.46  ? 101 NT  A N10   1 
HETATM 887 C C1    . NT  F 5 .  ? 4.914   -10.413 -11.826 1.00 121.58 ? 102 NT  A C1    1 
HETATM 888 N N1    . NT  F 5 .  ? 5.985   -10.685 -11.081 1.00 120.49 ? 102 NT  A N1    1 
HETATM 889 N N2    . NT  F 5 .  ? 3.902   -11.279 -11.875 1.00 120.54 ? 102 NT  A N2    1 
HETATM 890 N N3    . NT  F 5 .  ? 4.850   -9.278  -12.524 1.00 121.98 ? 102 NT  A N3    1 
HETATM 891 C C2    . NT  F 5 .  ? 3.839   -9.077  -13.544 1.00 122.13 ? 102 NT  A C2    1 
HETATM 892 C C3    . NT  F 5 .  ? 4.460   -8.923  -14.908 1.00 124.46 ? 102 NT  A C3    1 
HETATM 893 O O1    . NT  F 5 .  ? 4.709   -10.055 -15.710 1.00 126.99 ? 102 NT  A O1    1 
HETATM 894 N N4    . NT  F 5 .  ? 4.763   -7.689  -15.295 1.00 123.36 ? 102 NT  A N4    1 
HETATM 895 C C4    . NT  F 5 .  ? 4.700   -7.383  -16.657 1.00 127.40 ? 102 NT  A C4    1 
HETATM 896 C C5    . NT  F 5 .  ? 5.728   -6.896  -17.452 1.00 130.40 ? 102 NT  A C5    1 
HETATM 897 C C6    . NT  F 5 .  ? 5.230   -6.738  -18.744 1.00 136.59 ? 102 NT  A C6    1 
HETATM 898 N N5    . NT  F 5 .  ? 3.919   -7.116  -18.735 1.00 138.94 ? 102 NT  A N5    1 
HETATM 899 C C8    . NT  F 5 .  ? 2.960   -7.116  -19.895 1.00 134.72 ? 102 NT  A C8    1 
HETATM 900 C C7    . NT  F 5 .  ? 3.582   -7.515  -17.465 1.00 132.16 ? 102 NT  A C7    1 
HETATM 901 C C9    . NT  F 5 .  ? 5.978   -6.082  -19.879 1.00 137.84 ? 102 NT  A C9    1 
HETATM 902 O O2    . NT  F 5 .  ? 5.527   -6.245  -21.208 1.00 140.80 ? 102 NT  A O2    1 
HETATM 903 N N6    . NT  F 5 .  ? 7.079   -5.370  -19.620 1.00 134.40 ? 102 NT  A N6    1 
HETATM 904 C C10   . NT  F 5 .  ? 7.601   -4.526  -20.613 1.00 134.30 ? 102 NT  A C10   1 
HETATM 905 C C11   . NT  F 5 .  ? 8.936   -4.374  -20.974 1.00 135.33 ? 102 NT  A C11   1 
HETATM 906 C C12   . NT  F 5 .  ? 8.991   -3.438  -22.010 1.00 144.31 ? 102 NT  A C12   1 
HETATM 907 N N7    . NT  F 5 .  ? 7.720   -3.022  -22.267 1.00 145.32 ? 102 NT  A N7    1 
HETATM 908 C C14   . NT  F 5 .  ? 7.287   -2.014  -23.297 1.00 137.80 ? 102 NT  A C14   1 
HETATM 909 C C13   . NT  F 5 .  ? 6.862   -3.675  -21.421 1.00 139.67 ? 102 NT  A C13   1 
HETATM 910 C C15   . NT  F 5 .  ? 10.252  -2.899  -22.642 1.00 143.81 ? 102 NT  A C15   1 
HETATM 911 O O3    . NT  F 5 .  ? 10.326  -1.543  -23.034 1.00 143.42 ? 102 NT  A O3    1 
HETATM 912 N N8    . NT  F 5 .  ? 11.300  -3.699  -22.817 1.00 137.64 ? 102 NT  A N8    1 
HETATM 913 C C16   . NT  F 5 .  ? 12.621  -3.271  -22.389 1.00 135.57 ? 102 NT  A C16   1 
HETATM 914 C C17   . NT  F 5 .  ? 13.404  -2.564  -23.489 1.00 137.15 ? 102 NT  A C17   1 
HETATM 915 C C18   . NT  F 5 .  ? 14.885  -2.646  -23.189 1.00 141.80 ? 102 NT  A C18   1 
HETATM 916 N N9    . NT  F 5 .  ? 15.287  -2.739  -21.924 1.00 135.23 ? 102 NT  A N9    1 
HETATM 917 N N10   . NT  F 5 .  ? 15.748  -2.632  -24.204 1.00 148.37 ? 102 NT  A N10   1 
HETATM 918 O O     . HOH G 6 .  ? -2.915  -1.022  9.485   1.00 61.42  ? 201 HOH A O     1 
HETATM 919 O O     . HOH H 6 .  ? 12.046  -1.825  -8.061  1.00 98.53  ? 101 HOH D O     1 
# 
loop_
_pdbx_poly_seq_scheme.asym_id 
_pdbx_poly_seq_scheme.entity_id 
_pdbx_poly_seq_scheme.seq_id 
_pdbx_poly_seq_scheme.mon_id 
_pdbx_poly_seq_scheme.ndb_seq_num 
_pdbx_poly_seq_scheme.pdb_seq_num 
_pdbx_poly_seq_scheme.auth_seq_num 
_pdbx_poly_seq_scheme.pdb_mon_id 
_pdbx_poly_seq_scheme.auth_mon_id 
_pdbx_poly_seq_scheme.pdb_strand_id 
_pdbx_poly_seq_scheme.pdb_ins_code 
_pdbx_poly_seq_scheme.hetero 
A 1 1  DG 1  1  1  DG DG A . n 
A 1 2  DA 2  2  2  DA DA A . n 
A 1 3  DG 3  3  3  DG DG A . n 
A 1 4  DA 4  4  4  DA DA A . n 
A 1 5  DA 5  5  5  DA DA A . n 
A 1 6  DT 6  6  6  DT DT A . n 
A 1 7  DT 7  7  7  DT DT A . n 
A 1 8  DC 8  8  8  DC DC A . n 
A 1 9  DC 9  9  9  DC DC A . n 
A 1 10 DT 10 10 10 DT DT A . n 
A 1 11 DG 11 11 11 DG DG A . n 
A 1 12 DA 12 12 12 DA DA A . n 
A 1 13 DC 13 13 13 DC DC A . n 
A 1 14 DG 14 14 14 DG DG A . n 
A 1 15 DG 15 15 15 DG DG A . n 
A 1 16 DA 16 16 16 DA DA A . n 
A 1 17 DA 17 17 17 DA DA A . n 
A 1 18 DA 18 18 18 DA DA A . n 
A 1 19 DT 19 19 19 DT DT A . n 
A 1 20 DT 20 20 20 DT DT A . n 
A 1 21 DA 21 21 21 DA DA A . n 
B 2 1  DC 1  0  0  DC DC B . n 
B 2 2  DC 2  1  1  DC DC B . n 
B 2 3  DG 3  2  2  DG DG B . n 
B 2 4  DT 4  3  3  DT DT B . n 
B 2 5  DC 5  4  4  DC DC B . n 
B 2 6  DA 6  5  5  DA DA B . n 
C 3 1  DT 1  1  1  DT DT C . n 
C 3 2  DC 2  2  2  DC DC C . n 
C 3 3  DT 3  3  3  DT DT C . n 
C 3 4  DA 4  4  4  DA DA C . n 
C 3 5  DA 5  5  5  DA DA C . n 
C 3 6  DT 6  6  6  DT DT C . n 
C 3 7  DT 7  7  7  DT DT C . n 
C 3 8  DT 8  8  8  DT DT C . n 
D 4 1  DG 1  10 10 DG DG D . n 
D 4 2  DG 2  11 11 DG DG D . n 
D 4 3  DA 3  12 12 DA DA D . n 
D 4 4  DA 4  13 13 DA DA D . n 
D 4 5  DT 5  14 14 DT DT D . n 
D 4 6  DT 6  15 15 DT DT D . n 
D 4 7  DC 7  16 16 DC DC D . n 
# 
_pdbx_contact_author.id                 2 
_pdbx_contact_author.email              hao.yan@asu.edu 
_pdbx_contact_author.name_first         Hao 
_pdbx_contact_author.name_last          Yan 
_pdbx_contact_author.name_mi            ? 
_pdbx_contact_author.role               'principal investigator/group leader' 
_pdbx_contact_author.identifier_ORCID   0000-0001-7397-9852 
# 
loop_
_pdbx_nonpoly_scheme.asym_id 
_pdbx_nonpoly_scheme.entity_id 
_pdbx_nonpoly_scheme.mon_id 
_pdbx_nonpoly_scheme.ndb_seq_num 
_pdbx_nonpoly_scheme.pdb_seq_num 
_pdbx_nonpoly_scheme.auth_seq_num 
_pdbx_nonpoly_scheme.pdb_mon_id 
_pdbx_nonpoly_scheme.auth_mon_id 
_pdbx_nonpoly_scheme.pdb_strand_id 
_pdbx_nonpoly_scheme.pdb_ins_code 
E 5 NT  1 101 101 NT  NT  A . 
F 5 NT  1 102 102 NT  NT  A . 
G 6 HOH 1 201 1   HOH HOH A . 
H 6 HOH 1 101 2   HOH HOH D . 
# 
_pdbx_struct_assembly.id                   1 
_pdbx_struct_assembly.details              author_and_software_defined_assembly 
_pdbx_struct_assembly.method_details       PISA 
_pdbx_struct_assembly.oligomeric_details   tetrameric 
_pdbx_struct_assembly.oligomeric_count     4 
# 
_pdbx_struct_assembly_gen.assembly_id       1 
_pdbx_struct_assembly_gen.oper_expression   1 
_pdbx_struct_assembly_gen.asym_id_list      A,B,C,D,E,F,G,H 
# 
loop_
_pdbx_struct_assembly_prop.biol_id 
_pdbx_struct_assembly_prop.type 
_pdbx_struct_assembly_prop.value 
_pdbx_struct_assembly_prop.details 
1 'ABSA (A^2)' 2270 ? 
1 MORE         -9   ? 
1 'SSA (A^2)'  9120 ? 
# 
_pdbx_struct_oper_list.id                   1 
_pdbx_struct_oper_list.type                 'identity operation' 
_pdbx_struct_oper_list.name                 1_555 
_pdbx_struct_oper_list.symmetry_operation   x,y,z 
_pdbx_struct_oper_list.matrix[1][1]         1.0000000000 
_pdbx_struct_oper_list.matrix[1][2]         0.0000000000 
_pdbx_struct_oper_list.matrix[1][3]         0.0000000000 
_pdbx_struct_oper_list.vector[1]            0.0000000000 
_pdbx_struct_oper_list.matrix[2][1]         0.0000000000 
_pdbx_struct_oper_list.matrix[2][2]         1.0000000000 
_pdbx_struct_oper_list.matrix[2][3]         0.0000000000 
_pdbx_struct_oper_list.vector[2]            0.0000000000 
_pdbx_struct_oper_list.matrix[3][1]         0.0000000000 
_pdbx_struct_oper_list.matrix[3][2]         0.0000000000 
_pdbx_struct_oper_list.matrix[3][3]         1.0000000000 
_pdbx_struct_oper_list.vector[3]            0.0000000000 
# 
_pdbx_audit_revision_history.ordinal             1 
_pdbx_audit_revision_history.data_content_type   'Structure model' 
_pdbx_audit_revision_history.major_revision      1 
_pdbx_audit_revision_history.minor_revision      0 
_pdbx_audit_revision_history.revision_date       2023-12-20 
# 
_pdbx_audit_revision_details.ordinal             1 
_pdbx_audit_revision_details.revision_ordinal    1 
_pdbx_audit_revision_details.data_content_type   'Structure model' 
_pdbx_audit_revision_details.provider            repository 
_pdbx_audit_revision_details.type                'Initial release' 
_pdbx_audit_revision_details.description         ? 
_pdbx_audit_revision_details.details             ? 
# 
loop_
_software.citation_id 
_software.classification 
_software.compiler_name 
_software.compiler_version 
_software.contact_author 
_software.contact_author_email 
_software.date 
_software.description 
_software.dependencies 
_software.hardware 
_software.language 
_software.location 
_software.mods 
_software.name 
_software.os 
_software.os_version 
_software.type 
_software.version 
_software.pdbx_ordinal 
? refinement       ? ? ? ? ? ? ? ? ? ? ? PHENIX   ? ? ? '(1.19.2_4158: ???)' 1 
? 'data scaling'   ? ? ? ? ? ? ? ? ? ? ? HKL-2000 ? ? ? .                    2 
? 'data reduction' ? ? ? ? ? ? ? ? ? ? ? HKL-2000 ? ? ? .                    3 
? phasing          ? ? ? ? ? ? ? ? ? ? ? PHASER   ? ? ? .                    4 
# 
_pdbx_entry_details.entry_id                 8TA8 
_pdbx_entry_details.has_ligand_of_interest   N 
_pdbx_entry_details.compound_details         ? 
_pdbx_entry_details.source_details           ? 
_pdbx_entry_details.nonpolymer_details       ? 
_pdbx_entry_details.sequence_details         ? 
# 
loop_
_chem_comp_atom.comp_id 
_chem_comp_atom.atom_id 
_chem_comp_atom.type_symbol 
_chem_comp_atom.pdbx_aromatic_flag 
_chem_comp_atom.pdbx_stereo_config 
_chem_comp_atom.pdbx_ordinal 
DA  OP3    O N N 1   
DA  P      P N N 2   
DA  OP1    O N N 3   
DA  OP2    O N N 4   
DA  "O5'"  O N N 5   
DA  "C5'"  C N N 6   
DA  "C4'"  C N R 7   
DA  "O4'"  O N N 8   
DA  "C3'"  C N S 9   
DA  "O3'"  O N N 10  
DA  "C2'"  C N N 11  
DA  "C1'"  C N R 12  
DA  N9     N Y N 13  
DA  C8     C Y N 14  
DA  N7     N Y N 15  
DA  C5     C Y N 16  
DA  C6     C Y N 17  
DA  N6     N N N 18  
DA  N1     N Y N 19  
DA  C2     C Y N 20  
DA  N3     N Y N 21  
DA  C4     C Y N 22  
DA  HOP3   H N N 23  
DA  HOP2   H N N 24  
DA  "H5'"  H N N 25  
DA  "H5''" H N N 26  
DA  "H4'"  H N N 27  
DA  "H3'"  H N N 28  
DA  "HO3'" H N N 29  
DA  "H2'"  H N N 30  
DA  "H2''" H N N 31  
DA  "H1'"  H N N 32  
DA  H8     H N N 33  
DA  H61    H N N 34  
DA  H62    H N N 35  
DA  H2     H N N 36  
DC  OP3    O N N 37  
DC  P      P N N 38  
DC  OP1    O N N 39  
DC  OP2    O N N 40  
DC  "O5'"  O N N 41  
DC  "C5'"  C N N 42  
DC  "C4'"  C N R 43  
DC  "O4'"  O N N 44  
DC  "C3'"  C N S 45  
DC  "O3'"  O N N 46  
DC  "C2'"  C N N 47  
DC  "C1'"  C N R 48  
DC  N1     N N N 49  
DC  C2     C N N 50  
DC  O2     O N N 51  
DC  N3     N N N 52  
DC  C4     C N N 53  
DC  N4     N N N 54  
DC  C5     C N N 55  
DC  C6     C N N 56  
DC  HOP3   H N N 57  
DC  HOP2   H N N 58  
DC  "H5'"  H N N 59  
DC  "H5''" H N N 60  
DC  "H4'"  H N N 61  
DC  "H3'"  H N N 62  
DC  "HO3'" H N N 63  
DC  "H2'"  H N N 64  
DC  "H2''" H N N 65  
DC  "H1'"  H N N 66  
DC  H41    H N N 67  
DC  H42    H N N 68  
DC  H5     H N N 69  
DC  H6     H N N 70  
DG  OP3    O N N 71  
DG  P      P N N 72  
DG  OP1    O N N 73  
DG  OP2    O N N 74  
DG  "O5'"  O N N 75  
DG  "C5'"  C N N 76  
DG  "C4'"  C N R 77  
DG  "O4'"  O N N 78  
DG  "C3'"  C N S 79  
DG  "O3'"  O N N 80  
DG  "C2'"  C N N 81  
DG  "C1'"  C N R 82  
DG  N9     N Y N 83  
DG  C8     C Y N 84  
DG  N7     N Y N 85  
DG  C5     C Y N 86  
DG  C6     C N N 87  
DG  O6     O N N 88  
DG  N1     N N N 89  
DG  C2     C N N 90  
DG  N2     N N N 91  
DG  N3     N N N 92  
DG  C4     C Y N 93  
DG  HOP3   H N N 94  
DG  HOP2   H N N 95  
DG  "H5'"  H N N 96  
DG  "H5''" H N N 97  
DG  "H4'"  H N N 98  
DG  "H3'"  H N N 99  
DG  "HO3'" H N N 100 
DG  "H2'"  H N N 101 
DG  "H2''" H N N 102 
DG  "H1'"  H N N 103 
DG  H8     H N N 104 
DG  H1     H N N 105 
DG  H21    H N N 106 
DG  H22    H N N 107 
DT  OP3    O N N 108 
DT  P      P N N 109 
DT  OP1    O N N 110 
DT  OP2    O N N 111 
DT  "O5'"  O N N 112 
DT  "C5'"  C N N 113 
DT  "C4'"  C N R 114 
DT  "O4'"  O N N 115 
DT  "C3'"  C N S 116 
DT  "O3'"  O N N 117 
DT  "C2'"  C N N 118 
DT  "C1'"  C N R 119 
DT  N1     N N N 120 
DT  C2     C N N 121 
DT  O2     O N N 122 
DT  N3     N N N 123 
DT  C4     C N N 124 
DT  O4     O N N 125 
DT  C5     C N N 126 
DT  C7     C N N 127 
DT  C6     C N N 128 
DT  HOP3   H N N 129 
DT  HOP2   H N N 130 
DT  "H5'"  H N N 131 
DT  "H5''" H N N 132 
DT  "H4'"  H N N 133 
DT  "H3'"  H N N 134 
DT  "HO3'" H N N 135 
DT  "H2'"  H N N 136 
DT  "H2''" H N N 137 
DT  "H1'"  H N N 138 
DT  H3     H N N 139 
DT  H71    H N N 140 
DT  H72    H N N 141 
DT  H73    H N N 142 
DT  H6     H N N 143 
HOH O      O N N 144 
HOH H1     H N N 145 
HOH H2     H N N 146 
NT  C1     C N N 147 
NT  N1     N N N 148 
NT  N2     N N N 149 
NT  N3     N N N 150 
NT  C2     C N N 151 
NT  C3     C N N 152 
NT  O1     O N N 153 
NT  N4     N N N 154 
NT  C4     C Y N 155 
NT  C5     C Y N 156 
NT  C6     C Y N 157 
NT  N5     N Y N 158 
NT  C8     C N N 159 
NT  C7     C Y N 160 
NT  C9     C N N 161 
NT  O2     O N N 162 
NT  N6     N N N 163 
NT  C10    C Y N 164 
NT  C11    C Y N 165 
NT  C12    C Y N 166 
NT  N7     N Y N 167 
NT  C14    C N N 168 
NT  C13    C Y N 169 
NT  C15    C N N 170 
NT  O3     O N N 171 
NT  N8     N N N 172 
NT  C16    C N N 173 
NT  C17    C N N 174 
NT  C18    C N N 175 
NT  N9     N N N 176 
NT  N10    N N N 177 
NT  HN1    H N N 178 
NT  HN21   H N N 179 
NT  HN22   H N N 180 
NT  HN3    H N N 181 
NT  H21    H N N 182 
NT  H22    H N N 183 
NT  HN4    H N N 184 
NT  H5     H N N 185 
NT  H81    H N N 186 
NT  H82    H N N 187 
NT  H83    H N N 188 
NT  H7     H N N 189 
NT  HN6    H N N 190 
NT  H11    H N N 191 
NT  H141   H N N 192 
NT  H142   H N N 193 
NT  H143   H N N 194 
NT  H13    H N N 195 
NT  HN8    H N N 196 
NT  H161   H N N 197 
NT  H162   H N N 198 
NT  H171   H N N 199 
NT  H172   H N N 200 
NT  HN9    H N N 201 
NT  HN01   H N N 202 
NT  HN02   H N N 203 
# 
loop_
_chem_comp_bond.comp_id 
_chem_comp_bond.atom_id_1 
_chem_comp_bond.atom_id_2 
_chem_comp_bond.value_order 
_chem_comp_bond.pdbx_aromatic_flag 
_chem_comp_bond.pdbx_stereo_config 
_chem_comp_bond.pdbx_ordinal 
DA  OP3   P      sing N N 1   
DA  OP3   HOP3   sing N N 2   
DA  P     OP1    doub N N 3   
DA  P     OP2    sing N N 4   
DA  P     "O5'"  sing N N 5   
DA  OP2   HOP2   sing N N 6   
DA  "O5'" "C5'"  sing N N 7   
DA  "C5'" "C4'"  sing N N 8   
DA  "C5'" "H5'"  sing N N 9   
DA  "C5'" "H5''" sing N N 10  
DA  "C4'" "O4'"  sing N N 11  
DA  "C4'" "C3'"  sing N N 12  
DA  "C4'" "H4'"  sing N N 13  
DA  "O4'" "C1'"  sing N N 14  
DA  "C3'" "O3'"  sing N N 15  
DA  "C3'" "C2'"  sing N N 16  
DA  "C3'" "H3'"  sing N N 17  
DA  "O3'" "HO3'" sing N N 18  
DA  "C2'" "C1'"  sing N N 19  
DA  "C2'" "H2'"  sing N N 20  
DA  "C2'" "H2''" sing N N 21  
DA  "C1'" N9     sing N N 22  
DA  "C1'" "H1'"  sing N N 23  
DA  N9    C8     sing Y N 24  
DA  N9    C4     sing Y N 25  
DA  C8    N7     doub Y N 26  
DA  C8    H8     sing N N 27  
DA  N7    C5     sing Y N 28  
DA  C5    C6     sing Y N 29  
DA  C5    C4     doub Y N 30  
DA  C6    N6     sing N N 31  
DA  C6    N1     doub Y N 32  
DA  N6    H61    sing N N 33  
DA  N6    H62    sing N N 34  
DA  N1    C2     sing Y N 35  
DA  C2    N3     doub Y N 36  
DA  C2    H2     sing N N 37  
DA  N3    C4     sing Y N 38  
DC  OP3   P      sing N N 39  
DC  OP3   HOP3   sing N N 40  
DC  P     OP1    doub N N 41  
DC  P     OP2    sing N N 42  
DC  P     "O5'"  sing N N 43  
DC  OP2   HOP2   sing N N 44  
DC  "O5'" "C5'"  sing N N 45  
DC  "C5'" "C4'"  sing N N 46  
DC  "C5'" "H5'"  sing N N 47  
DC  "C5'" "H5''" sing N N 48  
DC  "C4'" "O4'"  sing N N 49  
DC  "C4'" "C3'"  sing N N 50  
DC  "C4'" "H4'"  sing N N 51  
DC  "O4'" "C1'"  sing N N 52  
DC  "C3'" "O3'"  sing N N 53  
DC  "C3'" "C2'"  sing N N 54  
DC  "C3'" "H3'"  sing N N 55  
DC  "O3'" "HO3'" sing N N 56  
DC  "C2'" "C1'"  sing N N 57  
DC  "C2'" "H2'"  sing N N 58  
DC  "C2'" "H2''" sing N N 59  
DC  "C1'" N1     sing N N 60  
DC  "C1'" "H1'"  sing N N 61  
DC  N1    C2     sing N N 62  
DC  N1    C6     sing N N 63  
DC  C2    O2     doub N N 64  
DC  C2    N3     sing N N 65  
DC  N3    C4     doub N N 66  
DC  C4    N4     sing N N 67  
DC  C4    C5     sing N N 68  
DC  N4    H41    sing N N 69  
DC  N4    H42    sing N N 70  
DC  C5    C6     doub N N 71  
DC  C5    H5     sing N N 72  
DC  C6    H6     sing N N 73  
DG  OP3   P      sing N N 74  
DG  OP3   HOP3   sing N N 75  
DG  P     OP1    doub N N 76  
DG  P     OP2    sing N N 77  
DG  P     "O5'"  sing N N 78  
DG  OP2   HOP2   sing N N 79  
DG  "O5'" "C5'"  sing N N 80  
DG  "C5'" "C4'"  sing N N 81  
DG  "C5'" "H5'"  sing N N 82  
DG  "C5'" "H5''" sing N N 83  
DG  "C4'" "O4'"  sing N N 84  
DG  "C4'" "C3'"  sing N N 85  
DG  "C4'" "H4'"  sing N N 86  
DG  "O4'" "C1'"  sing N N 87  
DG  "C3'" "O3'"  sing N N 88  
DG  "C3'" "C2'"  sing N N 89  
DG  "C3'" "H3'"  sing N N 90  
DG  "O3'" "HO3'" sing N N 91  
DG  "C2'" "C1'"  sing N N 92  
DG  "C2'" "H2'"  sing N N 93  
DG  "C2'" "H2''" sing N N 94  
DG  "C1'" N9     sing N N 95  
DG  "C1'" "H1'"  sing N N 96  
DG  N9    C8     sing Y N 97  
DG  N9    C4     sing Y N 98  
DG  C8    N7     doub Y N 99  
DG  C8    H8     sing N N 100 
DG  N7    C5     sing Y N 101 
DG  C5    C6     sing N N 102 
DG  C5    C4     doub Y N 103 
DG  C6    O6     doub N N 104 
DG  C6    N1     sing N N 105 
DG  N1    C2     sing N N 106 
DG  N1    H1     sing N N 107 
DG  C2    N2     sing N N 108 
DG  C2    N3     doub N N 109 
DG  N2    H21    sing N N 110 
DG  N2    H22    sing N N 111 
DG  N3    C4     sing N N 112 
DT  OP3   P      sing N N 113 
DT  OP3   HOP3   sing N N 114 
DT  P     OP1    doub N N 115 
DT  P     OP2    sing N N 116 
DT  P     "O5'"  sing N N 117 
DT  OP2   HOP2   sing N N 118 
DT  "O5'" "C5'"  sing N N 119 
DT  "C5'" "C4'"  sing N N 120 
DT  "C5'" "H5'"  sing N N 121 
DT  "C5'" "H5''" sing N N 122 
DT  "C4'" "O4'"  sing N N 123 
DT  "C4'" "C3'"  sing N N 124 
DT  "C4'" "H4'"  sing N N 125 
DT  "O4'" "C1'"  sing N N 126 
DT  "C3'" "O3'"  sing N N 127 
DT  "C3'" "C2'"  sing N N 128 
DT  "C3'" "H3'"  sing N N 129 
DT  "O3'" "HO3'" sing N N 130 
DT  "C2'" "C1'"  sing N N 131 
DT  "C2'" "H2'"  sing N N 132 
DT  "C2'" "H2''" sing N N 133 
DT  "C1'" N1     sing N N 134 
DT  "C1'" "H1'"  sing N N 135 
DT  N1    C2     sing N N 136 
DT  N1    C6     sing N N 137 
DT  C2    O2     doub N N 138 
DT  C2    N3     sing N N 139 
DT  N3    C4     sing N N 140 
DT  N3    H3     sing N N 141 
DT  C4    O4     doub N N 142 
DT  C4    C5     sing N N 143 
DT  C5    C7     sing N N 144 
DT  C5    C6     doub N N 145 
DT  C7    H71    sing N N 146 
DT  C7    H72    sing N N 147 
DT  C7    H73    sing N N 148 
DT  C6    H6     sing N N 149 
HOH O     H1     sing N N 150 
HOH O     H2     sing N N 151 
NT  C1    N1     doub N N 152 
NT  C1    N2     sing N N 153 
NT  C1    N3     sing N N 154 
NT  N1    HN1    sing N N 155 
NT  N2    HN21   sing N N 156 
NT  N2    HN22   sing N N 157 
NT  N3    C2     sing N N 158 
NT  N3    HN3    sing N N 159 
NT  C2    C3     sing N N 160 
NT  C2    H21    sing N N 161 
NT  C2    H22    sing N N 162 
NT  C3    O1     doub N N 163 
NT  C3    N4     sing N N 164 
NT  N4    C4     sing N N 165 
NT  N4    HN4    sing N N 166 
NT  C4    C5     sing Y N 167 
NT  C4    C7     doub Y N 168 
NT  C5    C6     doub Y N 169 
NT  C5    H5     sing N N 170 
NT  C6    N5     sing Y N 171 
NT  C6    C9     sing N N 172 
NT  N5    C8     sing N N 173 
NT  N5    C7     sing Y N 174 
NT  C8    H81    sing N N 175 
NT  C8    H82    sing N N 176 
NT  C8    H83    sing N N 177 
NT  C7    H7     sing N N 178 
NT  C9    O2     doub N N 179 
NT  C9    N6     sing N N 180 
NT  N6    C10    sing N N 181 
NT  N6    HN6    sing N N 182 
NT  C10   C11    sing Y N 183 
NT  C10   C13    doub Y N 184 
NT  C11   C12    doub Y N 185 
NT  C11   H11    sing N N 186 
NT  C12   N7     sing Y N 187 
NT  C12   C15    sing N N 188 
NT  N7    C14    sing N N 189 
NT  N7    C13    sing Y N 190 
NT  C14   H141   sing N N 191 
NT  C14   H142   sing N N 192 
NT  C14   H143   sing N N 193 
NT  C13   H13    sing N N 194 
NT  C15   O3     doub N N 195 
NT  C15   N8     sing N N 196 
NT  N8    C16    sing N N 197 
NT  N8    HN8    sing N N 198 
NT  C16   C17    sing N N 199 
NT  C16   H161   sing N N 200 
NT  C16   H162   sing N N 201 
NT  C17   C18    sing N N 202 
NT  C17   H171   sing N N 203 
NT  C17   H172   sing N N 204 
NT  C18   N9     doub N N 205 
NT  C18   N10    sing N N 206 
NT  N9    HN9    sing N N 207 
NT  N10   HN01   sing N N 208 
NT  N10   HN02   sing N N 209 
# 
loop_
_ndb_struct_conf_na.entry_id 
_ndb_struct_conf_na.feature 
8TA8 'double helix'        
8TA8 'a-form double helix' 
8TA8 'b-form double helix' 
# 
loop_
_ndb_struct_na_base_pair.model_number 
_ndb_struct_na_base_pair.i_label_asym_id 
_ndb_struct_na_base_pair.i_label_comp_id 
_ndb_struct_na_base_pair.i_label_seq_id 
_ndb_struct_na_base_pair.i_symmetry 
_ndb_struct_na_base_pair.j_label_asym_id 
_ndb_struct_na_base_pair.j_label_comp_id 
_ndb_struct_na_base_pair.j_label_seq_id 
_ndb_struct_na_base_pair.j_symmetry 
_ndb_struct_na_base_pair.shear 
_ndb_struct_na_base_pair.stretch 
_ndb_struct_na_base_pair.stagger 
_ndb_struct_na_base_pair.buckle 
_ndb_struct_na_base_pair.propeller 
_ndb_struct_na_base_pair.opening 
_ndb_struct_na_base_pair.pair_number 
_ndb_struct_na_base_pair.pair_name 
_ndb_struct_na_base_pair.i_auth_asym_id 
_ndb_struct_na_base_pair.i_auth_seq_id 
_ndb_struct_na_base_pair.i_PDB_ins_code 
_ndb_struct_na_base_pair.j_auth_asym_id 
_ndb_struct_na_base_pair.j_auth_seq_id 
_ndb_struct_na_base_pair.j_PDB_ins_code 
_ndb_struct_na_base_pair.hbond_type_28 
_ndb_struct_na_base_pair.hbond_type_12 
1 A DG 3  1_555 D DC 7 1_555 -0.180 -0.160 0.223  3.375  -12.533 -0.920 1  A_DG3:DC16_D A 3  ? D 16 ? 19 1 
1 A DA 4  1_555 D DT 6 1_555 0.097  -0.077 -0.117 -2.477 -13.902 0.297  2  A_DA4:DT15_D A 4  ? D 15 ? 20 1 
1 A DA 5  1_555 D DT 5 1_555 0.092  -0.081 -0.036 -2.855 -14.422 0.754  3  A_DA5:DT14_D A 5  ? D 14 ? 20 1 
1 A DT 6  1_555 D DA 4 1_555 -0.101 -0.087 0.236  -6.983 -15.090 0.242  4  A_DT6:DA13_D A 6  ? D 13 ? 20 1 
1 A DT 7  1_555 D DA 3 1_555 -0.153 -0.218 0.459  -2.860 -10.830 0.035  5  A_DT7:DA12_D A 7  ? D 12 ? 20 1 
1 A DC 8  1_555 D DG 2 1_555 0.178  -0.195 0.291  1.193  -8.101  -0.869 6  A_DC8:DG11_D A 8  ? D 11 ? 19 1 
1 A DC 9  1_555 D DG 1 1_555 0.144  -0.163 0.243  -5.038 -7.297  0.360  7  A_DC9:DG10_D A 9  ? D 10 ? 19 1 
1 A DT 10 1_555 B DA 6 1_555 -0.234 -0.103 0.416  -5.908 -6.329  -0.775 8  A_DT10:DA5_B A 10 ? B 5  ? 20 1 
1 A DG 11 1_555 B DC 5 1_555 -0.144 -0.145 0.295  1.682  -1.990  0.510  9  A_DG11:DC4_B A 11 ? B 4  ? 19 1 
1 A DA 12 1_555 B DT 4 1_555 0.094  -0.116 0.493  -0.482 -4.404  -3.016 10 A_DA12:DT3_B A 12 ? B 3  ? 20 1 
1 A DC 13 1_555 B DG 3 1_555 0.187  -0.164 0.329  -2.721 -3.460  -1.270 11 A_DC13:DG2_B A 13 ? B 2  ? 19 1 
1 A DG 14 1_555 B DC 2 1_555 -0.136 -0.051 0.199  -1.111 -4.154  1.627  12 A_DG14:DC1_B A 14 ? B 1  ? 19 1 
1 A DG 15 1_555 B DC 1 1_555 -0.119 -0.185 0.504  6.905  -7.098  -0.711 13 A_DG15:DC0_B A 15 ? B 0  ? 19 1 
1 A DA 16 1_555 C DT 8 1_555 0.001  -0.234 0.734  1.912  -9.815  -1.413 14 A_DA16:DT8_C A 16 ? C 8  ? 20 1 
1 A DA 17 1_555 C DT 7 1_555 0.013  -0.159 0.403  -0.252 -8.048  3.393  15 A_DA17:DT7_C A 17 ? C 7  ? 20 1 
1 A DA 18 1_555 C DT 6 1_555 0.115  -0.148 -0.089 -0.770 -12.439 4.375  16 A_DA18:DT6_C A 18 ? C 6  ? 20 1 
1 A DT 19 1_555 C DA 5 1_555 -0.179 -0.128 -0.047 -6.233 -14.240 0.534  17 A_DT19:DA5_C A 19 ? C 5  ? 20 1 
1 A DT 20 1_555 C DA 4 1_555 -0.097 -0.108 -0.119 -2.277 -12.784 3.458  18 A_DT20:DA4_C A 20 ? C 4  ? 20 1 
1 A DA 21 1_555 C DT 3 1_555 0.080  -0.062 -0.108 -5.287 -10.877 1.099  19 A_DA21:DT3_C A 21 ? C 3  ? 20 1 
# 
loop_
_ndb_struct_na_base_pair_step.model_number 
_ndb_struct_na_base_pair_step.i_label_asym_id_1 
_ndb_struct_na_base_pair_step.i_label_comp_id_1 
_ndb_struct_na_base_pair_step.i_label_seq_id_1 
_ndb_struct_na_base_pair_step.i_symmetry_1 
_ndb_struct_na_base_pair_step.j_label_asym_id_1 
_ndb_struct_na_base_pair_step.j_label_comp_id_1 
_ndb_struct_na_base_pair_step.j_label_seq_id_1 
_ndb_struct_na_base_pair_step.j_symmetry_1 
_ndb_struct_na_base_pair_step.i_label_asym_id_2 
_ndb_struct_na_base_pair_step.i_label_comp_id_2 
_ndb_struct_na_base_pair_step.i_label_seq_id_2 
_ndb_struct_na_base_pair_step.i_symmetry_2 
_ndb_struct_na_base_pair_step.j_label_asym_id_2 
_ndb_struct_na_base_pair_step.j_label_comp_id_2 
_ndb_struct_na_base_pair_step.j_label_seq_id_2 
_ndb_struct_na_base_pair_step.j_symmetry_2 
_ndb_struct_na_base_pair_step.shift 
_ndb_struct_na_base_pair_step.slide 
_ndb_struct_na_base_pair_step.rise 
_ndb_struct_na_base_pair_step.tilt 
_ndb_struct_na_base_pair_step.roll 
_ndb_struct_na_base_pair_step.twist 
_ndb_struct_na_base_pair_step.x_displacement 
_ndb_struct_na_base_pair_step.y_displacement 
_ndb_struct_na_base_pair_step.helical_rise 
_ndb_struct_na_base_pair_step.inclination 
_ndb_struct_na_base_pair_step.tip 
_ndb_struct_na_base_pair_step.helical_twist 
_ndb_struct_na_base_pair_step.step_number 
_ndb_struct_na_base_pair_step.step_name 
_ndb_struct_na_base_pair_step.i_auth_asym_id_1 
_ndb_struct_na_base_pair_step.i_auth_seq_id_1 
_ndb_struct_na_base_pair_step.i_PDB_ins_code_1 
_ndb_struct_na_base_pair_step.j_auth_asym_id_1 
_ndb_struct_na_base_pair_step.j_auth_seq_id_1 
_ndb_struct_na_base_pair_step.j_PDB_ins_code_1 
_ndb_struct_na_base_pair_step.i_auth_asym_id_2 
_ndb_struct_na_base_pair_step.i_auth_seq_id_2 
_ndb_struct_na_base_pair_step.i_PDB_ins_code_2 
_ndb_struct_na_base_pair_step.j_auth_asym_id_2 
_ndb_struct_na_base_pair_step.j_auth_seq_id_2 
_ndb_struct_na_base_pair_step.j_PDB_ins_code_2 
1 A DG 3  1_555 D DC 7 1_555 A DA 4  1_555 D DT 6 1_555 -0.330 -0.736 3.362 0.723  -0.923 33.684 -1.115 0.691  3.373 -1.593 -1.248 
33.704 1  AA_DG3DA4:DT15DC16_DD A 3  ? D 16 ? A 4  ? D 15 ? 
1 A DA 4  1_555 D DT 6 1_555 A DA 5  1_555 D DT 5 1_555 -0.199 -0.201 3.271 -2.221 0.658  35.458 -0.426 0.002  3.273 1.079  3.642  
35.531 2  AA_DA4DA5:DT14DT15_DD A 4  ? D 15 ? A 5  ? D 14 ? 
1 A DA 5  1_555 D DT 5 1_555 A DT 6  1_555 D DA 4 1_555 -0.053 -0.793 3.277 -2.045 -0.938 34.007 -1.203 -0.237 3.295 -1.602 3.492  
34.079 3  AA_DA5DT6:DA13DT14_DD A 5  ? D 14 ? A 6  ? D 13 ? 
1 A DT 6  1_555 D DA 4 1_555 A DT 7  1_555 D DA 3 1_555 0.278  -0.490 3.115 -3.072 0.492  36.608 -0.840 -0.838 3.076 0.782  4.879  
36.735 4  AA_DT6DT7:DA12DA13_DD A 6  ? D 13 ? A 7  ? D 12 ? 
1 A DT 7  1_555 D DA 3 1_555 A DC 8  1_555 D DG 2 1_555 -0.217 -0.351 3.203 -4.771 2.145  37.308 -0.817 -0.270 3.181 3.334  7.413  
37.660 5  AA_DT7DC8:DG11DA12_DD A 7  ? D 12 ? A 8  ? D 11 ? 
1 A DC 8  1_555 D DG 2 1_555 A DC 9  1_555 D DG 1 1_555 -0.600 -1.839 3.401 -3.201 -1.309 29.894 -3.257 0.461  3.520 -2.527 6.178  
30.089 6  AA_DC8DC9:DG10DG11_DD A 8  ? D 11 ? A 9  ? D 10 ? 
1 A DC 9  1_555 D DG 1 1_555 A DT 10 1_555 B DA 6 1_555 -1.085 -1.747 3.270 -1.725 1.491  24.583 -4.539 2.013  3.228 3.492  4.041  
24.686 7  AA_DC9DT10:DA5DG10_BD A 9  ? D 10 ? A 10 ? B 5  ? 
1 A DT 10 1_555 B DA 6 1_555 A DG 11 1_555 B DC 5 1_555 -0.303 0.820  3.282 -2.450 3.130  29.557 0.929  0.067  3.363 6.101  4.775  
29.817 8  AA_DT10DG11:DC4DA5_BB A 10 ? B 5  ? A 11 ? B 4  ? 
1 A DG 11 1_555 B DC 5 1_555 A DA 12 1_555 B DT 4 1_555 -0.590 0.309  3.278 -1.901 3.874  38.465 -0.014 0.654  3.317 5.858  2.874  
38.697 9  AA_DG11DA12:DT3DC4_BB A 11 ? B 4  ? A 12 ? B 3  ? 
1 A DA 12 1_555 B DT 4 1_555 A DC 13 1_555 B DG 3 1_555 0.216  -0.910 3.379 -0.457 2.726  36.880 -1.810 -0.404 3.303 4.301  0.721  
36.980 10 AA_DA12DC13:DG2DT3_BB A 12 ? B 3  ? A 13 ? B 2  ? 
1 A DC 13 1_555 B DG 3 1_555 A DG 14 1_555 B DC 2 1_555 -0.219 0.054  3.413 -1.441 -1.174 29.435 0.368  0.110  3.415 -2.308 2.833  
29.493 11 AA_DC13DG14:DC1DG2_BB A 13 ? B 2  ? A 14 ? B 1  ? 
1 A DG 14 1_555 B DC 2 1_555 A DG 15 1_555 B DC 1 1_555 -0.086 -0.485 3.065 -7.524 3.427  33.084 -1.337 -0.970 2.949 5.905  12.963 
34.073 12 AA_DG14DG15:DC0DC1_BB A 14 ? B 1  ? A 15 ? B 0  ? 
1 A DG 15 1_555 B DC 1 1_555 A DA 16 1_555 C DT 8 1_555 -1.122 -1.079 3.193 -5.215 -1.869 31.282 -1.625 1.081  3.388 -3.432 9.578  
31.756 13 AA_DG15DA16:DT8DC0_CB A 15 ? B 0  ? A 16 ? C 8  ? 
1 A DA 16 1_555 C DT 8 1_555 A DA 17 1_555 C DT 7 1_555 -0.075 -0.071 3.361 0.080  -1.096 36.891 0.040  0.129  3.362 -1.732 -0.127 
36.906 14 AA_DA16DA17:DT7DT8_CC A 16 ? C 8  ? A 17 ? C 7  ? 
1 A DA 17 1_555 C DT 7 1_555 A DA 18 1_555 C DT 6 1_555 -0.259 -0.238 3.227 1.245  3.337  39.814 -0.725 0.520  3.189 4.889  -1.823 
39.966 15 AA_DA17DA18:DT6DT7_CC A 17 ? C 7  ? A 18 ? C 6  ? 
1 A DA 18 1_555 C DT 6 1_555 A DT 19 1_555 C DA 5 1_555 -0.077 -0.783 3.285 -1.620 -0.805 33.665 -1.218 -0.133 3.302 -1.389 2.795  
33.712 16 AA_DA18DT19:DA5DT6_CC A 18 ? C 6  ? A 19 ? C 5  ? 
1 A DT 19 1_555 C DA 5 1_555 A DT 20 1_555 C DA 4 1_555 0.207  -0.012 3.183 0.843  0.451  35.451 -0.085 -0.220 3.186 0.741  -1.384 
35.464 17 AA_DT19DT20:DA4DA5_CC A 19 ? C 5  ? A 20 ? C 4  ? 
1 A DT 20 1_555 C DA 4 1_555 A DA 21 1_555 C DT 3 1_555 -0.178 1.160  3.450 -2.057 0.351  39.317 1.678  0.007  3.465 0.521  3.055  
39.370 18 AA_DT20DA21:DT3DA4_CC A 20 ? C 4  ? A 21 ? C 3  ? 
# 
loop_
_pdbx_audit_support.funding_organization 
_pdbx_audit_support.country 
_pdbx_audit_support.grant_number 
_pdbx_audit_support.ordinal 
'National Science Foundation (NSF, United States)'                                         'United States' 1360635     1 
'National Institutes of Health/National Institute of General Medical Sciences (NIH/NIGMS)' 'United States' R01GM104960 2 
'National Science Foundation (NSF, United States)'                                         'United States' NSF2004250  3 
# 
loop_
_pdbx_entity_nonpoly.entity_id 
_pdbx_entity_nonpoly.name 
_pdbx_entity_nonpoly.comp_id 
5 NETROPSIN NT  
6 water     HOH 
# 
_pdbx_initial_refinement_model.id               1 
_pdbx_initial_refinement_model.entity_id_list   ? 
_pdbx_initial_refinement_model.type             'experimental model' 
_pdbx_initial_refinement_model.source_name      PDB 
_pdbx_initial_refinement_model.accession_code   5VY6 
_pdbx_initial_refinement_model.details          ? 
# 
